data_9DD9
#
_entry.id   9DD9
#
_cell.length_a   1.00
_cell.length_b   1.00
_cell.length_c   1.00
_cell.angle_alpha   90.00
_cell.angle_beta   90.00
_cell.angle_gamma   90.00
#
_symmetry.space_group_name_H-M   'P 1'
#
loop_
_entity.id
_entity.type
_entity.pdbx_description
1 polymer 'Glycoprotein B'
2 polymer 'D48 heavy chain'
3 polymer 'D48 light chain'
4 branched alpha-D-mannopyranose-(1-3)-[alpha-D-mannopyranose-(1-6)]alpha-D-mannopyranose-(1-6)-[alpha-D-mannopyranose-(1-3)]beta-D-mannopyranose-(1-4)-2-acetamido-2-deoxy-beta-D-glucopyranose-(1-4)-2-acetamido-2-deoxy-beta-D-glucopyranose
5 branched 2-acetamido-2-deoxy-beta-D-glucopyranose-(1-4)-2-acetamido-2-deoxy-beta-D-glucopyranose
6 non-polymer 2-acetamido-2-deoxy-beta-D-glucopyranose
#
loop_
_entity_poly.entity_id
_entity_poly.type
_entity_poly.pdbx_seq_one_letter_code
_entity_poly.pdbx_strand_id
1 'polypeptide(L)'
;MHQGAPSWGRRWFVVWALLGLTLGVLVASAAPSSPGTPGVAAATQAANGGPATPAPPALGAAPTGDPKPKKNKKPKNPTP
PRPAGDNATVAAGHATLREHLRDIKAENTDANFYVCPPPTGATVVQFEQPRRCPTRPEGQNYTEGIAVVFKENIAPYKFK
ATMYYKDVTVSQVWFGHRYSQFMGIFEDRAPVPFEEVIDKINAKGVCRSTAKYVRNNLETTAFHRDDHETDMELKPANAA
TRTSRGWHTTDLKYNPSRVEAFHRYGTTVNCIVEEVDARSVYPYDEFVLATGDFVYMSPFYGYREGSHTEHTSYAADRFK
QVDGFYARDLTTKARATAPTTRNLLTTPKFTVAWDWVPKRPSVCTMTKWQEVDEMLRSEYGGSFRFSSDAISTTFTTNLT
EYPLSRVDLGDCIGKDARDAMDRIFARRYNATHIKVGQPQYYLANGGFLIAYQPLLSNTLAELYVREHLREQSRKPPNPT
PPPPGASANASVERIKTTSSIEFARLQFTYNHIQRPVNDMLGRVAIAWCEEQNHELTLWNEARKLNPNAIASVTVGRRVS
ARMLGDVMAVSTCVPVAADNVIVQNSMRISSRPGACYSRPLVSFRYEDQGPLVEGQLGENNELRLTRDAIEPCTVGHRRY
FTFGGGYVYFEEYAYSHQLSRADITTVSTFIDLNITMLEDHEFVPLEVYTRHEIKDSGLLDYTEVQRRNQLHDLRFADID
TVIHADANGSGYIPEAPRDGQAYVRKDGEWVLLSTFLGRSLEVLFQGPGHHHHHHHHSAWSHPQFEKGGGSGGGGSGGSA
WSHPQFEK
;
A,B,C
2 'polypeptide(L)'
;VQLVETGGGVVRPGRSLRLSCTTSGFSFSGSAMHWVRQAPGKGLEWVAVISHDGNIIQYHDSVKGRFTISRDNSKNVLLL
QMNSLRVDDTAMYYCARDVWLLPATISYAFDFWGQGTMVTVSS
;
H,I,J
3 'polypeptide(L)'
;VIWMTQSPPSLSASIGDTVTITCRASQGISNSIAWYQRRPGKAPELLVYAAYRLQSGVPSRLSGSGSGAEYTLTIKNMQP
EDFATYYCQQYYDNPLTFGGGTKVEIK
;
L,M,N
#
# COMPACT_ATOMS: atom_id res chain seq x y z
N ALA A 111 55.18 -0.42 -12.31
CA ALA A 111 55.88 -1.50 -11.56
C ALA A 111 57.13 -0.94 -10.86
N ASN A 112 57.52 -1.57 -9.77
CA ASN A 112 58.68 -1.16 -9.00
C ASN A 112 59.39 -2.37 -8.43
N PHE A 113 60.70 -2.43 -8.62
CA PHE A 113 61.49 -3.53 -8.10
C PHE A 113 61.64 -3.37 -6.58
N TYR A 114 62.14 -4.41 -5.92
CA TYR A 114 62.30 -4.35 -4.48
C TYR A 114 63.54 -5.12 -4.03
N VAL A 115 64.28 -4.51 -3.11
CA VAL A 115 65.47 -5.11 -2.51
C VAL A 115 65.08 -5.50 -1.10
N CYS A 116 65.09 -6.80 -0.81
CA CYS A 116 64.69 -7.32 0.49
C CYS A 116 65.86 -7.85 1.32
N PRO A 117 66.32 -7.13 2.34
CA PRO A 117 67.42 -7.66 3.16
C PRO A 117 66.93 -8.84 3.98
N PRO A 118 67.82 -9.77 4.36
CA PRO A 118 67.37 -10.92 5.16
C PRO A 118 66.75 -10.47 6.48
N PRO A 119 65.58 -10.98 6.86
CA PRO A 119 64.98 -10.54 8.13
C PRO A 119 65.67 -11.19 9.33
N THR A 120 65.29 -10.70 10.51
CA THR A 120 65.81 -11.19 11.77
C THR A 120 64.71 -11.16 12.81
N GLY A 121 65.03 -11.61 14.02
CA GLY A 121 64.07 -11.66 15.10
C GLY A 121 63.65 -10.34 15.72
N ALA A 122 64.10 -9.22 15.14
CA ALA A 122 63.72 -7.92 15.68
C ALA A 122 62.21 -7.68 15.59
N THR A 123 61.61 -7.98 14.45
CA THR A 123 60.17 -7.82 14.23
C THR A 123 59.57 -9.18 13.95
N VAL A 124 58.48 -9.50 14.64
CA VAL A 124 57.78 -10.77 14.51
C VAL A 124 56.30 -10.51 14.34
N VAL A 125 55.65 -11.29 13.47
CA VAL A 125 54.23 -11.17 13.19
C VAL A 125 53.61 -12.56 13.18
N GLN A 126 52.33 -12.64 13.57
CA GLN A 126 51.59 -13.89 13.63
C GLN A 126 50.21 -13.72 13.01
N PHE A 127 49.59 -14.85 12.68
CA PHE A 127 48.26 -14.82 12.09
C PHE A 127 47.19 -14.86 13.17
N GLU A 128 45.96 -14.54 12.77
CA GLU A 128 44.85 -14.53 13.72
C GLU A 128 44.24 -15.92 13.83
N GLN A 129 43.81 -16.26 15.04
CA GLN A 129 43.20 -17.56 15.27
C GLN A 129 41.79 -17.59 14.70
N PRO A 130 41.21 -18.77 14.51
CA PRO A 130 39.85 -18.85 13.97
C PRO A 130 38.84 -18.13 14.85
N ARG A 131 38.01 -17.30 14.24
CA ARG A 131 37.01 -16.55 14.98
C ARG A 131 35.74 -17.38 15.13
N ARG A 132 35.11 -17.27 16.30
CA ARG A 132 33.87 -17.99 16.53
C ARG A 132 32.80 -17.37 15.65
N CYS A 133 32.11 -18.19 14.85
CA CYS A 133 31.12 -17.66 13.94
C CYS A 133 29.83 -17.29 14.67
N PRO A 134 29.03 -16.39 14.10
CA PRO A 134 27.79 -16.00 14.77
C PRO A 134 26.79 -17.14 14.81
N THR A 135 25.93 -17.11 15.82
CA THR A 135 24.91 -18.13 15.97
C THR A 135 23.85 -17.98 14.89
N ARG A 136 23.22 -19.09 14.52
CA ARG A 136 22.19 -19.05 13.49
C ARG A 136 21.07 -18.12 13.94
N PRO A 137 20.49 -17.31 13.05
CA PRO A 137 19.39 -16.42 13.47
C PRO A 137 18.22 -17.22 14.00
N GLU A 138 17.59 -16.70 15.05
CA GLU A 138 16.45 -17.38 15.65
C GLU A 138 15.22 -17.22 14.78
N GLY A 139 14.53 -18.33 14.55
CA GLY A 139 13.33 -18.29 13.74
C GLY A 139 12.16 -17.68 14.47
N GLN A 140 11.12 -17.36 13.71
CA GLN A 140 9.94 -16.75 14.29
C GLN A 140 9.22 -17.74 15.20
N ASN A 141 8.72 -17.23 16.33
CA ASN A 141 8.00 -18.02 17.32
C ASN A 141 6.50 -18.00 17.06
N TYR A 142 6.08 -18.49 15.89
CA TYR A 142 4.67 -18.49 15.53
C TYR A 142 3.89 -19.55 16.30
N THR A 143 2.58 -19.33 16.40
CA THR A 143 1.65 -20.23 17.06
C THR A 143 0.38 -20.30 16.21
N GLU A 144 0.22 -21.40 15.49
CA GLU A 144 -0.93 -21.56 14.61
C GLU A 144 -2.24 -21.46 15.37
N GLY A 145 -3.22 -20.81 14.73
CA GLY A 145 -4.53 -20.64 15.33
C GLY A 145 -5.49 -19.97 14.37
N ILE A 146 -6.76 -20.29 14.55
CA ILE A 146 -7.84 -19.72 13.73
C ILE A 146 -8.13 -18.32 14.25
N ALA A 147 -8.54 -17.42 13.36
CA ALA A 147 -8.83 -16.06 13.76
C ALA A 147 -9.95 -15.46 12.91
N VAL A 148 -10.68 -14.53 13.53
CA VAL A 148 -11.77 -13.80 12.91
C VAL A 148 -11.57 -12.33 13.25
N VAL A 149 -11.44 -11.49 12.23
CA VAL A 149 -11.21 -10.06 12.40
C VAL A 149 -12.53 -9.33 12.33
N PHE A 150 -12.76 -8.42 13.28
CA PHE A 150 -13.97 -7.63 13.36
C PHE A 150 -13.64 -6.16 13.14
N LYS A 151 -14.57 -5.43 12.53
CA LYS A 151 -14.43 -4.02 12.23
C LYS A 151 -15.63 -3.27 12.78
N GLU A 152 -15.48 -1.95 12.92
CA GLU A 152 -16.57 -1.13 13.43
C GLU A 152 -17.75 -1.22 12.48
N ASN A 153 -18.93 -1.47 13.04
CA ASN A 153 -20.14 -1.61 12.25
C ASN A 153 -20.68 -0.24 11.88
N ILE A 154 -20.62 0.08 10.59
CA ILE A 154 -21.11 1.36 10.09
C ILE A 154 -22.47 1.21 9.40
N ALA A 155 -22.87 -0.01 9.08
CA ALA A 155 -24.16 -0.23 8.42
C ALA A 155 -25.29 0.07 9.40
N PRO A 156 -26.26 0.93 9.05
CA PRO A 156 -27.36 1.19 10.00
C PRO A 156 -28.24 -0.04 10.19
N TYR A 157 -28.86 -0.11 11.37
CA TYR A 157 -29.74 -1.23 11.67
C TYR A 157 -30.97 -1.15 10.78
N LYS A 158 -31.13 -2.12 9.90
CA LYS A 158 -32.23 -2.16 8.94
C LYS A 158 -33.28 -3.18 9.37
N PHE A 159 -34.54 -2.74 9.38
CA PHE A 159 -35.67 -3.59 9.73
C PHE A 159 -36.88 -3.14 8.92
N LYS A 160 -37.82 -4.07 8.73
CA LYS A 160 -39.02 -3.81 7.96
C LYS A 160 -40.09 -3.15 8.82
N ALA A 161 -40.80 -2.19 8.24
CA ALA A 161 -41.86 -1.46 8.91
C ALA A 161 -42.96 -1.17 7.90
N THR A 162 -44.17 -0.92 8.41
CA THR A 162 -45.33 -0.63 7.59
C THR A 162 -45.92 0.71 8.02
N MET A 163 -46.15 1.58 7.04
CA MET A 163 -46.71 2.90 7.27
C MET A 163 -48.20 2.90 6.96
N TYR A 164 -48.96 3.71 7.68
CA TYR A 164 -50.40 3.85 7.50
C TYR A 164 -50.76 5.32 7.60
N TYR A 165 -51.34 5.87 6.54
CA TYR A 165 -51.73 7.27 6.54
C TYR A 165 -52.75 7.50 5.44
N LYS A 166 -53.47 8.61 5.55
CA LYS A 166 -54.50 9.01 4.60
C LYS A 166 -54.12 10.35 4.01
N ASP A 167 -54.12 10.44 2.68
CA ASP A 167 -53.78 11.68 2.00
C ASP A 167 -54.98 12.61 1.92
N VAL A 168 -55.24 13.35 3.00
CA VAL A 168 -56.36 14.29 3.02
C VAL A 168 -56.02 15.43 2.06
N THR A 169 -56.90 15.67 1.09
CA THR A 169 -56.68 16.72 0.10
C THR A 169 -57.99 17.44 -0.15
N VAL A 170 -58.05 18.71 0.26
CA VAL A 170 -59.21 19.57 0.07
C VAL A 170 -58.75 20.70 -0.85
N SER A 171 -59.44 20.85 -1.98
CA SER A 171 -59.09 21.86 -2.98
C SER A 171 -60.24 22.84 -3.18
N GLN A 172 -59.87 24.10 -3.42
CA GLN A 172 -60.82 25.17 -3.67
C GLN A 172 -60.79 25.45 -5.17
N VAL A 173 -61.94 25.39 -5.82
CA VAL A 173 -62.05 25.60 -7.26
C VAL A 173 -62.97 26.77 -7.55
N TRP A 174 -62.52 27.64 -8.45
CA TRP A 174 -63.26 28.80 -8.90
C TRP A 174 -63.78 28.52 -10.30
N PHE A 175 -65.09 28.56 -10.46
CA PHE A 175 -65.75 28.28 -11.73
C PHE A 175 -66.10 29.59 -12.41
N GLY A 176 -65.39 29.88 -13.51
CA GLY A 176 -65.64 31.08 -14.27
C GLY A 176 -66.73 30.88 -15.32
N HIS A 177 -66.88 31.89 -16.18
CA HIS A 177 -67.89 31.81 -17.22
C HIS A 177 -67.54 30.75 -18.25
N ARG A 178 -66.25 30.53 -18.52
CA ARG A 178 -65.82 29.54 -19.50
C ARG A 178 -64.56 28.78 -19.07
N TYR A 179 -64.20 28.79 -17.79
CA TYR A 179 -63.00 28.09 -17.35
C TYR A 179 -63.11 27.76 -15.86
N SER A 180 -62.21 26.87 -15.43
CA SER A 180 -62.12 26.42 -14.05
C SER A 180 -60.70 26.67 -13.58
N GLN A 181 -60.52 27.02 -12.31
CA GLN A 181 -59.21 27.30 -11.76
C GLN A 181 -59.14 26.87 -10.30
N PHE A 182 -57.95 26.44 -9.88
CA PHE A 182 -57.72 26.01 -8.50
C PHE A 182 -57.28 27.21 -7.67
N MET A 183 -58.17 27.70 -6.82
CA MET A 183 -57.83 28.84 -5.96
C MET A 183 -57.00 28.42 -4.75
N GLY A 184 -56.79 27.13 -4.53
CA GLY A 184 -56.01 26.67 -3.41
C GLY A 184 -56.20 25.19 -3.14
N ILE A 185 -55.12 24.50 -2.84
CA ILE A 185 -55.13 23.06 -2.54
C ILE A 185 -54.35 22.85 -1.25
N PHE A 186 -54.94 22.10 -0.33
CA PHE A 186 -54.35 21.80 0.96
C PHE A 186 -54.19 20.29 1.10
N GLU A 187 -52.95 19.82 1.06
CA GLU A 187 -52.63 18.39 1.17
C GLU A 187 -52.08 18.13 2.55
N ASP A 188 -52.55 17.05 3.18
CA ASP A 188 -52.10 16.69 4.52
C ASP A 188 -52.16 15.17 4.68
N ARG A 189 -51.18 14.62 5.39
CA ARG A 189 -51.11 13.18 5.64
C ARG A 189 -51.69 12.92 7.02
N ALA A 190 -52.93 12.41 7.06
CA ALA A 190 -53.59 12.13 8.31
C ALA A 190 -53.23 10.73 8.82
N PRO A 191 -52.83 10.57 10.08
CA PRO A 191 -52.50 9.23 10.57
C PRO A 191 -53.75 8.39 10.78
N VAL A 192 -53.55 7.08 10.82
CA VAL A 192 -54.61 6.11 11.02
C VAL A 192 -54.58 5.67 12.49
N PRO A 193 -55.71 5.69 13.21
CA PRO A 193 -55.67 5.29 14.62
C PRO A 193 -55.45 3.79 14.78
N PHE A 194 -55.05 3.41 15.99
CA PHE A 194 -54.80 2.00 16.29
C PHE A 194 -56.05 1.15 16.07
N GLU A 195 -57.21 1.68 16.45
CA GLU A 195 -58.45 0.94 16.28
C GLU A 195 -58.70 0.61 14.81
N GLU A 196 -58.43 1.55 13.91
CA GLU A 196 -58.63 1.29 12.49
C GLU A 196 -57.54 0.39 11.93
N VAL A 197 -56.29 0.55 12.39
CA VAL A 197 -55.21 -0.29 11.87
C VAL A 197 -55.41 -1.75 12.29
N ILE A 198 -56.04 -1.98 13.45
CA ILE A 198 -56.23 -3.35 13.93
C ILE A 198 -57.58 -3.91 13.49
N ASP A 199 -58.67 -3.27 13.88
CA ASP A 199 -60.03 -3.76 13.60
C ASP A 199 -60.52 -3.54 12.18
N LYS A 200 -59.87 -2.68 11.36
CA LYS A 200 -60.34 -2.44 10.00
C LYS A 200 -59.32 -2.83 8.94
N ILE A 201 -58.08 -2.37 9.02
CA ILE A 201 -57.10 -2.69 8.00
C ILE A 201 -56.58 -4.11 8.17
N ASN A 202 -56.07 -4.43 9.36
CA ASN A 202 -55.52 -5.77 9.59
C ASN A 202 -56.61 -6.82 9.71
N ALA A 203 -57.72 -6.48 10.36
CA ALA A 203 -58.79 -7.46 10.56
C ALA A 203 -59.59 -7.71 9.29
N LYS A 204 -59.92 -6.66 8.52
CA LYS A 204 -60.73 -6.81 7.33
C LYS A 204 -60.15 -6.21 6.04
N GLY A 205 -58.97 -5.58 6.09
CA GLY A 205 -58.42 -5.00 4.88
C GLY A 205 -59.20 -3.86 4.29
N VAL A 206 -59.75 -2.98 5.13
CA VAL A 206 -60.53 -1.84 4.68
C VAL A 206 -60.17 -0.64 5.55
N CYS A 207 -60.37 0.55 4.97
CA CYS A 207 -60.10 1.82 5.63
C CYS A 207 -61.37 2.65 5.70
N ARG A 208 -61.51 3.38 6.79
CA ARG A 208 -62.67 4.26 6.93
C ARG A 208 -62.57 5.37 5.90
N SER A 209 -63.72 5.79 5.38
CA SER A 209 -63.74 6.85 4.37
C SER A 209 -63.62 8.24 4.98
N THR A 210 -63.24 8.35 6.26
CA THR A 210 -63.09 9.63 6.95
C THR A 210 -61.76 9.62 7.68
N ALA A 211 -61.18 10.82 7.83
CA ALA A 211 -59.90 11.01 8.50
C ALA A 211 -60.09 11.90 9.72
N LYS A 212 -60.04 11.30 10.90
CA LYS A 212 -60.18 12.02 12.17
C LYS A 212 -58.80 12.04 12.82
N TYR A 213 -58.28 13.25 13.06
CA TYR A 213 -56.95 13.37 13.65
C TYR A 213 -56.81 14.78 14.22
N VAL A 214 -55.68 14.99 14.90
CA VAL A 214 -55.38 16.28 15.51
C VAL A 214 -54.33 17.00 14.66
N ARG A 215 -54.62 18.26 14.33
CA ARG A 215 -53.72 19.08 13.53
C ARG A 215 -53.78 20.50 14.05
N ASN A 216 -52.64 21.02 14.47
CA ASN A 216 -52.54 22.37 15.00
C ASN A 216 -53.49 22.57 16.19
N ASN A 217 -53.55 21.55 17.04
CA ASN A 217 -54.36 21.51 18.25
C ASN A 217 -55.86 21.57 17.97
N LEU A 218 -56.33 20.98 16.88
CA LEU A 218 -57.75 20.96 16.52
C LEU A 218 -58.13 19.58 16.03
N GLU A 219 -59.29 19.10 16.49
CA GLU A 219 -59.81 17.79 16.10
C GLU A 219 -60.50 17.93 14.76
N THR A 220 -59.74 17.80 13.68
CA THR A 220 -60.24 17.93 12.32
C THR A 220 -60.79 16.59 11.85
N THR A 221 -61.89 16.63 11.10
CA THR A 221 -62.54 15.43 10.56
C THR A 221 -62.82 15.68 9.08
N ALA A 222 -62.15 14.91 8.23
CA ALA A 222 -62.30 15.02 6.78
C ALA A 222 -63.10 13.84 6.26
N PHE A 223 -64.03 14.10 5.35
CA PHE A 223 -64.89 13.08 4.76
C PHE A 223 -64.58 12.98 3.27
N HIS A 224 -64.42 11.75 2.78
CA HIS A 224 -64.14 11.55 1.36
C HIS A 224 -65.37 11.89 0.54
N ARG A 225 -65.21 12.84 -0.39
CA ARG A 225 -66.30 13.30 -1.24
C ARG A 225 -67.46 13.86 -0.43
N ASP A 226 -67.20 14.26 0.81
CA ASP A 226 -68.23 14.80 1.71
C ASP A 226 -69.36 13.81 1.94
N ASP A 227 -69.10 12.52 1.74
CA ASP A 227 -70.10 11.49 1.93
C ASP A 227 -69.99 10.90 3.33
N HIS A 228 -70.98 10.10 3.70
CA HIS A 228 -71.00 9.47 5.01
C HIS A 228 -69.88 8.43 5.10
N GLU A 229 -69.54 8.06 6.33
CA GLU A 229 -68.49 7.08 6.56
C GLU A 229 -68.84 5.76 5.89
N THR A 230 -67.87 5.17 5.21
CA THR A 230 -68.06 3.91 4.51
C THR A 230 -66.75 3.14 4.49
N ASP A 231 -66.84 1.81 4.52
CA ASP A 231 -65.65 0.98 4.49
C ASP A 231 -65.18 0.84 3.05
N MET A 232 -63.95 1.28 2.78
CA MET A 232 -63.35 1.24 1.45
C MET A 232 -62.35 0.10 1.36
N GLU A 233 -62.50 -0.74 0.35
CA GLU A 233 -61.60 -1.87 0.16
C GLU A 233 -60.24 -1.38 -0.34
N LEU A 234 -59.18 -1.94 0.24
CA LEU A 234 -57.83 -1.58 -0.16
C LEU A 234 -57.40 -2.41 -1.36
N LYS A 235 -56.75 -1.75 -2.32
CA LYS A 235 -56.27 -2.41 -3.53
C LYS A 235 -54.81 -2.06 -3.76
N PRO A 236 -54.07 -2.89 -4.51
CA PRO A 236 -52.65 -2.59 -4.73
C PRO A 236 -52.46 -1.31 -5.55
N ALA A 237 -51.34 -0.65 -5.31
CA ALA A 237 -51.02 0.58 -6.01
C ALA A 237 -50.47 0.25 -7.40
N ASN A 238 -50.32 1.29 -8.21
CA ASN A 238 -49.80 1.10 -9.56
C ASN A 238 -48.37 0.59 -9.51
N ALA A 239 -48.02 -0.25 -10.48
CA ALA A 239 -46.69 -0.83 -10.53
C ALA A 239 -45.63 0.24 -10.71
N ALA A 240 -44.50 0.06 -10.04
CA ALA A 240 -43.37 0.99 -10.11
C ALA A 240 -42.09 0.19 -9.91
N THR A 241 -41.10 0.45 -10.76
CA THR A 241 -39.83 -0.26 -10.68
C THR A 241 -39.07 0.11 -9.41
N ARG A 242 -38.52 -0.91 -8.76
CA ARG A 242 -37.74 -0.74 -7.53
C ARG A 242 -38.53 0.00 -6.45
N THR A 243 -39.64 -0.59 -6.04
CA THR A 243 -40.50 -0.02 -5.01
C THR A 243 -41.15 -1.15 -4.22
N SER A 244 -41.31 -0.93 -2.92
CA SER A 244 -41.94 -1.92 -2.07
C SER A 244 -43.45 -1.96 -2.29
N ARG A 245 -44.08 -2.98 -1.75
CA ARG A 245 -45.52 -3.13 -1.90
C ARG A 245 -46.27 -2.00 -1.23
N GLY A 246 -47.37 -1.58 -1.85
CA GLY A 246 -48.19 -0.51 -1.33
C GLY A 246 -49.61 -0.68 -1.80
N TRP A 247 -50.56 -0.20 -0.99
CA TRP A 247 -51.97 -0.29 -1.30
C TRP A 247 -52.66 1.04 -0.98
N HIS A 248 -53.77 1.29 -1.66
CA HIS A 248 -54.54 2.50 -1.46
C HIS A 248 -56.00 2.20 -1.76
N THR A 249 -56.89 3.07 -1.26
CA THR A 249 -58.32 2.91 -1.44
C THR A 249 -58.91 3.78 -2.54
N THR A 250 -58.34 4.95 -2.80
CA THR A 250 -58.85 5.87 -3.81
C THR A 250 -57.74 6.22 -4.79
N ASP A 251 -58.14 6.48 -6.04
CA ASP A 251 -57.23 6.84 -7.12
C ASP A 251 -57.55 8.20 -7.71
N LEU A 252 -58.82 8.46 -8.02
CA LEU A 252 -59.22 9.74 -8.61
C LEU A 252 -59.47 10.78 -7.53
N LYS A 253 -58.89 11.97 -7.73
CA LYS A 253 -59.10 13.06 -6.79
C LYS A 253 -60.46 13.69 -7.03
N TYR A 254 -61.15 14.04 -5.95
CA TYR A 254 -62.48 14.62 -6.04
C TYR A 254 -62.45 16.14 -5.97
N ASN A 255 -63.30 16.77 -6.77
CA ASN A 255 -63.46 18.21 -6.84
C ASN A 255 -64.95 18.50 -6.87
N PRO A 256 -65.36 19.71 -6.46
CA PRO A 256 -66.80 20.02 -6.46
C PRO A 256 -67.38 20.14 -7.86
N SER A 257 -68.70 19.98 -7.97
CA SER A 257 -69.39 20.13 -9.27
C SER A 257 -69.26 21.58 -9.73
N ARG A 258 -69.48 21.85 -11.03
CA ARG A 258 -69.30 23.21 -11.60
C ARG A 258 -70.53 24.09 -11.35
N VAL A 259 -70.41 25.15 -10.55
CA VAL A 259 -71.52 26.13 -10.36
C VAL A 259 -70.92 27.51 -10.68
N GLU A 260 -71.59 28.31 -11.53
CA GLU A 260 -71.01 29.58 -12.02
C GLU A 260 -70.62 30.57 -10.90
N ALA A 261 -69.66 31.46 -11.18
CA ALA A 261 -69.20 32.51 -10.24
C ALA A 261 -69.38 32.09 -8.78
N PHE A 262 -68.78 30.96 -8.40
CA PHE A 262 -68.85 30.49 -6.99
C PHE A 262 -67.63 29.71 -6.63
N HIS A 263 -67.15 29.83 -5.40
CA HIS A 263 -66.02 29.02 -4.91
C HIS A 263 -66.64 27.81 -4.23
N ARG A 264 -66.04 26.63 -4.36
CA ARG A 264 -66.48 25.39 -3.75
C ARG A 264 -65.29 24.61 -3.24
N TYR A 265 -65.50 23.86 -2.16
CA TYR A 265 -64.47 23.05 -1.53
C TYR A 265 -64.82 21.57 -1.63
N GLY A 266 -63.88 20.79 -2.17
CA GLY A 266 -64.06 19.36 -2.33
C GLY A 266 -62.96 18.61 -1.61
N THR A 267 -63.34 17.80 -0.62
CA THR A 267 -62.39 17.04 0.19
C THR A 267 -62.18 15.65 -0.38
N THR A 268 -60.95 15.16 -0.31
CA THR A 268 -60.56 13.84 -0.77
C THR A 268 -59.72 13.17 0.30
N VAL A 269 -60.12 11.94 0.69
CA VAL A 269 -59.42 11.17 1.72
C VAL A 269 -59.08 9.82 1.08
N ASN A 270 -57.79 9.58 0.87
CA ASN A 270 -57.30 8.35 0.26
C ASN A 270 -56.44 7.59 1.25
N CYS A 271 -56.99 6.53 1.85
CA CYS A 271 -56.22 5.72 2.79
C CYS A 271 -55.06 5.07 2.05
N ILE A 272 -53.87 5.15 2.64
CA ILE A 272 -52.66 4.59 2.04
C ILE A 272 -51.88 3.81 3.09
N VAL A 273 -51.45 2.62 2.71
CA VAL A 273 -50.65 1.73 3.55
C VAL A 273 -49.48 1.26 2.68
N GLU A 274 -48.27 1.35 3.23
CA GLU A 274 -47.07 0.96 2.50
C GLU A 274 -46.07 0.24 3.39
N GLU A 275 -45.27 -0.62 2.75
CA GLU A 275 -44.22 -1.35 3.44
C GLU A 275 -42.92 -0.62 3.15
N VAL A 276 -42.31 -0.03 4.18
CA VAL A 276 -41.08 0.74 4.03
C VAL A 276 -39.95 0.11 4.82
N ASP A 277 -38.74 0.34 4.33
CA ASP A 277 -37.54 -0.17 5.00
C ASP A 277 -37.03 0.88 5.98
N ALA A 278 -37.07 0.56 7.27
CA ALA A 278 -36.63 1.46 8.30
C ALA A 278 -35.14 1.27 8.57
N ARG A 279 -34.46 2.36 8.91
CA ARG A 279 -33.03 2.36 9.19
C ARG A 279 -32.78 3.11 10.50
N SER A 280 -31.74 2.68 11.21
CA SER A 280 -31.37 3.29 12.48
C SER A 280 -29.87 3.14 12.70
N VAL A 281 -29.30 4.05 13.47
CA VAL A 281 -27.88 4.05 13.79
C VAL A 281 -27.70 4.22 15.29
N TYR A 282 -26.49 3.94 15.74
CA TYR A 282 -26.17 4.04 17.16
C TYR A 282 -26.41 5.48 17.63
N PRO A 283 -26.95 5.70 18.85
CA PRO A 283 -27.37 4.75 19.89
C PRO A 283 -28.72 4.07 19.63
N TYR A 284 -29.21 4.09 18.39
CA TYR A 284 -30.48 3.46 18.03
C TYR A 284 -31.66 4.04 18.81
N ASP A 285 -31.60 5.33 19.13
CA ASP A 285 -32.68 5.99 19.85
C ASP A 285 -33.78 6.52 18.92
N GLU A 286 -33.58 6.44 17.61
CA GLU A 286 -34.56 6.90 16.64
C GLU A 286 -34.28 6.19 15.32
N PHE A 287 -35.27 6.21 14.43
CA PHE A 287 -35.12 5.57 13.14
C PHE A 287 -35.87 6.36 12.08
N VAL A 288 -35.44 6.19 10.83
CA VAL A 288 -36.03 6.85 9.68
C VAL A 288 -36.74 5.80 8.85
N LEU A 289 -37.52 6.27 7.89
CA LEU A 289 -38.30 5.41 6.99
C LEU A 289 -37.85 5.66 5.56
N ALA A 290 -38.27 4.76 4.66
CA ALA A 290 -37.91 4.89 3.26
C ALA A 290 -38.42 6.18 2.65
N THR A 291 -39.48 6.77 3.21
CA THR A 291 -40.04 8.02 2.70
C THR A 291 -39.31 9.25 3.21
N GLY A 292 -38.24 9.08 4.00
CA GLY A 292 -37.50 10.20 4.53
C GLY A 292 -38.07 10.80 5.79
N ASP A 293 -39.09 10.19 6.38
CA ASP A 293 -39.69 10.71 7.60
C ASP A 293 -38.98 10.14 8.82
N PHE A 294 -38.66 11.02 9.76
CA PHE A 294 -37.98 10.62 10.99
C PHE A 294 -38.99 10.19 12.05
N VAL A 295 -38.61 9.19 12.83
CA VAL A 295 -39.43 8.66 13.92
C VAL A 295 -38.57 8.72 15.17
N TYR A 296 -38.88 9.65 16.06
CA TYR A 296 -38.13 9.85 17.29
C TYR A 296 -38.55 8.89 18.39
N MET A 297 -38.22 7.61 18.16
CA MET A 297 -38.53 6.54 19.10
C MET A 297 -37.59 5.38 18.78
N SER A 298 -37.05 4.78 19.81
CA SER A 298 -36.13 3.67 19.60
C SER A 298 -36.88 2.50 18.95
N PRO A 299 -36.28 1.83 17.96
CA PRO A 299 -37.00 0.70 17.34
C PRO A 299 -37.33 -0.42 18.29
N PHE A 300 -36.59 -0.54 19.40
CA PHE A 300 -36.79 -1.58 20.38
C PHE A 300 -37.62 -1.13 21.58
N TYR A 301 -38.23 0.05 21.52
CA TYR A 301 -39.05 0.52 22.62
C TYR A 301 -40.27 -0.38 22.80
N GLY A 302 -40.63 -0.62 24.05
CA GLY A 302 -41.78 -1.47 24.34
C GLY A 302 -42.01 -1.53 25.83
N TYR A 303 -43.05 -2.30 26.19
CA TYR A 303 -43.42 -2.47 27.59
C TYR A 303 -42.81 -3.74 28.20
N ARG A 304 -42.30 -4.65 27.39
CA ARG A 304 -41.77 -5.91 27.88
C ARG A 304 -40.26 -5.90 28.10
N GLU A 305 -39.84 -6.73 29.07
CA GLU A 305 -38.45 -6.99 29.46
C GLU A 305 -37.54 -5.78 29.39
N GLY A 306 -37.87 -4.74 30.17
CA GLY A 306 -37.06 -3.55 30.26
C GLY A 306 -37.04 -2.66 29.03
N SER A 307 -37.86 -2.93 28.01
CA SER A 307 -37.85 -2.09 26.83
C SER A 307 -38.37 -0.68 27.12
N HIS A 308 -39.08 -0.49 28.23
CA HIS A 308 -39.61 0.83 28.56
C HIS A 308 -38.52 1.85 28.83
N THR A 309 -37.28 1.41 29.10
CA THR A 309 -36.19 2.34 29.37
C THR A 309 -35.61 2.97 28.10
N GLU A 310 -36.05 2.55 26.93
CA GLU A 310 -35.53 3.11 25.70
C GLU A 310 -36.02 4.54 25.51
N HIS A 311 -35.35 5.25 24.61
CA HIS A 311 -35.69 6.64 24.34
C HIS A 311 -37.03 6.76 23.62
N THR A 312 -37.78 7.81 23.93
CA THR A 312 -39.07 8.08 23.34
C THR A 312 -39.37 9.57 23.50
N SER A 313 -39.89 10.18 22.44
CA SER A 313 -40.23 11.60 22.43
C SER A 313 -41.72 11.85 22.38
N TYR A 314 -42.54 10.85 22.04
CA TYR A 314 -43.98 11.00 21.96
C TYR A 314 -44.63 10.64 23.28
N ALA A 315 -45.89 11.05 23.43
CA ALA A 315 -46.64 10.77 24.65
C ALA A 315 -46.91 9.27 24.78
N ALA A 316 -47.31 8.87 25.99
CA ALA A 316 -47.60 7.46 26.23
C ALA A 316 -48.78 6.97 25.42
N ASP A 317 -49.83 7.79 25.26
CA ASP A 317 -51.00 7.39 24.50
C ASP A 317 -50.74 7.26 23.01
N ARG A 318 -49.61 7.78 22.51
CA ARG A 318 -49.30 7.69 21.09
C ARG A 318 -48.63 6.39 20.70
N PHE A 319 -48.32 5.50 21.64
CA PHE A 319 -47.67 4.23 21.37
C PHE A 319 -48.53 3.08 21.88
N LYS A 320 -48.57 1.99 21.13
CA LYS A 320 -49.33 0.81 21.48
C LYS A 320 -48.60 -0.44 21.02
N GLN A 321 -48.57 -1.44 21.90
CA GLN A 321 -47.92 -2.71 21.64
C GLN A 321 -48.97 -3.81 21.72
N VAL A 322 -48.99 -4.70 20.73
CA VAL A 322 -49.94 -5.79 20.64
C VAL A 322 -49.17 -7.10 20.58
N ASP A 323 -49.53 -8.04 21.45
CA ASP A 323 -48.89 -9.35 21.47
C ASP A 323 -49.74 -10.35 20.69
N GLY A 324 -49.06 -11.36 20.13
CA GLY A 324 -49.77 -12.35 19.34
C GLY A 324 -50.46 -11.75 18.14
N PHE A 325 -49.83 -10.79 17.49
CA PHE A 325 -50.41 -10.13 16.32
C PHE A 325 -50.16 -10.94 15.07
N TYR A 326 -51.24 -11.30 14.37
CA TYR A 326 -51.17 -12.06 13.12
C TYR A 326 -51.34 -11.05 11.99
N ALA A 327 -50.24 -10.78 11.28
CA ALA A 327 -50.26 -9.82 10.18
C ALA A 327 -51.12 -10.32 9.03
N ARG A 328 -52.00 -9.47 8.53
CA ARG A 328 -52.86 -9.82 7.41
C ARG A 328 -52.22 -9.33 6.12
N ASP A 329 -51.97 -10.26 5.19
CA ASP A 329 -51.35 -9.94 3.91
C ASP A 329 -52.43 -9.45 2.96
N LEU A 330 -52.45 -8.14 2.71
CA LEU A 330 -53.43 -7.53 1.82
C LEU A 330 -53.27 -8.04 0.40
N ALA A 338 -47.85 -17.04 11.74
CA ALA A 338 -47.28 -17.19 13.08
C ALA A 338 -47.46 -15.90 13.87
N PRO A 339 -47.58 -16.00 15.20
CA PRO A 339 -47.76 -14.78 16.00
C PRO A 339 -46.49 -13.96 16.08
N THR A 340 -46.69 -12.65 16.25
CA THR A 340 -45.59 -11.69 16.34
C THR A 340 -45.99 -10.55 17.26
N THR A 341 -44.98 -9.91 17.83
CA THR A 341 -45.16 -8.77 18.72
C THR A 341 -45.09 -7.52 17.85
N ARG A 342 -46.24 -6.88 17.65
CA ARG A 342 -46.35 -5.70 16.80
C ARG A 342 -46.39 -4.43 17.61
N ASN A 343 -45.55 -3.46 17.23
CA ASN A 343 -45.49 -2.16 17.89
C ASN A 343 -46.22 -1.17 16.98
N LEU A 344 -46.89 -0.19 17.59
CA LEU A 344 -47.63 0.81 16.84
C LEU A 344 -47.41 2.18 17.45
N LEU A 345 -47.12 3.15 16.59
CA LEU A 345 -46.86 4.53 16.99
C LEU A 345 -47.65 5.45 16.06
N THR A 346 -48.40 6.37 16.64
CA THR A 346 -49.21 7.33 15.87
C THR A 346 -48.50 8.68 15.85
N THR A 347 -47.70 8.90 14.81
CA THR A 347 -46.98 10.15 14.67
C THR A 347 -47.97 11.23 14.21
N PRO A 348 -47.59 12.51 14.30
CA PRO A 348 -48.51 13.58 13.89
C PRO A 348 -48.92 13.51 12.43
N LYS A 349 -48.15 12.85 11.56
CA LYS A 349 -48.47 12.77 10.14
C LYS A 349 -48.62 11.35 9.60
N PHE A 350 -48.41 10.32 10.40
CA PHE A 350 -48.54 8.96 9.91
C PHE A 350 -48.44 7.99 11.09
N THR A 351 -48.84 6.75 10.82
CA THR A 351 -48.80 5.67 11.80
C THR A 351 -47.89 4.58 11.25
N VAL A 352 -46.88 4.19 12.04
CA VAL A 352 -45.91 3.18 11.65
C VAL A 352 -46.07 1.96 12.53
N ALA A 353 -45.94 0.78 11.93
CA ALA A 353 -46.04 -0.50 12.63
C ALA A 353 -44.85 -1.37 12.25
N TRP A 354 -44.15 -1.87 13.26
CA TRP A 354 -42.99 -2.71 13.03
C TRP A 354 -42.91 -3.77 14.12
N ASP A 355 -42.42 -4.95 13.74
CA ASP A 355 -42.28 -6.05 14.68
C ASP A 355 -41.24 -5.71 15.74
N TRP A 356 -41.56 -5.99 16.99
CA TRP A 356 -40.65 -5.71 18.09
C TRP A 356 -39.71 -6.88 18.35
N VAL A 357 -38.47 -6.56 18.70
CA VAL A 357 -37.46 -7.57 19.01
C VAL A 357 -36.50 -7.01 20.04
N PRO A 358 -35.85 -7.89 20.80
CA PRO A 358 -34.89 -7.39 21.82
C PRO A 358 -33.74 -6.64 21.17
N LYS A 359 -33.17 -5.66 21.88
CA LYS A 359 -32.11 -4.81 21.29
C LYS A 359 -30.76 -5.52 21.28
N ARG A 360 -30.24 -5.94 22.42
CA ARG A 360 -28.89 -6.55 22.51
C ARG A 360 -28.72 -7.64 21.43
N PRO A 361 -29.66 -8.59 21.24
CA PRO A 361 -29.46 -9.64 20.26
C PRO A 361 -29.81 -9.25 18.82
N SER A 362 -30.11 -7.97 18.56
CA SER A 362 -30.49 -7.48 17.22
C SER A 362 -29.46 -6.50 16.66
N VAL A 363 -28.86 -5.65 17.50
CA VAL A 363 -27.89 -4.61 17.04
C VAL A 363 -26.49 -4.98 17.54
N CYS A 364 -25.45 -4.64 16.77
CA CYS A 364 -24.05 -4.90 17.16
C CYS A 364 -23.24 -3.62 16.87
N THR A 365 -22.06 -3.45 17.45
CA THR A 365 -21.17 -2.30 17.18
C THR A 365 -19.91 -2.83 16.53
N MET A 366 -19.91 -4.12 16.18
CA MET A 366 -18.77 -4.76 15.48
C MET A 366 -19.32 -5.74 14.46
N THR A 367 -18.77 -5.79 13.24
CA THR A 367 -19.21 -6.68 12.18
C THR A 367 -18.06 -7.60 11.78
N LYS A 368 -18.40 -8.87 11.55
CA LYS A 368 -17.39 -9.84 11.15
C LYS A 368 -16.85 -9.44 9.78
N TRP A 369 -15.55 -9.17 9.71
CA TRP A 369 -14.91 -8.73 8.47
C TRP A 369 -14.32 -9.87 7.66
N GLN A 370 -13.35 -10.60 8.22
CA GLN A 370 -12.68 -11.68 7.52
C GLN A 370 -12.57 -12.92 8.40
N GLU A 371 -12.59 -14.08 7.76
CA GLU A 371 -12.45 -15.37 8.42
C GLU A 371 -11.12 -15.96 7.97
N VAL A 372 -10.09 -15.81 8.81
CA VAL A 372 -8.74 -16.28 8.51
C VAL A 372 -8.59 -17.71 9.00
N ASP A 373 -8.10 -18.58 8.10
CA ASP A 373 -7.90 -19.98 8.46
C ASP A 373 -6.58 -20.17 9.20
N GLU A 374 -5.54 -19.42 8.80
CA GLU A 374 -4.22 -19.49 9.41
C GLU A 374 -3.81 -18.10 9.85
N MET A 375 -3.76 -17.88 11.16
CA MET A 375 -3.37 -16.60 11.75
C MET A 375 -2.24 -16.92 12.72
N LEU A 376 -1.01 -16.69 12.28
CA LEU A 376 0.16 -16.96 13.11
C LEU A 376 0.40 -15.80 14.08
N ARG A 377 0.51 -16.13 15.37
CA ARG A 377 0.76 -15.14 16.41
C ARG A 377 2.17 -15.31 16.94
N SER A 378 2.92 -14.21 16.96
CA SER A 378 4.29 -14.19 17.45
C SER A 378 4.46 -12.99 18.36
N GLU A 379 5.39 -13.11 19.31
CA GLU A 379 5.68 -12.06 20.27
C GLU A 379 7.12 -11.60 20.12
N TYR A 380 7.30 -10.31 19.86
CA TYR A 380 8.62 -9.71 19.73
C TYR A 380 8.46 -8.21 19.92
N GLY A 381 9.42 -7.61 20.61
CA GLY A 381 9.35 -6.18 20.87
C GLY A 381 8.26 -5.82 21.84
N GLY A 382 7.88 -6.76 22.70
CA GLY A 382 6.84 -6.51 23.68
C GLY A 382 5.46 -6.31 23.11
N SER A 383 5.07 -7.11 22.12
CA SER A 383 3.74 -6.99 21.52
C SER A 383 3.49 -8.16 20.59
N PHE A 384 2.25 -8.66 20.63
CA PHE A 384 1.85 -9.77 19.77
C PHE A 384 1.63 -9.25 18.35
N ARG A 385 1.99 -10.07 17.37
CA ARG A 385 1.83 -9.73 15.97
C ARG A 385 1.11 -10.85 15.25
N PHE A 386 -0.16 -10.63 14.91
CA PHE A 386 -1.00 -11.60 14.22
C PHE A 386 -0.83 -11.37 12.72
N SER A 387 -0.08 -12.27 12.07
CA SER A 387 0.18 -12.18 10.63
C SER A 387 -0.61 -13.26 9.91
N SER A 388 -1.34 -12.86 8.87
CA SER A 388 -2.15 -13.76 8.06
C SER A 388 -1.53 -13.87 6.67
N ASP A 389 -1.13 -15.09 6.30
CA ASP A 389 -0.52 -15.30 5.00
C ASP A 389 -1.56 -15.33 3.89
N ALA A 390 -2.81 -15.69 4.20
CA ALA A 390 -3.84 -15.76 3.17
C ALA A 390 -4.22 -14.38 2.65
N ILE A 391 -4.49 -13.43 3.54
CA ILE A 391 -4.88 -12.08 3.15
C ILE A 391 -3.69 -11.12 3.12
N SER A 392 -2.51 -11.56 3.55
CA SER A 392 -1.33 -10.72 3.55
C SER A 392 -1.54 -9.48 4.42
N THR A 393 -1.77 -9.70 5.71
CA THR A 393 -2.01 -8.62 6.66
C THR A 393 -1.38 -8.99 8.00
N THR A 394 -0.90 -7.96 8.71
CA THR A 394 -0.28 -8.14 10.02
C THR A 394 -0.86 -7.13 10.99
N PHE A 395 -1.33 -7.62 12.13
CA PHE A 395 -1.93 -6.80 13.18
C PHE A 395 -1.08 -6.86 14.44
N THR A 396 -0.98 -5.72 15.13
CA THR A 396 -0.20 -5.60 16.36
C THR A 396 -1.12 -5.32 17.53
N THR A 397 -0.86 -5.97 18.67
CA THR A 397 -1.68 -5.81 19.88
C THR A 397 -0.77 -5.51 21.07
N ASN A 398 -1.38 -5.54 22.27
CA ASN A 398 -0.70 -5.24 23.52
C ASN A 398 -0.52 -6.46 24.43
N LEU A 399 -0.73 -7.68 23.93
CA LEU A 399 -0.59 -8.93 24.68
C LEU A 399 -1.68 -9.14 25.73
N THR A 400 -2.58 -8.16 25.92
CA THR A 400 -3.65 -8.26 26.90
C THR A 400 -4.97 -8.49 26.18
N GLU A 401 -5.67 -9.55 26.56
CA GLU A 401 -6.95 -9.85 25.94
C GLU A 401 -7.92 -8.72 26.20
N TYR A 402 -8.40 -8.10 25.13
CA TYR A 402 -9.35 -7.00 25.27
C TYR A 402 -10.63 -7.55 25.87
N PRO A 403 -11.09 -7.06 27.05
CA PRO A 403 -12.33 -7.60 27.61
C PRO A 403 -13.53 -7.40 26.69
N LEU A 404 -14.13 -8.50 26.22
CA LEU A 404 -15.27 -8.40 25.33
C LEU A 404 -16.45 -7.69 25.99
N SER A 405 -16.53 -7.73 27.32
CA SER A 405 -17.62 -7.04 28.01
C SER A 405 -17.53 -5.53 27.85
N ARG A 406 -16.35 -5.01 27.51
CA ARG A 406 -16.17 -3.58 27.32
C ARG A 406 -16.77 -3.07 26.02
N VAL A 407 -17.07 -3.96 25.07
CA VAL A 407 -17.65 -3.54 23.81
C VAL A 407 -19.15 -3.29 24.02
N ASP A 408 -19.61 -2.10 23.63
CA ASP A 408 -21.01 -1.78 23.78
C ASP A 408 -21.84 -2.53 22.75
N LEU A 409 -22.87 -3.25 23.20
CA LEU A 409 -23.72 -4.05 22.28
C LEU A 409 -22.80 -4.94 21.43
N GLY A 410 -22.16 -5.94 22.03
CA GLY A 410 -21.23 -6.85 21.32
C GLY A 410 -21.54 -8.31 21.59
N ASP A 411 -22.82 -8.67 21.72
CA ASP A 411 -23.23 -10.08 21.97
C ASP A 411 -23.11 -10.90 20.69
N CYS A 412 -23.23 -10.26 19.52
CA CYS A 412 -23.16 -10.91 18.20
C CYS A 412 -21.72 -11.37 17.90
N ILE A 413 -20.75 -10.86 18.66
CA ILE A 413 -19.28 -11.08 18.41
C ILE A 413 -18.84 -12.40 19.03
N GLY A 414 -19.44 -12.81 20.15
CA GLY A 414 -19.14 -14.12 20.73
C GLY A 414 -19.80 -15.17 19.86
N LYS A 415 -20.96 -14.86 19.28
CA LYS A 415 -21.69 -15.79 18.43
C LYS A 415 -21.03 -15.91 17.06
N ASP A 416 -20.73 -14.77 16.43
CA ASP A 416 -20.12 -14.80 15.11
C ASP A 416 -18.72 -15.40 15.15
N ALA A 417 -17.91 -15.04 16.15
CA ALA A 417 -16.55 -15.56 16.23
C ALA A 417 -16.55 -17.06 16.45
N ARG A 418 -17.40 -17.56 17.36
CA ARG A 418 -17.44 -18.99 17.63
C ARG A 418 -17.99 -19.76 16.44
N ASP A 419 -18.98 -19.21 15.75
CA ASP A 419 -19.55 -19.91 14.60
C ASP A 419 -18.52 -20.12 13.51
N ALA A 420 -17.71 -19.11 13.23
CA ALA A 420 -16.68 -19.24 12.20
C ALA A 420 -15.57 -20.19 12.64
N MET A 421 -15.18 -20.13 13.92
CA MET A 421 -14.14 -21.01 14.42
C MET A 421 -14.55 -22.48 14.33
N ASP A 422 -15.78 -22.79 14.72
CA ASP A 422 -16.24 -24.16 14.66
C ASP A 422 -16.29 -24.67 13.23
N ARG A 423 -16.77 -23.84 12.31
CA ARG A 423 -16.85 -24.25 10.91
C ARG A 423 -15.47 -24.41 10.28
N ILE A 424 -14.55 -23.51 10.62
CA ILE A 424 -13.20 -23.59 10.06
C ILE A 424 -12.44 -24.77 10.64
N PHE A 425 -12.56 -25.00 11.94
CA PHE A 425 -11.84 -26.10 12.58
C PHE A 425 -12.26 -27.44 12.02
N ALA A 426 -13.57 -27.69 11.93
CA ALA A 426 -14.04 -28.98 11.42
C ALA A 426 -13.75 -29.13 9.93
N ARG A 427 -13.64 -28.02 9.21
CA ARG A 427 -13.40 -28.09 7.77
C ARG A 427 -11.95 -28.40 7.43
N ARG A 428 -11.00 -27.88 8.21
CA ARG A 428 -9.59 -28.07 7.92
C ARG A 428 -8.72 -28.57 9.06
N TYR A 429 -8.97 -28.15 10.30
CA TYR A 429 -8.11 -28.52 11.42
C TYR A 429 -8.59 -29.72 12.24
N ASN A 430 -9.67 -30.40 11.86
CA ASN A 430 -10.11 -31.52 12.68
C ASN A 430 -9.19 -32.74 12.61
N ALA A 431 -8.65 -33.04 11.43
CA ALA A 431 -7.81 -34.22 11.26
C ALA A 431 -6.33 -34.01 11.55
N THR A 432 -5.88 -32.78 11.82
CA THR A 432 -4.45 -32.55 12.08
C THR A 432 -4.13 -31.69 13.30
N HIS A 433 -5.04 -30.83 13.78
CA HIS A 433 -4.76 -29.97 14.92
C HIS A 433 -5.79 -30.20 16.02
N ILE A 434 -5.53 -29.58 17.18
CA ILE A 434 -6.37 -29.69 18.36
C ILE A 434 -6.59 -28.30 18.91
N LYS A 435 -7.81 -28.03 19.38
CA LYS A 435 -8.13 -26.73 19.97
C LYS A 435 -7.52 -26.64 21.36
N VAL A 436 -6.88 -25.52 21.65
CA VAL A 436 -6.25 -25.28 22.95
C VAL A 436 -6.94 -24.09 23.61
N GLY A 437 -7.67 -24.36 24.69
CA GLY A 437 -8.36 -23.30 25.39
C GLY A 437 -9.55 -22.74 24.64
N GLN A 438 -10.08 -21.66 25.17
CA GLN A 438 -11.22 -20.95 24.61
C GLN A 438 -10.75 -19.80 23.74
N PRO A 439 -11.64 -19.20 22.95
CA PRO A 439 -11.23 -18.07 22.11
C PRO A 439 -10.72 -16.89 22.93
N GLN A 440 -9.75 -16.18 22.36
CA GLN A 440 -9.13 -15.01 22.97
C GLN A 440 -9.34 -13.81 22.06
N TYR A 441 -9.82 -12.71 22.64
CA TYR A 441 -10.09 -11.48 21.91
C TYR A 441 -8.99 -10.47 22.21
N TYR A 442 -8.37 -9.94 21.16
CA TYR A 442 -7.29 -8.98 21.28
C TYR A 442 -7.62 -7.72 20.48
N LEU A 443 -7.33 -6.57 21.05
CA LEU A 443 -7.57 -5.29 20.38
C LEU A 443 -6.30 -4.92 19.62
N ALA A 444 -6.36 -4.99 18.30
CA ALA A 444 -5.20 -4.70 17.47
C ALA A 444 -5.10 -3.22 17.13
N ASN A 445 -3.91 -2.82 16.67
CA ASN A 445 -3.68 -1.44 16.29
C ASN A 445 -4.54 -1.09 15.08
N GLY A 446 -5.04 0.14 15.07
CA GLY A 446 -5.89 0.61 13.99
C GLY A 446 -7.37 0.48 14.26
N GLY A 447 -7.77 -0.23 15.32
CA GLY A 447 -9.18 -0.39 15.65
C GLY A 447 -9.80 -1.69 15.21
N PHE A 448 -9.01 -2.76 15.13
CA PHE A 448 -9.51 -4.07 14.73
C PHE A 448 -9.50 -5.03 15.91
N LEU A 449 -10.65 -5.66 16.17
CA LEU A 449 -10.80 -6.64 17.23
C LEU A 449 -10.60 -8.00 16.60
N ILE A 450 -9.61 -8.74 17.09
CA ILE A 450 -9.26 -10.05 16.54
C ILE A 450 -9.65 -11.13 17.54
N ALA A 451 -10.54 -12.02 17.12
CA ALA A 451 -10.96 -13.15 17.95
C ALA A 451 -10.06 -14.33 17.58
N TYR A 452 -9.13 -14.67 18.47
CA TYR A 452 -8.15 -15.72 18.22
C TYR A 452 -8.47 -17.00 18.97
N GLN A 453 -8.18 -18.13 18.32
CA GLN A 453 -8.37 -19.47 18.85
C GLN A 453 -7.06 -20.22 18.71
N PRO A 454 -6.23 -20.33 19.76
CA PRO A 454 -4.96 -21.05 19.61
C PRO A 454 -5.15 -22.51 19.23
N LEU A 455 -4.20 -23.02 18.45
CA LEU A 455 -4.20 -24.40 17.98
C LEU A 455 -2.83 -25.03 18.21
N LEU A 456 -2.82 -26.35 18.31
CA LEU A 456 -1.61 -27.13 18.53
C LEU A 456 -1.59 -28.27 17.52
N SER A 457 -0.39 -28.61 17.05
CA SER A 457 -0.24 -29.69 16.08
C SER A 457 -0.08 -31.03 16.76
N ASN A 458 -0.64 -32.07 16.15
CA ASN A 458 -0.53 -33.42 16.70
C ASN A 458 0.90 -33.93 16.68
N THR A 459 1.72 -33.47 15.76
CA THR A 459 3.11 -33.91 15.66
C THR A 459 3.90 -33.45 16.89
N VAL A 492 -17.24 0.66 29.32
CA VAL A 492 -17.96 0.46 28.06
C VAL A 492 -17.54 1.54 27.06
N GLU A 493 -17.30 1.13 25.82
CA GLU A 493 -16.89 2.08 24.78
C GLU A 493 -17.12 1.45 23.41
N ARG A 494 -16.89 2.26 22.39
CA ARG A 494 -17.05 1.85 20.99
C ARG A 494 -15.68 1.88 20.31
N ILE A 495 -15.40 0.83 19.54
CA ILE A 495 -14.11 0.76 18.85
C ILE A 495 -14.18 1.51 17.53
N LYS A 496 -13.20 2.36 17.29
CA LYS A 496 -13.12 3.16 16.06
C LYS A 496 -12.13 2.49 15.12
N THR A 497 -12.63 1.89 14.05
CA THR A 497 -11.81 1.20 13.07
C THR A 497 -11.34 2.16 11.97
N THR A 498 -10.07 2.04 11.61
CA THR A 498 -9.51 2.87 10.57
C THR A 498 -10.15 2.52 9.22
N SER A 499 -10.18 3.51 8.33
CA SER A 499 -10.78 3.31 7.02
C SER A 499 -9.82 2.74 5.98
N SER A 500 -8.59 2.39 6.37
CA SER A 500 -7.61 1.85 5.42
C SER A 500 -6.76 0.79 6.10
N ILE A 501 -6.76 -0.42 5.53
CA ILE A 501 -5.97 -1.52 6.06
C ILE A 501 -4.60 -1.57 5.36
N GLU A 502 -4.35 -0.66 4.42
CA GLU A 502 -3.07 -0.68 3.71
C GLU A 502 -1.89 -0.50 4.65
N PHE A 503 -2.11 0.11 5.83
CA PHE A 503 -1.02 0.27 6.78
C PHE A 503 -0.55 -1.09 7.28
N ALA A 504 -1.50 -2.03 7.45
CA ALA A 504 -1.16 -3.36 7.90
C ALA A 504 -0.58 -4.21 6.78
N ARG A 505 -1.05 -4.02 5.56
CA ARG A 505 -0.52 -4.80 4.44
C ARG A 505 0.95 -4.47 4.22
N LEU A 506 1.34 -3.21 4.37
CA LEU A 506 2.74 -2.84 4.22
C LEU A 506 3.58 -3.54 5.29
N GLN A 507 3.02 -3.67 6.49
CA GLN A 507 3.73 -4.34 7.57
C GLN A 507 4.02 -5.78 7.19
N PHE A 508 3.04 -6.47 6.63
CA PHE A 508 3.24 -7.85 6.22
C PHE A 508 4.25 -7.93 5.07
N THR A 509 4.09 -7.05 4.08
CA THR A 509 5.01 -7.05 2.93
C THR A 509 6.44 -6.81 3.37
N TYR A 510 6.66 -5.81 4.24
CA TYR A 510 8.00 -5.54 4.72
C TYR A 510 8.54 -6.72 5.52
N ASN A 511 7.70 -7.29 6.38
CA ASN A 511 8.12 -8.43 7.18
C ASN A 511 8.36 -9.65 6.31
N HIS A 512 7.53 -9.84 5.28
CA HIS A 512 7.71 -11.00 4.40
C HIS A 512 8.99 -10.89 3.58
N ILE A 513 9.55 -9.68 3.45
CA ILE A 513 10.77 -9.46 2.62
C ILE A 513 11.99 -9.32 3.54
N GLN A 514 11.79 -8.77 4.75
CA GLN A 514 12.90 -8.54 5.70
C GLN A 514 13.30 -9.86 6.38
N ARG A 515 12.31 -10.62 6.87
CA ARG A 515 12.56 -11.90 7.58
C ARG A 515 13.41 -12.84 6.72
N PRO A 516 13.06 -13.16 5.46
CA PRO A 516 13.87 -14.08 4.67
C PRO A 516 15.21 -13.46 4.31
N VAL A 517 15.21 -12.23 3.78
CA VAL A 517 16.47 -11.58 3.33
C VAL A 517 17.47 -11.61 4.49
N ASN A 518 17.01 -11.37 5.72
CA ASN A 518 17.89 -11.36 6.92
C ASN A 518 18.36 -12.79 7.19
N ASP A 519 17.49 -13.77 7.01
CA ASP A 519 17.85 -15.20 7.20
C ASP A 519 18.95 -15.55 6.21
N MET A 520 18.89 -15.03 4.98
CA MET A 520 19.89 -15.35 3.92
C MET A 520 21.13 -14.47 4.12
N LEU A 521 20.98 -13.31 4.76
CA LEU A 521 22.12 -12.45 5.09
C LEU A 521 22.85 -13.10 6.27
N GLY A 522 22.13 -13.82 7.11
CA GLY A 522 22.71 -14.45 8.30
C GLY A 522 23.46 -15.71 7.93
N ARG A 523 22.97 -16.47 6.96
CA ARG A 523 23.63 -17.67 6.48
C ARG A 523 24.89 -17.32 5.70
N VAL A 524 24.84 -16.27 4.89
CA VAL A 524 26.02 -15.86 4.14
C VAL A 524 27.12 -15.41 5.09
N ALA A 525 26.76 -14.65 6.12
CA ALA A 525 27.75 -14.22 7.10
C ALA A 525 28.34 -15.41 7.84
N ILE A 526 27.49 -16.36 8.22
CA ILE A 526 27.98 -17.55 8.92
C ILE A 526 28.88 -18.37 8.01
N ALA A 527 28.45 -18.56 6.75
CA ALA A 527 29.26 -19.31 5.81
C ALA A 527 30.59 -18.63 5.54
N TRP A 528 30.60 -17.30 5.44
CA TRP A 528 31.85 -16.58 5.21
C TRP A 528 32.83 -16.82 6.37
N CYS A 529 32.33 -16.72 7.60
CA CYS A 529 33.20 -16.95 8.76
C CYS A 529 33.75 -18.36 8.75
N GLU A 530 32.89 -19.35 8.46
CA GLU A 530 33.35 -20.73 8.42
C GLU A 530 34.39 -20.91 7.31
N GLU A 531 34.21 -20.19 6.19
CA GLU A 531 35.17 -20.30 5.09
C GLU A 531 36.50 -19.68 5.48
N GLN A 532 36.48 -18.47 6.06
CA GLN A 532 37.72 -17.82 6.46
C GLN A 532 38.51 -18.69 7.43
N ASN A 533 37.83 -19.31 8.40
CA ASN A 533 38.52 -20.19 9.33
C ASN A 533 39.07 -21.40 8.60
N HIS A 534 38.47 -21.75 7.46
CA HIS A 534 38.93 -22.88 6.68
C HIS A 534 40.20 -22.54 5.90
N GLU A 535 40.29 -21.29 5.42
CA GLU A 535 41.47 -20.88 4.66
C GLU A 535 42.72 -20.85 5.53
N LEU A 536 42.58 -20.60 6.84
CA LEU A 536 43.75 -20.55 7.72
C LEU A 536 44.56 -21.84 7.64
N THR A 537 43.89 -22.98 7.42
CA THR A 537 44.61 -24.24 7.32
C THR A 537 45.51 -24.25 6.09
N LEU A 538 45.17 -23.46 5.07
CA LEU A 538 46.00 -23.40 3.86
C LEU A 538 47.11 -22.35 4.01
N TRP A 539 46.79 -21.21 4.64
CA TRP A 539 47.80 -20.17 4.82
C TRP A 539 48.91 -20.63 5.75
N ASN A 540 48.59 -21.48 6.73
CA ASN A 540 49.60 -21.96 7.66
C ASN A 540 50.67 -22.78 6.94
N GLU A 541 50.30 -23.43 5.84
CA GLU A 541 51.21 -24.24 5.03
C GLU A 541 51.79 -23.48 3.85
N ALA A 542 51.01 -22.55 3.27
CA ALA A 542 51.49 -21.78 2.14
C ALA A 542 52.64 -20.87 2.55
N ARG A 543 52.66 -20.43 3.81
CA ARG A 543 53.74 -19.56 4.28
C ARG A 543 55.09 -20.26 4.22
N LYS A 544 55.14 -21.55 4.54
CA LYS A 544 56.39 -22.29 4.51
C LYS A 544 56.95 -22.40 3.09
N LEU A 545 56.07 -22.54 2.09
CA LEU A 545 56.53 -22.66 0.71
C LEU A 545 57.20 -21.38 0.24
N ASN A 546 56.61 -20.23 0.56
CA ASN A 546 57.15 -18.93 0.14
C ASN A 546 56.71 -17.88 1.15
N PRO A 547 57.44 -17.72 2.26
CA PRO A 547 57.03 -16.70 3.26
C PRO A 547 57.03 -15.29 2.71
N ASN A 548 57.85 -15.00 1.70
CA ASN A 548 57.90 -13.64 1.16
C ASN A 548 56.56 -13.23 0.57
N ALA A 549 56.01 -14.05 -0.32
CA ALA A 549 54.73 -13.73 -0.95
C ALA A 549 53.58 -13.78 0.06
N ILE A 550 53.58 -14.75 0.96
CA ILE A 550 52.49 -14.85 1.92
C ILE A 550 52.51 -13.66 2.88
N ALA A 551 53.70 -13.30 3.38
CA ALA A 551 53.80 -12.19 4.32
C ALA A 551 53.45 -10.86 3.65
N SER A 552 53.83 -10.69 2.38
CA SER A 552 53.56 -9.44 1.69
C SER A 552 52.07 -9.15 1.59
N VAL A 553 51.28 -10.13 1.14
CA VAL A 553 49.85 -9.91 1.01
C VAL A 553 49.16 -9.79 2.36
N THR A 554 49.60 -10.58 3.35
CA THR A 554 48.97 -10.54 4.67
C THR A 554 49.37 -9.30 5.46
N VAL A 555 50.63 -8.88 5.38
CA VAL A 555 51.07 -7.69 6.12
C VAL A 555 50.58 -6.39 5.48
N GLY A 556 50.32 -6.39 4.18
CA GLY A 556 49.85 -5.21 3.48
C GLY A 556 50.90 -4.45 2.70
N ARG A 557 52.18 -4.83 2.82
CA ARG A 557 53.26 -4.17 2.11
C ARG A 557 54.30 -5.23 1.76
N ARG A 558 55.06 -4.96 0.69
CA ARG A 558 56.09 -5.90 0.25
C ARG A 558 57.13 -6.09 1.34
N VAL A 559 57.23 -7.31 1.85
CA VAL A 559 58.18 -7.65 2.91
C VAL A 559 58.72 -9.05 2.66
N SER A 560 59.85 -9.34 3.31
CA SER A 560 60.49 -10.64 3.23
C SER A 560 60.40 -11.29 4.60
N ALA A 561 60.15 -12.60 4.60
CA ALA A 561 60.01 -13.34 5.84
C ALA A 561 60.70 -14.69 5.76
N ARG A 562 61.01 -15.22 6.93
CA ARG A 562 61.64 -16.52 7.09
C ARG A 562 61.04 -17.16 8.34
N MET A 563 60.75 -18.46 8.24
CA MET A 563 60.16 -19.21 9.34
C MET A 563 61.04 -19.11 10.58
N LEU A 564 60.45 -18.59 11.67
CA LEU A 564 61.14 -18.48 12.95
C LEU A 564 60.55 -19.54 13.88
N GLY A 565 60.03 -20.62 13.29
CA GLY A 565 59.41 -21.70 14.02
C GLY A 565 57.92 -21.65 13.71
N ASP A 566 57.10 -21.48 14.74
CA ASP A 566 55.66 -21.38 14.56
C ASP A 566 55.21 -19.97 14.21
N VAL A 567 56.14 -19.01 14.15
CA VAL A 567 55.87 -17.62 13.84
C VAL A 567 56.87 -17.19 12.78
N MET A 568 56.59 -16.06 12.14
CA MET A 568 57.43 -15.52 11.08
C MET A 568 57.95 -14.13 11.41
N ALA A 569 59.13 -13.83 10.92
CA ALA A 569 59.75 -12.52 11.07
C ALA A 569 59.50 -11.75 9.78
N VAL A 570 59.68 -10.42 9.83
CA VAL A 570 59.45 -9.61 8.65
C VAL A 570 60.42 -8.43 8.60
N SER A 571 60.78 -8.07 7.37
CA SER A 571 61.68 -6.96 7.07
C SER A 571 61.10 -6.19 5.90
N THR A 572 61.10 -4.86 6.01
CA THR A 572 60.56 -4.01 4.96
C THR A 572 61.56 -3.86 3.82
N CYS A 573 61.12 -4.14 2.60
CA CYS A 573 61.97 -4.02 1.43
C CYS A 573 61.94 -2.60 0.90
N VAL A 574 63.05 -2.18 0.29
CA VAL A 574 63.20 -0.84 -0.27
C VAL A 574 62.90 -0.90 -1.76
N PRO A 575 62.11 0.02 -2.33
CA PRO A 575 61.84 -0.06 -3.77
C PRO A 575 63.02 0.42 -4.60
N VAL A 576 62.98 0.08 -5.88
CA VAL A 576 64.00 0.46 -6.85
C VAL A 576 63.32 0.73 -8.18
N ALA A 577 63.67 1.85 -8.81
CA ALA A 577 63.06 2.21 -10.08
C ALA A 577 63.48 1.23 -11.17
N ALA A 578 62.61 1.07 -12.17
CA ALA A 578 62.87 0.15 -13.28
C ALA A 578 64.09 0.56 -14.10
N ASP A 579 64.25 1.85 -14.40
CA ASP A 579 65.39 2.32 -15.18
C ASP A 579 66.74 2.04 -14.51
N ASN A 580 66.76 1.86 -13.20
CA ASN A 580 67.99 1.58 -12.46
C ASN A 580 68.31 0.09 -12.39
N VAL A 581 67.70 -0.73 -13.25
CA VAL A 581 67.92 -2.17 -13.27
C VAL A 581 68.07 -2.61 -14.72
N ILE A 582 69.00 -3.53 -14.96
CA ILE A 582 69.26 -4.06 -16.29
C ILE A 582 69.62 -5.54 -16.18
N VAL A 583 69.17 -6.31 -17.16
CA VAL A 583 69.41 -7.75 -17.21
C VAL A 583 70.55 -8.02 -18.19
N GLN A 584 71.44 -8.93 -17.82
CA GLN A 584 72.57 -9.27 -18.68
C GLN A 584 72.11 -10.05 -19.90
N ASN A 585 72.91 -9.98 -20.97
CA ASN A 585 72.58 -10.67 -22.20
C ASN A 585 72.81 -12.18 -22.12
N SER A 586 73.50 -12.67 -21.09
CA SER A 586 73.74 -14.10 -20.97
C SER A 586 73.83 -14.48 -19.50
N MET A 587 73.67 -15.78 -19.25
CA MET A 587 73.72 -16.32 -17.89
C MET A 587 74.97 -17.16 -17.69
N ARG A 588 75.53 -17.69 -18.78
CA ARG A 588 76.69 -18.58 -18.81
C ARG A 588 77.76 -18.33 -17.75
N ILE A 589 78.11 -19.40 -17.03
CA ILE A 589 79.13 -19.38 -15.99
C ILE A 589 80.40 -19.94 -16.62
N SER A 590 81.23 -19.06 -17.16
CA SER A 590 82.46 -19.50 -17.82
C SER A 590 83.45 -20.14 -16.84
N SER A 591 83.31 -19.87 -15.55
CA SER A 591 84.25 -20.44 -14.58
C SER A 591 83.93 -21.89 -14.21
N ARG A 592 82.72 -22.37 -14.49
CA ARG A 592 82.32 -23.74 -14.15
C ARG A 592 81.40 -24.32 -15.22
N PRO A 593 81.95 -24.99 -16.23
CA PRO A 593 81.10 -25.58 -17.25
C PRO A 593 80.17 -26.62 -16.64
N GLY A 594 78.95 -26.69 -17.16
CA GLY A 594 77.95 -27.62 -16.66
C GLY A 594 77.06 -27.08 -15.58
N ALA A 595 77.38 -25.93 -15.00
CA ALA A 595 76.59 -25.28 -13.96
C ALA A 595 75.90 -24.07 -14.57
N CYS A 596 74.58 -23.98 -14.37
CA CYS A 596 73.78 -22.88 -14.90
C CYS A 596 72.83 -22.34 -13.84
N TYR A 597 72.73 -21.02 -13.75
CA TYR A 597 71.83 -20.41 -12.78
C TYR A 597 70.38 -20.65 -13.20
N SER A 598 69.50 -20.79 -12.20
CA SER A 598 68.09 -21.01 -12.49
C SER A 598 67.33 -19.72 -12.77
N ARG A 599 67.92 -18.57 -12.48
CA ARG A 599 67.29 -17.26 -12.71
C ARG A 599 68.32 -16.33 -13.33
N PRO A 600 67.90 -15.35 -14.13
CA PRO A 600 68.88 -14.45 -14.75
C PRO A 600 69.54 -13.52 -13.74
N LEU A 601 70.74 -13.07 -14.08
CA LEU A 601 71.49 -12.15 -13.24
C LEU A 601 71.06 -10.73 -13.54
N VAL A 602 71.38 -9.80 -12.61
CA VAL A 602 71.02 -8.41 -12.77
C VAL A 602 72.04 -7.50 -12.11
N SER A 603 72.03 -6.24 -12.55
CA SER A 603 72.89 -5.19 -12.03
C SER A 603 72.00 -4.00 -11.77
N PHE A 604 72.10 -3.40 -10.57
CA PHE A 604 71.25 -2.28 -10.24
C PHE A 604 71.95 -1.35 -9.28
N ARG A 605 71.33 -0.18 -9.09
CA ARG A 605 71.81 0.86 -8.20
C ARG A 605 70.63 1.40 -7.40
N TYR A 606 70.85 1.63 -6.11
CA TYR A 606 69.77 2.14 -5.26
C TYR A 606 69.32 3.52 -5.71
N GLU A 607 70.23 4.49 -5.70
CA GLU A 607 69.94 5.84 -6.12
C GLU A 607 70.27 6.00 -7.60
N ASP A 608 69.81 7.12 -8.18
CA ASP A 608 70.08 7.37 -9.58
C ASP A 608 71.56 7.51 -9.85
N GLN A 609 72.31 8.05 -8.90
CA GLN A 609 73.76 8.23 -9.00
C GLN A 609 74.54 7.23 -8.18
N GLY A 610 73.89 6.20 -7.64
CA GLY A 610 74.58 5.21 -6.83
C GLY A 610 75.38 4.23 -7.66
N PRO A 611 76.31 3.50 -7.03
CA PRO A 611 77.11 2.54 -7.79
C PRO A 611 76.28 1.31 -8.19
N LEU A 612 76.76 0.61 -9.21
CA LEU A 612 76.07 -0.59 -9.67
C LEU A 612 76.39 -1.74 -8.71
N VAL A 613 75.36 -2.43 -8.25
CA VAL A 613 75.50 -3.55 -7.31
C VAL A 613 75.23 -4.86 -8.03
N GLU A 614 75.98 -5.88 -7.67
CA GLU A 614 75.83 -7.21 -8.27
C GLU A 614 74.69 -7.94 -7.58
N GLY A 615 73.86 -8.61 -8.37
CA GLY A 615 72.74 -9.35 -7.83
C GLY A 615 72.10 -10.24 -8.85
N GLN A 616 71.02 -10.91 -8.43
CA GLN A 616 70.28 -11.83 -9.28
C GLN A 616 68.79 -11.55 -9.12
N LEU A 617 68.05 -11.70 -10.22
CA LEU A 617 66.62 -11.46 -10.22
C LEU A 617 65.90 -12.52 -9.40
N GLY A 618 64.74 -12.13 -8.86
CA GLY A 618 63.91 -13.00 -8.07
C GLY A 618 62.49 -13.05 -8.56
N GLU A 619 61.60 -13.53 -7.69
CA GLU A 619 60.19 -13.62 -8.02
C GLU A 619 59.46 -12.32 -7.66
N ASN A 620 58.48 -11.97 -8.48
CA ASN A 620 57.68 -10.76 -8.28
C ASN A 620 58.57 -9.52 -8.26
N ASN A 621 59.47 -9.44 -9.23
CA ASN A 621 60.39 -8.30 -9.39
C ASN A 621 61.29 -8.14 -8.16
N GLU A 622 61.61 -9.25 -7.48
CA GLU A 622 62.47 -9.18 -6.31
C GLU A 622 63.92 -9.28 -6.74
N LEU A 623 64.76 -8.42 -6.16
CA LEU A 623 66.18 -8.36 -6.46
C LEU A 623 66.94 -9.03 -5.31
N ARG A 624 67.65 -10.11 -5.63
CA ARG A 624 68.44 -10.86 -4.66
C ARG A 624 69.89 -10.45 -4.77
N LEU A 625 70.54 -10.23 -3.62
CA LEU A 625 71.94 -9.82 -3.60
C LEU A 625 72.92 -10.98 -3.63
N THR A 626 72.45 -12.22 -3.48
CA THR A 626 73.31 -13.40 -3.47
C THR A 626 72.98 -14.30 -4.65
N ARG A 627 74.01 -14.75 -5.36
CA ARG A 627 73.85 -15.64 -6.51
C ARG A 627 74.19 -17.06 -6.04
N ASP A 628 73.14 -17.83 -5.74
CA ASP A 628 73.31 -19.21 -5.29
C ASP A 628 72.32 -20.18 -5.89
N ALA A 629 71.45 -19.74 -6.80
CA ALA A 629 70.47 -20.62 -7.43
C ALA A 629 71.06 -21.27 -8.68
N ILE A 630 72.00 -22.18 -8.44
CA ILE A 630 72.70 -22.90 -9.50
C ILE A 630 72.05 -24.26 -9.70
N GLU A 631 71.89 -24.65 -10.96
CA GLU A 631 71.31 -25.93 -11.34
C GLU A 631 72.08 -26.47 -12.53
N PRO A 632 72.08 -27.79 -12.74
CA PRO A 632 72.80 -28.34 -13.90
C PRO A 632 72.19 -27.83 -15.20
N CYS A 633 73.05 -27.54 -16.17
CA CYS A 633 72.57 -27.04 -17.45
C CYS A 633 71.80 -28.15 -18.16
N THR A 634 70.61 -27.81 -18.65
CA THR A 634 69.73 -28.75 -19.34
C THR A 634 69.57 -28.32 -20.79
N VAL A 635 69.52 -29.30 -21.69
CA VAL A 635 69.37 -29.03 -23.11
C VAL A 635 67.98 -28.47 -23.36
N GLY A 636 67.86 -27.63 -24.40
CA GLY A 636 66.54 -27.07 -24.79
C GLY A 636 66.00 -26.19 -23.69
N HIS A 637 66.88 -25.49 -22.97
CA HIS A 637 66.45 -24.59 -21.86
C HIS A 637 65.49 -23.55 -22.43
N ARG A 638 64.58 -23.06 -21.59
CA ARG A 638 63.61 -22.00 -22.00
C ARG A 638 62.92 -21.56 -20.72
N ARG A 639 62.82 -20.25 -20.48
CA ARG A 639 62.22 -19.74 -19.23
C ARG A 639 61.78 -18.28 -19.35
N TYR A 640 60.54 -17.95 -18.99
CA TYR A 640 60.10 -16.53 -18.94
C TYR A 640 60.36 -16.11 -17.50
N PHE A 641 60.69 -14.84 -17.25
CA PHE A 641 60.93 -14.33 -15.88
C PHE A 641 60.32 -12.95 -15.77
N THR A 642 59.56 -12.68 -14.72
CA THR A 642 58.90 -11.39 -14.55
C THR A 642 59.94 -10.29 -14.39
N PHE A 643 59.77 -9.20 -15.12
CA PHE A 643 60.68 -8.08 -15.06
C PHE A 643 59.89 -6.80 -15.27
N GLY A 644 59.78 -5.98 -14.23
CA GLY A 644 59.02 -4.75 -14.34
C GLY A 644 57.57 -5.03 -14.67
N GLY A 645 57.05 -4.33 -15.68
CA GLY A 645 55.68 -4.52 -16.09
C GLY A 645 55.46 -5.61 -17.11
N GLY A 646 56.54 -6.24 -17.60
CA GLY A 646 56.46 -7.29 -18.59
C GLY A 646 57.26 -8.52 -18.17
N TYR A 647 57.81 -9.20 -19.17
CA TYR A 647 58.60 -10.41 -18.98
C TYR A 647 59.86 -10.35 -19.82
N VAL A 648 60.83 -11.19 -19.46
CA VAL A 648 62.09 -11.33 -20.17
C VAL A 648 62.20 -12.79 -20.60
N TYR A 649 62.38 -13.00 -21.89
CA TYR A 649 62.45 -14.32 -22.47
C TYR A 649 63.90 -14.77 -22.63
N PHE A 650 64.16 -16.03 -22.29
CA PHE A 650 65.48 -16.62 -22.36
C PHE A 650 65.40 -17.98 -23.05
N GLU A 651 66.39 -18.27 -23.89
CA GLU A 651 66.48 -19.52 -24.62
C GLU A 651 67.91 -20.04 -24.55
N GLU A 652 68.07 -21.30 -24.14
CA GLU A 652 69.38 -21.91 -24.01
C GLU A 652 70.26 -21.09 -23.07
N TYR A 653 69.64 -20.58 -22.01
CA TYR A 653 70.28 -19.75 -20.99
C TYR A 653 70.80 -18.44 -21.56
N ALA A 654 70.24 -17.97 -22.66
CA ALA A 654 70.64 -16.73 -23.31
C ALA A 654 69.45 -15.78 -23.44
N TYR A 655 69.69 -14.51 -23.13
CA TYR A 655 68.65 -13.50 -23.20
C TYR A 655 68.13 -13.38 -24.64
N SER A 656 66.82 -13.18 -24.76
CA SER A 656 66.19 -13.05 -26.07
C SER A 656 65.62 -11.66 -26.31
N HIS A 657 64.68 -11.19 -25.49
CA HIS A 657 64.09 -9.86 -25.66
C HIS A 657 63.04 -9.63 -24.58
N GLN A 658 62.49 -8.42 -24.57
CA GLN A 658 61.44 -8.03 -23.63
C GLN A 658 60.10 -8.07 -24.36
N LEU A 659 59.10 -8.68 -23.71
CA LEU A 659 57.77 -8.80 -24.28
C LEU A 659 56.73 -8.26 -23.30
N SER A 660 55.67 -7.69 -23.85
CA SER A 660 54.60 -7.09 -23.05
C SER A 660 53.90 -8.15 -22.20
N ARG A 661 53.11 -7.67 -21.24
CA ARG A 661 52.38 -8.55 -20.35
C ARG A 661 51.20 -9.21 -21.05
N ALA A 662 50.62 -8.55 -22.05
CA ALA A 662 49.47 -9.08 -22.78
C ALA A 662 49.86 -10.03 -23.90
N ASP A 663 51.15 -10.26 -24.13
CA ASP A 663 51.56 -11.17 -25.20
C ASP A 663 51.33 -12.63 -24.86
N ILE A 664 51.18 -12.97 -23.57
CA ILE A 664 50.97 -14.34 -23.14
C ILE A 664 49.49 -14.53 -22.83
N THR A 665 48.96 -15.71 -23.16
CA THR A 665 47.55 -15.99 -22.89
C THR A 665 47.32 -15.98 -21.38
N THR A 666 46.21 -15.37 -20.97
CA THR A 666 45.85 -15.24 -19.57
C THR A 666 44.55 -15.99 -19.29
N VAL A 667 44.52 -16.68 -18.15
CA VAL A 667 43.35 -17.44 -17.70
C VAL A 667 42.94 -16.88 -16.35
N SER A 668 41.64 -16.59 -16.20
CA SER A 668 41.13 -16.02 -14.96
C SER A 668 41.08 -17.09 -13.88
N THR A 669 41.90 -16.91 -12.84
CA THR A 669 41.93 -17.85 -11.73
C THR A 669 40.87 -17.54 -10.68
N PHE A 670 40.09 -16.47 -10.87
CA PHE A 670 39.05 -16.07 -9.93
C PHE A 670 37.69 -16.57 -10.38
N ILE A 671 36.79 -16.83 -9.42
CA ILE A 671 35.42 -17.36 -9.69
C ILE A 671 34.45 -16.18 -9.77
N ASP A 672 34.35 -15.52 -10.92
CA ASP A 672 33.54 -14.29 -11.08
C ASP A 672 32.15 -14.39 -10.43
N LEU A 673 31.71 -13.33 -9.73
CA LEU A 673 30.35 -13.25 -9.14
C LEU A 673 29.77 -11.88 -9.53
N ASN A 674 28.83 -11.85 -10.47
CA ASN A 674 28.23 -10.58 -10.96
C ASN A 674 27.16 -10.10 -9.97
N ILE A 675 27.24 -8.84 -9.52
CA ILE A 675 26.26 -8.28 -8.55
C ILE A 675 25.58 -7.05 -9.19
N THR A 676 24.28 -7.14 -9.51
CA THR A 676 23.51 -6.04 -10.11
C THR A 676 22.65 -5.38 -9.05
N MET A 677 23.05 -4.20 -8.57
CA MET A 677 22.30 -3.46 -7.53
C MET A 677 20.86 -3.25 -8.01
N LEU A 678 19.92 -3.05 -7.08
CA LEU A 678 18.52 -2.85 -7.41
C LEU A 678 18.31 -1.42 -7.90
N GLU A 679 17.81 -1.28 -9.12
CA GLU A 679 17.60 0.04 -9.69
C GLU A 679 16.54 0.81 -8.89
N ASP A 680 16.75 2.12 -8.79
CA ASP A 680 15.81 2.98 -8.07
C ASP A 680 14.48 2.99 -8.80
N HIS A 681 13.39 3.01 -8.03
CA HIS A 681 12.04 3.03 -8.57
C HIS A 681 11.26 4.20 -7.99
N GLU A 682 10.50 4.88 -8.83
CA GLU A 682 9.68 6.02 -8.45
C GLU A 682 8.21 5.63 -8.54
N PHE A 683 7.47 5.81 -7.46
CA PHE A 683 6.06 5.49 -7.40
C PHE A 683 5.25 6.76 -7.64
N VAL A 684 4.33 6.70 -8.60
CA VAL A 684 3.49 7.84 -8.95
C VAL A 684 2.12 7.68 -8.28
N PRO A 685 1.41 8.77 -7.96
CA PRO A 685 0.09 8.62 -7.35
C PRO A 685 -0.86 7.87 -8.27
N LEU A 686 -1.73 7.05 -7.66
CA LEU A 686 -2.68 6.27 -8.44
C LEU A 686 -3.90 5.96 -7.58
N GLU A 687 -5.08 6.31 -8.10
CA GLU A 687 -6.34 6.09 -7.43
C GLU A 687 -7.35 5.56 -8.43
N VAL A 688 -8.13 4.56 -8.02
CA VAL A 688 -9.14 4.00 -8.91
C VAL A 688 -10.25 5.02 -9.12
N TYR A 689 -10.69 5.67 -8.05
CA TYR A 689 -11.74 6.68 -8.09
C TYR A 689 -11.37 7.79 -7.13
N THR A 690 -11.11 8.98 -7.68
CA THR A 690 -10.77 10.12 -6.82
C THR A 690 -11.98 10.48 -5.96
N ARG A 691 -11.73 11.25 -4.90
CA ARG A 691 -12.83 11.64 -4.02
C ARG A 691 -13.87 12.44 -4.79
N HIS A 692 -13.45 13.17 -5.83
CA HIS A 692 -14.42 13.92 -6.62
C HIS A 692 -15.30 12.99 -7.43
N GLU A 693 -14.70 11.92 -7.99
CA GLU A 693 -15.48 10.96 -8.77
C GLU A 693 -16.50 10.24 -7.90
N ILE A 694 -16.09 9.87 -6.68
CA ILE A 694 -17.02 9.19 -5.77
C ILE A 694 -18.19 10.09 -5.45
N LYS A 695 -17.92 11.37 -5.19
CA LYS A 695 -19.00 12.31 -4.90
C LYS A 695 -19.92 12.45 -6.10
N ASP A 696 -19.35 12.50 -7.30
CA ASP A 696 -20.13 12.63 -8.52
C ASP A 696 -20.90 11.36 -8.85
N SER A 697 -20.56 10.23 -8.24
CA SER A 697 -21.27 8.98 -8.52
C SER A 697 -22.73 9.05 -8.12
N GLY A 698 -23.07 9.87 -7.12
CA GLY A 698 -24.45 9.98 -6.70
C GLY A 698 -25.30 10.62 -7.79
N LEU A 699 -26.51 10.10 -7.96
CA LEU A 699 -27.41 10.63 -8.97
C LEU A 699 -27.82 12.06 -8.67
N LEU A 700 -28.08 12.36 -7.39
CA LEU A 700 -28.48 13.69 -6.96
C LEU A 700 -27.64 14.12 -5.76
N ASP A 701 -27.43 15.44 -5.68
CA ASP A 701 -26.67 16.06 -4.59
C ASP A 701 -27.59 17.04 -3.87
N TYR A 702 -27.76 16.82 -2.56
CA TYR A 702 -28.63 17.70 -1.79
C TYR A 702 -28.10 19.13 -1.74
N THR A 703 -26.77 19.29 -1.73
CA THR A 703 -26.20 20.63 -1.68
C THR A 703 -26.53 21.42 -2.94
N GLU A 704 -26.25 20.84 -4.12
CA GLU A 704 -26.51 21.54 -5.37
C GLU A 704 -28.00 21.72 -5.62
N VAL A 705 -28.82 20.72 -5.28
CA VAL A 705 -30.26 20.83 -5.50
C VAL A 705 -30.84 21.97 -4.67
N GLN A 706 -30.43 22.05 -3.40
CA GLN A 706 -30.94 23.10 -2.53
C GLN A 706 -30.43 24.47 -2.96
N ARG A 707 -29.18 24.55 -3.40
CA ARG A 707 -28.63 25.83 -3.83
C ARG A 707 -29.39 26.38 -5.04
N ARG A 708 -29.69 25.52 -6.01
CA ARG A 708 -30.41 25.98 -7.19
C ARG A 708 -31.88 26.24 -6.87
N ASN A 709 -32.51 25.35 -6.10
CA ASN A 709 -33.92 25.53 -5.78
C ASN A 709 -34.17 26.79 -4.97
N GLN A 710 -33.29 27.09 -3.99
CA GLN A 710 -33.46 28.29 -3.19
C GLN A 710 -33.13 29.57 -3.95
N LEU A 711 -32.43 29.47 -5.07
CA LEU A 711 -32.11 30.64 -5.88
C LEU A 711 -33.25 31.01 -6.82
N HIS A 712 -34.33 30.22 -6.84
CA HIS A 712 -35.46 30.49 -7.73
C HIS A 712 -36.06 31.87 -7.48
N ASP A 713 -36.31 32.21 -6.21
CA ASP A 713 -36.90 33.51 -5.90
C ASP A 713 -35.98 34.66 -6.30
N LEU A 714 -34.68 34.53 -6.04
CA LEU A 714 -33.74 35.59 -6.40
C LEU A 714 -33.47 35.65 -7.89
N ARG A 715 -33.73 34.56 -8.62
CA ARG A 715 -33.47 34.53 -10.05
C ARG A 715 -34.69 34.89 -10.88
N PHE A 716 -35.87 34.37 -10.51
CA PHE A 716 -37.10 34.61 -11.26
C PHE A 716 -38.12 35.50 -10.57
N ALA A 717 -37.72 36.38 -9.67
CA ALA A 717 -38.70 37.25 -9.02
C ALA A 717 -38.01 38.39 -8.30
N ASP A 718 -38.77 39.47 -8.09
CA ASP A 718 -38.28 40.65 -7.40
C ASP A 718 -38.52 40.43 -5.91
N ILE A 719 -37.50 40.74 -5.10
CA ILE A 719 -37.59 40.51 -3.67
C ILE A 719 -37.83 41.79 -2.88
N ASP A 720 -37.44 42.95 -3.42
CA ASP A 720 -37.58 44.22 -2.72
C ASP A 720 -38.76 45.08 -3.17
N THR A 721 -39.19 44.97 -4.43
CA THR A 721 -40.30 45.81 -4.88
C THR A 721 -41.57 45.50 -4.11
N VAL A 722 -42.28 46.56 -3.72
CA VAL A 722 -43.53 46.47 -2.98
C VAL A 722 -44.60 47.20 -3.76
N ILE A 723 -45.77 46.58 -3.90
CA ILE A 723 -46.90 47.13 -4.63
C ILE A 723 -48.07 47.25 -3.65
N HIS A 724 -48.67 48.43 -3.58
CA HIS A 724 -49.80 48.67 -2.69
C HIS A 724 -50.70 49.72 -3.31
N ALA A 725 -51.96 49.73 -2.88
CA ALA A 725 -52.95 50.67 -3.38
C ALA A 725 -53.82 51.18 -2.23
N ALA B 111 43.66 -24.50 26.23
CA ALA B 111 44.49 -25.29 25.27
C ALA B 111 44.74 -26.70 25.83
N ASN B 112 44.94 -27.65 24.93
CA ASN B 112 45.18 -29.04 25.29
C ASN B 112 46.16 -29.67 24.31
N PHE B 113 47.19 -30.31 24.85
CA PHE B 113 48.17 -30.99 24.02
C PHE B 113 47.56 -32.27 23.45
N TYR B 114 48.25 -32.87 22.48
CA TYR B 114 47.75 -34.09 21.86
C TYR B 114 48.87 -35.04 21.50
N VAL B 115 48.66 -36.32 21.78
CA VAL B 115 49.59 -37.39 21.47
C VAL B 115 48.97 -38.15 20.30
N CYS B 116 49.62 -38.12 19.15
CA CYS B 116 49.12 -38.76 17.93
C CYS B 116 49.92 -40.01 17.55
N PRO B 117 49.40 -41.21 17.77
CA PRO B 117 50.12 -42.42 17.35
C PRO B 117 50.15 -42.51 15.83
N PRO B 118 51.16 -43.16 15.24
CA PRO B 118 51.20 -43.27 13.77
C PRO B 118 49.97 -43.97 13.24
N PRO B 119 49.30 -43.44 12.21
CA PRO B 119 48.10 -44.13 11.69
C PRO B 119 48.47 -45.34 10.85
N THR B 120 47.44 -46.10 10.49
CA THR B 120 47.58 -47.29 9.68
C THR B 120 46.36 -47.41 8.77
N GLY B 121 46.36 -48.46 7.94
CA GLY B 121 45.28 -48.68 7.00
C GLY B 121 43.96 -49.15 7.57
N ALA B 122 43.83 -49.19 8.90
CA ALA B 122 42.58 -49.63 9.50
C ALA B 122 41.43 -48.68 9.18
N THR B 123 41.65 -47.38 9.29
CA THR B 123 40.65 -46.37 9.00
C THR B 123 41.15 -45.50 7.85
N VAL B 124 40.29 -45.30 6.85
CA VAL B 124 40.61 -44.52 5.66
C VAL B 124 39.50 -43.52 5.41
N VAL B 125 39.86 -42.32 4.99
CA VAL B 125 38.92 -41.24 4.70
C VAL B 125 39.31 -40.58 3.39
N GLN B 126 38.31 -40.08 2.66
CA GLN B 126 38.51 -39.42 1.37
C GLN B 126 37.70 -38.13 1.31
N PHE B 127 38.07 -37.27 0.37
CA PHE B 127 37.38 -36.01 0.19
C PHE B 127 36.20 -36.17 -0.78
N GLU B 128 35.33 -35.17 -0.78
CA GLU B 128 34.16 -35.21 -1.66
C GLU B 128 34.51 -34.65 -3.03
N GLN B 129 33.92 -35.24 -4.06
CA GLN B 129 34.17 -34.79 -5.42
C GLN B 129 33.43 -33.47 -5.68
N PRO B 130 33.82 -32.73 -6.73
CA PRO B 130 33.13 -31.47 -7.01
C PRO B 130 31.64 -31.67 -7.27
N ARG B 131 30.83 -30.84 -6.61
CA ARG B 131 29.38 -30.94 -6.77
C ARG B 131 28.93 -30.12 -7.97
N ARG B 132 27.94 -30.64 -8.70
CA ARG B 132 27.41 -29.91 -9.83
C ARG B 132 26.66 -28.70 -9.30
N CYS B 133 27.00 -27.52 -9.80
CA CYS B 133 26.36 -26.30 -9.30
C CYS B 133 24.94 -26.14 -9.84
N PRO B 134 24.09 -25.39 -9.15
CA PRO B 134 22.72 -25.21 -9.64
C PRO B 134 22.69 -24.41 -10.92
N THR B 135 21.65 -24.66 -11.73
CA THR B 135 21.49 -23.94 -12.98
C THR B 135 21.10 -22.50 -12.70
N ARG B 136 21.47 -21.61 -13.61
CA ARG B 136 21.15 -20.20 -13.46
C ARG B 136 19.63 -20.03 -13.37
N PRO B 137 19.13 -19.15 -12.51
CA PRO B 137 17.67 -18.98 -12.43
C PRO B 137 17.10 -18.49 -13.75
N GLU B 138 15.93 -19.02 -14.10
CA GLU B 138 15.28 -18.64 -15.35
C GLU B 138 14.69 -17.24 -15.25
N GLY B 139 14.96 -16.43 -16.26
CA GLY B 139 14.44 -15.07 -16.27
C GLY B 139 12.96 -15.04 -16.59
N GLN B 140 12.36 -13.87 -16.33
CA GLN B 140 10.94 -13.71 -16.58
C GLN B 140 10.65 -13.77 -18.08
N ASN B 141 9.54 -14.42 -18.43
CA ASN B 141 9.11 -14.57 -19.82
C ASN B 141 8.15 -13.46 -20.22
N TYR B 142 8.63 -12.21 -20.18
CA TYR B 142 7.79 -11.07 -20.52
C TYR B 142 7.56 -10.97 -22.02
N THR B 143 6.48 -10.28 -22.38
CA THR B 143 6.10 -10.03 -23.76
C THR B 143 5.60 -8.59 -23.85
N GLU B 144 6.43 -7.72 -24.42
CA GLU B 144 6.09 -6.31 -24.53
C GLU B 144 4.79 -6.11 -25.31
N GLY B 145 4.00 -5.15 -24.85
CA GLY B 145 2.74 -4.83 -25.50
C GLY B 145 2.08 -3.64 -24.85
N ILE B 146 1.30 -2.92 -25.65
CA ILE B 146 0.56 -1.75 -25.21
C ILE B 146 -0.68 -2.25 -24.48
N ALA B 147 -1.13 -1.48 -23.48
CA ALA B 147 -2.31 -1.89 -22.71
C ALA B 147 -3.09 -0.67 -22.23
N VAL B 148 -4.40 -0.88 -22.09
CA VAL B 148 -5.34 0.13 -21.60
C VAL B 148 -6.20 -0.55 -20.55
N VAL B 149 -6.19 -0.01 -19.33
CA VAL B 149 -6.95 -0.57 -18.22
C VAL B 149 -8.28 0.16 -18.10
N PHE B 150 -9.36 -0.61 -17.95
CA PHE B 150 -10.70 -0.08 -17.82
C PHE B 150 -11.24 -0.41 -16.44
N LYS B 151 -12.07 0.50 -15.91
CA LYS B 151 -12.68 0.35 -14.59
C LYS B 151 -14.19 0.52 -14.72
N GLU B 152 -14.91 0.06 -13.71
CA GLU B 152 -16.36 0.18 -13.72
C GLU B 152 -16.75 1.65 -13.76
N ASN B 153 -17.66 2.00 -14.67
CA ASN B 153 -18.09 3.38 -14.84
C ASN B 153 -19.12 3.72 -13.77
N ILE B 154 -18.74 4.61 -12.84
CA ILE B 154 -19.63 5.04 -11.78
C ILE B 154 -20.20 6.43 -12.06
N ALA B 155 -19.63 7.17 -13.00
CA ALA B 155 -20.14 8.51 -13.31
C ALA B 155 -21.50 8.40 -13.99
N PRO B 156 -22.54 9.09 -13.50
CA PRO B 156 -23.84 9.00 -14.18
C PRO B 156 -23.81 9.62 -15.56
N TYR B 157 -24.68 9.12 -16.44
CA TYR B 157 -24.76 9.65 -17.79
C TYR B 157 -25.30 11.08 -17.72
N LYS B 158 -24.47 12.05 -18.11
CA LYS B 158 -24.82 13.46 -18.07
C LYS B 158 -25.13 13.99 -19.46
N PHE B 159 -26.27 14.66 -19.60
CA PHE B 159 -26.70 15.25 -20.85
C PHE B 159 -27.47 16.53 -20.55
N LYS B 160 -27.49 17.43 -21.52
CA LYS B 160 -28.17 18.71 -21.38
C LYS B 160 -29.65 18.59 -21.70
N ALA B 161 -30.48 19.27 -20.91
CA ALA B 161 -31.92 19.27 -21.06
C ALA B 161 -32.45 20.66 -20.74
N THR B 162 -33.65 20.97 -21.25
CA THR B 162 -34.30 22.25 -21.04
C THR B 162 -35.66 22.03 -20.42
N MET B 163 -35.94 22.75 -19.33
CA MET B 163 -37.20 22.65 -18.62
C MET B 163 -38.11 23.81 -19.02
N TYR B 164 -39.42 23.56 -19.02
CA TYR B 164 -40.42 24.56 -19.35
C TYR B 164 -41.58 24.42 -18.39
N TYR B 165 -41.87 25.48 -17.65
CA TYR B 165 -42.98 25.44 -16.69
C TYR B 165 -43.37 26.87 -16.34
N LYS B 166 -44.57 27.00 -15.80
CA LYS B 166 -45.13 28.28 -15.38
C LYS B 166 -45.42 28.24 -13.89
N ASP B 167 -44.93 29.24 -13.16
CA ASP B 167 -45.15 29.30 -11.72
C ASP B 167 -46.50 29.91 -11.39
N VAL B 168 -47.56 29.11 -11.47
CA VAL B 168 -48.90 29.59 -11.14
C VAL B 168 -48.94 29.89 -9.65
N THR B 169 -49.30 31.13 -9.30
CA THR B 169 -49.35 31.54 -7.90
C THR B 169 -50.60 32.39 -7.69
N VAL B 170 -51.56 31.87 -6.93
CA VAL B 170 -52.79 32.56 -6.58
C VAL B 170 -52.77 32.75 -5.08
N SER B 171 -52.87 34.01 -4.65
CA SER B 171 -52.81 34.36 -3.23
C SER B 171 -54.11 35.02 -2.78
N GLN B 172 -54.50 34.74 -1.55
CA GLN B 172 -55.69 35.30 -0.92
C GLN B 172 -55.21 36.37 0.06
N VAL B 173 -55.71 37.59 -0.10
CA VAL B 173 -55.32 38.72 0.74
C VAL B 173 -56.53 39.27 1.48
N TRP B 174 -56.37 39.50 2.77
CA TRP B 174 -57.39 40.08 3.63
C TRP B 174 -57.01 41.51 3.92
N PHE B 175 -57.88 42.43 3.55
CA PHE B 175 -57.65 43.88 3.72
C PHE B 175 -58.39 44.35 4.97
N GLY B 176 -57.62 44.70 5.99
CA GLY B 176 -58.20 45.19 7.22
C GLY B 176 -58.41 46.69 7.19
N HIS B 177 -58.76 47.24 8.36
CA HIS B 177 -58.97 48.67 8.45
C HIS B 177 -57.69 49.45 8.25
N ARG B 178 -56.56 48.91 8.70
CA ARG B 178 -55.26 49.59 8.57
C ARG B 178 -54.12 48.64 8.22
N TYR B 179 -54.40 47.44 7.72
CA TYR B 179 -53.33 46.51 7.39
C TYR B 179 -53.82 45.51 6.36
N SER B 180 -52.85 44.79 5.78
CA SER B 180 -53.09 43.77 4.77
C SER B 180 -52.43 42.48 5.26
N GLN B 181 -53.04 41.35 4.95
CA GLN B 181 -52.51 40.06 5.39
C GLN B 181 -52.81 38.99 4.34
N PHE B 182 -51.90 38.02 4.24
CA PHE B 182 -52.05 36.91 3.30
C PHE B 182 -52.79 35.77 3.99
N MET B 183 -54.05 35.56 3.61
CA MET B 183 -54.83 34.49 4.20
C MET B 183 -54.51 33.13 3.58
N GLY B 184 -53.69 33.09 2.52
CA GLY B 184 -53.34 31.84 1.89
C GLY B 184 -52.70 32.04 0.53
N ILE B 185 -51.66 31.28 0.24
CA ILE B 185 -50.94 31.35 -1.03
C ILE B 185 -50.81 29.93 -1.56
N PHE B 186 -51.15 29.74 -2.84
CA PHE B 186 -51.09 28.44 -3.50
C PHE B 186 -50.15 28.54 -4.69
N GLU B 187 -48.99 27.90 -4.58
CA GLU B 187 -47.97 27.90 -5.62
C GLU B 187 -47.99 26.55 -6.32
N ASP B 188 -47.94 26.57 -7.66
CA ASP B 188 -47.97 25.35 -8.45
C ASP B 188 -47.19 25.57 -9.73
N ARG B 189 -46.46 24.53 -10.16
CA ARG B 189 -45.66 24.58 -11.38
C ARG B 189 -46.49 23.94 -12.50
N ALA B 190 -47.05 24.77 -13.36
CA ALA B 190 -47.87 24.28 -14.46
C ALA B 190 -46.99 23.95 -15.68
N PRO B 191 -47.14 22.77 -16.29
CA PRO B 191 -46.31 22.45 -17.45
C PRO B 191 -46.78 23.22 -18.68
N VAL B 192 -45.88 23.33 -19.65
CA VAL B 192 -46.14 24.02 -20.91
C VAL B 192 -46.46 22.97 -21.97
N PRO B 193 -47.54 23.12 -22.74
CA PRO B 193 -47.85 22.10 -23.75
C PRO B 193 -46.88 22.13 -24.91
N PHE B 194 -46.87 21.04 -25.68
CA PHE B 194 -45.99 20.93 -26.84
C PHE B 194 -46.27 22.04 -27.84
N GLU B 195 -47.55 22.36 -28.05
CA GLU B 195 -47.90 23.41 -29.01
C GLU B 195 -47.27 24.74 -28.62
N GLU B 196 -47.27 25.07 -27.33
CA GLU B 196 -46.68 26.34 -26.90
C GLU B 196 -45.15 26.26 -26.92
N VAL B 197 -44.58 25.12 -26.58
CA VAL B 197 -43.12 25.00 -26.57
C VAL B 197 -42.57 25.10 -27.99
N ILE B 198 -43.34 24.66 -28.98
CA ILE B 198 -42.87 24.67 -30.36
C ILE B 198 -43.28 25.95 -31.09
N ASP B 199 -44.59 26.19 -31.18
CA ASP B 199 -45.13 27.34 -31.92
C ASP B 199 -45.01 28.68 -31.22
N LYS B 200 -44.74 28.74 -29.91
CA LYS B 200 -44.65 30.02 -29.21
C LYS B 200 -43.28 30.28 -28.61
N ILE B 201 -42.72 29.36 -27.83
CA ILE B 201 -41.43 29.60 -27.20
C ILE B 201 -40.29 29.42 -28.21
N ASN B 202 -40.24 28.27 -28.86
CA ASN B 202 -39.16 28.02 -29.82
C ASN B 202 -39.35 28.81 -31.11
N ALA B 203 -40.59 28.93 -31.58
CA ALA B 203 -40.83 29.63 -32.84
C ALA B 203 -40.73 31.14 -32.70
N LYS B 204 -41.26 31.72 -31.61
CA LYS B 204 -41.24 33.16 -31.43
C LYS B 204 -40.67 33.66 -30.10
N GLY B 205 -40.26 32.78 -29.20
CA GLY B 205 -39.70 33.24 -27.94
C GLY B 205 -40.69 33.95 -27.04
N VAL B 206 -41.93 33.48 -26.98
CA VAL B 206 -42.96 34.07 -26.14
C VAL B 206 -43.78 32.96 -25.50
N CYS B 207 -44.38 33.29 -24.35
CA CYS B 207 -45.21 32.36 -23.59
C CYS B 207 -46.61 32.94 -23.45
N ARG B 208 -47.59 32.03 -23.47
CA ARG B 208 -48.97 32.47 -23.29
C ARG B 208 -49.14 32.99 -21.86
N SER B 209 -49.97 34.00 -21.69
CA SER B 209 -50.19 34.57 -20.37
C SER B 209 -51.18 33.76 -19.54
N THR B 210 -51.51 32.53 -19.96
CA THR B 210 -52.43 31.67 -19.25
C THR B 210 -51.81 30.28 -19.12
N ALA B 211 -52.17 29.58 -18.05
CA ALA B 211 -51.67 28.25 -17.77
C ALA B 211 -52.82 27.25 -17.74
N LYS B 212 -52.93 26.43 -18.78
CA LYS B 212 -53.96 25.42 -18.92
C LYS B 212 -53.29 24.07 -18.71
N TYR B 213 -53.73 23.32 -17.70
CA TYR B 213 -53.13 22.03 -17.40
C TYR B 213 -54.08 21.22 -16.54
N VAL B 214 -53.70 19.97 -16.29
CA VAL B 214 -54.50 19.07 -15.47
C VAL B 214 -53.85 18.93 -14.11
N ARG B 215 -54.66 19.11 -13.05
CA ARG B 215 -54.19 19.01 -11.69
C ARG B 215 -55.28 18.37 -10.86
N ASN B 216 -54.97 17.24 -10.23
CA ASN B 216 -55.92 16.51 -9.40
C ASN B 216 -57.17 16.15 -10.19
N ASN B 217 -56.96 15.74 -11.44
CA ASN B 217 -58.01 15.33 -12.37
C ASN B 217 -58.97 16.45 -12.75
N LEU B 218 -58.50 17.70 -12.83
CA LEU B 218 -59.33 18.83 -13.19
C LEU B 218 -58.58 19.72 -14.18
N GLU B 219 -59.29 20.18 -15.20
CA GLU B 219 -58.71 21.06 -16.23
C GLU B 219 -58.74 22.47 -15.69
N THR B 220 -57.69 22.85 -14.98
CA THR B 220 -57.55 24.17 -14.39
C THR B 220 -56.95 25.13 -15.40
N THR B 221 -57.44 26.38 -15.40
CA THR B 221 -56.97 27.43 -16.31
C THR B 221 -56.70 28.67 -15.48
N ALA B 222 -55.43 29.07 -15.40
CA ALA B 222 -55.01 30.24 -14.65
C ALA B 222 -54.65 31.36 -15.62
N PHE B 223 -55.08 32.58 -15.29
CA PHE B 223 -54.83 33.76 -16.11
C PHE B 223 -53.95 34.73 -15.34
N HIS B 224 -52.91 35.24 -15.99
CA HIS B 224 -52.02 36.18 -15.33
C HIS B 224 -52.74 37.50 -15.11
N ARG B 225 -52.80 37.93 -13.84
CA ARG B 225 -53.49 39.16 -13.46
C ARG B 225 -54.96 39.15 -13.86
N ASP B 226 -55.53 37.96 -14.06
CA ASP B 226 -56.92 37.80 -14.46
C ASP B 226 -57.22 38.52 -15.79
N ASP B 227 -56.19 38.76 -16.59
CA ASP B 227 -56.36 39.44 -17.87
C ASP B 227 -56.51 38.41 -18.99
N HIS B 228 -56.87 38.91 -20.17
CA HIS B 228 -57.05 38.05 -21.32
C HIS B 228 -55.70 37.49 -21.77
N GLU B 229 -55.75 36.41 -22.54
CA GLU B 229 -54.53 35.79 -23.04
C GLU B 229 -53.72 36.77 -23.87
N THR B 230 -52.42 36.81 -23.63
CA THR B 230 -51.52 37.71 -24.34
C THR B 230 -50.15 37.06 -24.44
N ASP B 231 -49.44 37.36 -25.53
CA ASP B 231 -48.11 36.82 -25.73
C ASP B 231 -47.10 37.65 -24.94
N MET B 232 -46.41 37.01 -24.01
CA MET B 232 -45.43 37.67 -23.16
C MET B 232 -44.01 37.34 -23.64
N GLU B 233 -43.21 38.37 -23.84
CA GLU B 233 -41.84 38.18 -24.29
C GLU B 233 -40.97 37.64 -23.17
N LEU B 234 -40.14 36.64 -23.49
CA LEU B 234 -39.25 36.04 -22.52
C LEU B 234 -37.97 36.86 -22.41
N LYS B 235 -37.51 37.06 -21.17
CA LYS B 235 -36.31 37.83 -20.91
C LYS B 235 -35.39 37.03 -19.98
N PRO B 236 -34.09 37.31 -19.98
CA PRO B 236 -33.19 36.56 -19.10
C PRO B 236 -33.47 36.81 -17.64
N ALA B 237 -33.18 35.79 -16.82
CA ALA B 237 -33.39 35.89 -15.39
C ALA B 237 -32.25 36.68 -14.74
N ASN B 238 -32.43 37.01 -13.47
CA ASN B 238 -31.41 37.75 -12.75
C ASN B 238 -30.13 36.92 -12.65
N ALA B 239 -28.99 37.62 -12.70
CA ALA B 239 -27.69 36.95 -12.62
C ALA B 239 -27.52 36.23 -11.30
N ALA B 240 -26.90 35.05 -11.37
CA ALA B 240 -26.63 34.24 -10.19
C ALA B 240 -25.35 33.46 -10.44
N THR B 241 -24.47 33.44 -9.44
CA THR B 241 -23.21 32.73 -9.58
C THR B 241 -23.42 31.23 -9.63
N ARG B 242 -22.70 30.59 -10.55
CA ARG B 242 -22.75 29.14 -10.75
C ARG B 242 -24.18 28.65 -10.99
N THR B 243 -24.78 29.14 -12.08
CA THR B 243 -26.13 28.77 -12.47
C THR B 243 -26.24 28.79 -13.99
N SER B 244 -27.02 27.86 -14.52
CA SER B 244 -27.21 27.78 -15.96
C SER B 244 -28.15 28.89 -16.43
N ARG B 245 -28.21 29.08 -17.74
CA ARG B 245 -29.06 30.11 -18.32
C ARG B 245 -30.52 29.83 -18.04
N GLY B 246 -31.28 30.91 -17.81
CA GLY B 246 -32.70 30.79 -17.53
C GLY B 246 -33.40 32.06 -17.96
N TRP B 247 -34.67 31.93 -18.33
CA TRP B 247 -35.47 33.06 -18.77
C TRP B 247 -36.86 32.98 -18.15
N HIS B 248 -37.50 34.14 -18.02
CA HIS B 248 -38.84 34.22 -17.46
C HIS B 248 -39.56 35.41 -18.08
N THR B 249 -40.89 35.40 -17.98
CA THR B 249 -41.72 36.45 -18.55
C THR B 249 -42.19 37.48 -17.54
N THR B 250 -42.39 37.09 -16.27
CA THR B 250 -42.86 37.99 -15.24
C THR B 250 -41.90 37.99 -14.07
N ASP B 251 -41.82 39.14 -13.38
CA ASP B 251 -40.96 39.33 -12.23
C ASP B 251 -41.74 39.72 -10.98
N LEU B 252 -42.66 40.68 -11.09
CA LEU B 252 -43.45 41.12 -9.95
C LEU B 252 -44.68 40.25 -9.75
N LYS B 253 -44.90 39.81 -8.51
CA LYS B 253 -46.07 38.99 -8.21
C LYS B 253 -47.29 39.90 -8.10
N TYR B 254 -48.42 39.43 -8.62
CA TYR B 254 -49.65 40.21 -8.62
C TYR B 254 -50.55 39.83 -7.44
N ASN B 255 -51.18 40.85 -6.87
CA ASN B 255 -52.12 40.71 -5.76
C ASN B 255 -53.32 41.60 -6.07
N PRO B 256 -54.48 41.30 -5.49
CA PRO B 256 -55.66 42.12 -5.77
C PRO B 256 -55.56 43.52 -5.20
N SER B 257 -56.35 44.45 -5.75
CA SER B 257 -56.38 45.84 -5.23
C SER B 257 -56.96 45.83 -3.82
N ARG B 258 -56.75 46.90 -3.04
CA ARG B 258 -57.18 46.96 -1.62
C ARG B 258 -58.66 47.36 -1.52
N VAL B 259 -59.53 46.46 -1.04
CA VAL B 259 -60.96 46.80 -0.78
C VAL B 259 -61.23 46.41 0.68
N GLU B 260 -61.81 47.30 1.49
CA GLU B 260 -61.96 47.07 2.95
C GLU B 260 -62.73 45.79 3.30
N ALA B 261 -62.48 45.23 4.49
CA ALA B 261 -63.16 44.02 5.01
C ALA B 261 -63.63 43.11 3.88
N PHE B 262 -62.71 42.67 3.03
CA PHE B 262 -63.06 41.72 1.93
C PHE B 262 -61.89 40.86 1.60
N HIS B 263 -62.14 39.60 1.25
CA HIS B 263 -61.07 38.69 0.78
C HIS B 263 -61.06 38.79 -0.75
N ARG B 264 -59.90 38.75 -1.37
CA ARG B 264 -59.73 38.80 -2.81
C ARG B 264 -58.64 37.83 -3.24
N TYR B 265 -58.79 37.29 -4.43
CA TYR B 265 -57.85 36.33 -5.01
C TYR B 265 -57.18 36.91 -6.23
N GLY B 266 -55.85 36.90 -6.24
CA GLY B 266 -55.06 37.42 -7.34
C GLY B 266 -54.15 36.34 -7.89
N THR B 267 -54.34 35.97 -9.16
CA THR B 267 -53.55 34.93 -9.80
C THR B 267 -52.35 35.51 -10.53
N THR B 268 -51.24 34.78 -10.50
CA THR B 268 -50.00 35.16 -11.16
C THR B 268 -49.47 33.96 -11.91
N VAL B 269 -49.18 34.15 -13.20
CA VAL B 269 -48.65 33.09 -14.07
C VAL B 269 -47.36 33.63 -14.67
N ASN B 270 -46.24 33.04 -14.29
CA ASN B 270 -44.92 33.45 -14.76
C ASN B 270 -44.28 32.31 -15.54
N CYS B 271 -44.27 32.41 -16.87
CA CYS B 271 -43.65 31.37 -17.69
C CYS B 271 -42.16 31.35 -17.40
N ILE B 272 -41.62 30.15 -17.19
CA ILE B 272 -40.20 29.98 -16.88
C ILE B 272 -39.63 28.85 -17.73
N VAL B 273 -38.46 29.11 -18.31
CA VAL B 273 -37.73 28.15 -19.12
C VAL B 273 -36.29 28.18 -18.63
N GLU B 274 -35.72 27.00 -18.40
CA GLU B 274 -34.35 26.90 -17.88
C GLU B 274 -33.59 25.76 -18.53
N GLU B 275 -32.27 25.91 -18.59
CA GLU B 275 -31.39 24.88 -19.11
C GLU B 275 -30.79 24.16 -17.91
N VAL B 276 -31.15 22.88 -17.75
CA VAL B 276 -30.69 22.09 -16.61
C VAL B 276 -29.86 20.91 -17.08
N ASP B 277 -28.94 20.48 -16.21
CA ASP B 277 -28.08 19.34 -16.50
C ASP B 277 -28.74 18.08 -15.97
N ALA B 278 -29.11 17.18 -16.89
CA ALA B 278 -29.76 15.93 -16.54
C ALA B 278 -28.71 14.86 -16.28
N ARG B 279 -29.04 13.96 -15.34
CA ARG B 279 -28.16 12.87 -14.95
C ARG B 279 -28.95 11.57 -14.93
N SER B 280 -28.26 10.48 -15.24
CA SER B 280 -28.89 9.15 -15.26
C SER B 280 -27.84 8.11 -14.94
N VAL B 281 -28.30 6.98 -14.39
CA VAL B 281 -27.45 5.86 -14.02
C VAL B 281 -28.04 4.57 -14.58
N TYR B 282 -27.21 3.53 -14.58
CA TYR B 282 -27.64 2.23 -15.08
C TYR B 282 -28.84 1.74 -14.28
N PRO B 283 -29.84 1.10 -14.92
CA PRO B 283 -30.00 0.75 -16.35
C PRO B 283 -30.42 1.91 -17.25
N TYR B 284 -30.28 3.16 -16.79
CA TYR B 284 -30.64 4.34 -17.58
C TYR B 284 -32.13 4.35 -17.95
N ASP B 285 -32.98 3.83 -17.07
CA ASP B 285 -34.42 3.81 -17.32
C ASP B 285 -35.11 5.08 -16.84
N GLU B 286 -34.39 5.98 -16.18
CA GLU B 286 -34.94 7.23 -15.69
C GLU B 286 -33.79 8.21 -15.48
N PHE B 287 -34.12 9.49 -15.39
CA PHE B 287 -33.11 10.52 -15.20
C PHE B 287 -33.67 11.63 -14.32
N VAL B 288 -32.76 12.35 -13.67
CA VAL B 288 -33.08 13.46 -12.79
C VAL B 288 -32.61 14.74 -13.46
N LEU B 289 -33.05 15.87 -12.90
CA LEU B 289 -32.71 17.19 -13.40
C LEU B 289 -31.96 17.96 -12.34
N ALA B 290 -31.36 19.08 -12.75
CA ALA B 290 -30.61 19.90 -11.80
C ALA B 290 -31.48 20.43 -10.68
N THR B 291 -32.79 20.53 -10.89
CA THR B 291 -33.71 21.02 -9.86
C THR B 291 -34.14 19.94 -8.89
N GLY B 292 -33.61 18.72 -9.02
CA GLY B 292 -33.98 17.64 -8.13
C GLY B 292 -35.25 16.91 -8.50
N ASP B 293 -35.84 17.20 -9.66
CA ASP B 293 -37.06 16.54 -10.09
C ASP B 293 -36.73 15.29 -10.87
N PHE B 294 -37.41 14.19 -10.53
CA PHE B 294 -37.20 12.92 -11.22
C PHE B 294 -38.09 12.82 -12.46
N VAL B 295 -37.55 12.19 -13.50
CA VAL B 295 -38.26 11.96 -14.75
C VAL B 295 -38.21 10.47 -15.01
N TYR B 296 -39.34 9.81 -14.84
CA TYR B 296 -39.43 8.35 -15.02
C TYR B 296 -39.61 7.97 -16.48
N MET B 297 -38.54 8.18 -17.25
CA MET B 297 -38.49 7.88 -18.67
C MET B 297 -37.03 7.77 -19.06
N SER B 298 -36.71 6.76 -19.86
CA SER B 298 -35.34 6.59 -20.29
C SER B 298 -34.91 7.77 -21.14
N PRO B 299 -33.69 8.29 -20.96
CA PRO B 299 -33.27 9.44 -21.79
C PRO B 299 -33.23 9.12 -23.28
N PHE B 300 -33.09 7.85 -23.64
CA PHE B 300 -33.01 7.42 -25.04
C PHE B 300 -34.35 6.93 -25.59
N TYR B 301 -35.44 7.13 -24.85
CA TYR B 301 -36.75 6.70 -25.34
C TYR B 301 -37.13 7.48 -26.59
N GLY B 302 -37.76 6.80 -27.53
CA GLY B 302 -38.18 7.45 -28.76
C GLY B 302 -38.91 6.48 -29.65
N TYR B 303 -39.32 6.99 -30.82
CA TYR B 303 -40.05 6.18 -31.79
C TYR B 303 -39.14 5.59 -32.85
N ARG B 304 -37.91 6.08 -32.98
CA ARG B 304 -37.00 5.63 -34.01
C ARG B 304 -36.04 4.53 -33.56
N GLU B 305 -35.66 3.70 -34.54
CA GLU B 305 -34.70 2.59 -34.43
C GLU B 305 -34.75 1.84 -33.09
N GLY B 306 -35.91 1.25 -32.80
CA GLY B 306 -36.09 0.46 -31.60
C GLY B 306 -36.09 1.20 -30.29
N SER B 307 -36.09 2.53 -30.30
CA SER B 307 -36.10 3.26 -29.04
C SER B 307 -37.41 3.09 -28.29
N HIS B 308 -38.46 2.64 -28.95
CA HIS B 308 -39.74 2.45 -28.28
C HIS B 308 -39.70 1.36 -27.21
N THR B 309 -38.70 0.49 -27.23
CA THR B 309 -38.59 -0.58 -26.23
C THR B 309 -38.05 -0.09 -24.90
N GLU B 310 -37.62 1.17 -24.80
CA GLU B 310 -37.08 1.67 -23.54
C GLU B 310 -38.20 1.83 -22.51
N HIS B 311 -37.78 1.96 -21.26
CA HIS B 311 -38.73 2.11 -20.16
C HIS B 311 -39.43 3.47 -20.21
N THR B 312 -40.70 3.47 -19.82
CA THR B 312 -41.52 4.67 -19.78
C THR B 312 -42.67 4.44 -18.82
N SER B 313 -42.95 5.45 -18.00
CA SER B 313 -44.02 5.38 -17.01
C SER B 313 -45.21 6.29 -17.33
N TYR B 314 -45.04 7.25 -18.25
CA TYR B 314 -46.09 8.17 -18.63
C TYR B 314 -46.87 7.64 -19.82
N ALA B 315 -48.05 8.22 -20.04
CA ALA B 315 -48.90 7.80 -21.14
C ALA B 315 -48.27 8.17 -22.47
N ALA B 316 -48.81 7.58 -23.54
CA ALA B 316 -48.28 7.84 -24.88
C ALA B 316 -48.47 9.30 -25.29
N ASP B 317 -49.62 9.89 -24.96
CA ASP B 317 -49.90 11.27 -25.31
C ASP B 317 -49.02 12.27 -24.57
N ARG B 318 -48.34 11.85 -23.50
CA ARG B 318 -47.49 12.76 -22.74
C ARG B 318 -46.08 12.90 -23.33
N PHE B 319 -45.75 12.16 -24.38
CA PHE B 319 -44.43 12.22 -24.99
C PHE B 319 -44.56 12.59 -26.47
N LYS B 320 -43.63 13.41 -26.95
CA LYS B 320 -43.61 13.85 -28.34
C LYS B 320 -42.17 13.98 -28.82
N GLN B 321 -41.92 13.49 -30.03
CA GLN B 321 -40.61 13.55 -30.66
C GLN B 321 -40.73 14.35 -31.94
N VAL B 322 -39.81 15.28 -32.14
CA VAL B 322 -39.79 16.16 -33.32
C VAL B 322 -38.45 15.99 -34.02
N ASP B 323 -38.51 15.73 -35.33
CA ASP B 323 -37.30 15.58 -36.13
C ASP B 323 -36.97 16.89 -36.83
N GLY B 324 -35.68 17.10 -37.09
CA GLY B 324 -35.28 18.33 -37.73
C GLY B 324 -35.61 19.56 -36.93
N PHE B 325 -35.48 19.48 -35.60
CA PHE B 325 -35.80 20.60 -34.73
C PHE B 325 -34.62 21.57 -34.63
N TYR B 326 -34.88 22.83 -34.96
CA TYR B 326 -33.87 23.89 -34.91
C TYR B 326 -34.11 24.66 -33.62
N ALA B 327 -33.23 24.47 -32.65
CA ALA B 327 -33.36 25.13 -31.35
C ALA B 327 -33.18 26.63 -31.49
N ARG B 328 -34.10 27.39 -30.89
CA ARG B 328 -34.04 28.85 -30.92
C ARG B 328 -33.34 29.33 -29.65
N ASP B 329 -32.25 30.07 -29.83
CA ASP B 329 -31.48 30.60 -28.71
C ASP B 329 -32.14 31.90 -28.24
N LEU B 330 -32.81 31.84 -27.10
CA LEU B 330 -33.49 33.00 -26.54
C LEU B 330 -32.49 34.09 -26.17
N ALA B 338 -28.05 23.88 -36.89
CA ALA B 338 -28.11 22.54 -37.47
C ALA B 338 -29.33 21.79 -36.92
N PRO B 339 -29.90 20.87 -37.70
CA PRO B 339 -31.07 20.13 -37.23
C PRO B 339 -30.71 19.12 -36.15
N THR B 340 -31.69 18.86 -35.27
CA THR B 340 -31.51 17.92 -34.17
C THR B 340 -32.84 17.24 -33.89
N THR B 341 -32.76 16.05 -33.29
CA THR B 341 -33.93 15.27 -32.92
C THR B 341 -34.26 15.64 -31.48
N ARG B 342 -35.35 16.38 -31.29
CA ARG B 342 -35.77 16.86 -29.99
C ARG B 342 -36.88 16.00 -29.41
N ASN B 343 -36.71 15.59 -28.17
CA ASN B 343 -37.71 14.81 -27.45
C ASN B 343 -38.43 15.75 -26.50
N LEU B 344 -39.73 15.50 -26.28
CA LEU B 344 -40.52 16.34 -25.39
C LEU B 344 -41.43 15.46 -24.54
N LEU B 345 -41.45 15.74 -23.24
CA LEU B 345 -42.26 15.02 -22.27
C LEU B 345 -42.96 16.02 -21.38
N THR B 346 -44.26 15.86 -21.22
CA THR B 346 -45.07 16.76 -20.39
C THR B 346 -45.37 16.07 -19.06
N THR B 347 -44.51 16.33 -18.07
CA THR B 347 -44.70 15.75 -16.75
C THR B 347 -45.83 16.49 -16.05
N PRO B 348 -46.36 15.93 -14.95
CA PRO B 348 -47.47 16.61 -14.24
C PRO B 348 -47.11 17.98 -13.71
N LYS B 349 -45.83 18.30 -13.51
CA LYS B 349 -45.42 19.60 -12.97
C LYS B 349 -44.48 20.39 -13.88
N PHE B 350 -44.05 19.84 -15.01
CA PHE B 350 -43.13 20.57 -15.88
C PHE B 350 -42.98 19.81 -17.19
N THR B 351 -42.41 20.49 -18.17
CA THR B 351 -42.13 19.94 -19.49
C THR B 351 -40.63 20.01 -19.74
N VAL B 352 -40.03 18.87 -20.06
CA VAL B 352 -38.59 18.77 -20.30
C VAL B 352 -38.36 18.44 -21.76
N ALA B 353 -37.32 19.04 -22.33
CA ALA B 353 -36.93 18.83 -23.72
C ALA B 353 -35.43 18.56 -23.77
N TRP B 354 -35.05 17.45 -24.41
CA TRP B 354 -33.65 17.09 -24.52
C TRP B 354 -33.43 16.41 -25.87
N ASP B 355 -32.23 16.62 -26.42
CA ASP B 355 -31.88 16.03 -27.70
C ASP B 355 -31.78 14.53 -27.57
N TRP B 356 -32.35 13.82 -28.55
CA TRP B 356 -32.33 12.36 -28.54
C TRP B 356 -31.09 11.82 -29.25
N VAL B 357 -30.56 10.72 -28.71
CA VAL B 357 -29.39 10.07 -29.28
C VAL B 357 -29.48 8.58 -29.01
N PRO B 358 -28.81 7.77 -29.83
CA PRO B 358 -28.86 6.31 -29.60
C PRO B 358 -28.23 5.95 -28.25
N LYS B 359 -28.70 4.86 -27.65
CA LYS B 359 -28.23 4.49 -26.27
C LYS B 359 -26.86 3.81 -26.33
N ARG B 360 -26.73 2.69 -27.04
CA ARG B 360 -25.46 1.92 -27.06
C ARG B 360 -24.26 2.85 -27.32
N PRO B 361 -24.27 3.77 -28.31
CA PRO B 361 -23.11 4.60 -28.57
C PRO B 361 -23.00 5.83 -27.67
N SER B 362 -23.86 5.96 -26.66
CA SER B 362 -23.86 7.13 -25.74
C SER B 362 -23.49 6.71 -24.31
N VAL B 363 -23.93 5.54 -23.84
CA VAL B 363 -23.67 5.09 -22.44
C VAL B 363 -22.68 3.92 -22.46
N CYS B 364 -21.84 3.81 -21.43
CA CYS B 364 -20.88 2.69 -21.30
C CYS B 364 -20.95 2.17 -19.86
N THR B 365 -20.47 0.96 -19.58
CA THR B 365 -20.42 0.39 -18.22
C THR B 365 -18.96 0.22 -17.85
N MET B 366 -18.06 0.74 -18.68
CA MET B 366 -16.60 0.68 -18.41
C MET B 366 -15.99 2.01 -18.87
N THR B 367 -15.08 2.60 -18.08
CA THR B 367 -14.42 3.85 -18.41
C THR B 367 -12.91 3.64 -18.52
N LYS B 368 -12.30 4.27 -19.52
CA LYS B 368 -10.86 4.16 -19.70
C LYS B 368 -10.16 4.79 -18.51
N TRP B 369 -9.39 3.98 -17.78
CA TRP B 369 -8.71 4.46 -16.58
C TRP B 369 -7.28 4.93 -16.84
N GLN B 370 -6.41 4.04 -17.34
CA GLN B 370 -5.01 4.37 -17.59
C GLN B 370 -4.57 3.88 -18.95
N GLU B 371 -3.64 4.61 -19.55
CA GLU B 371 -3.04 4.28 -20.84
C GLU B 371 -1.59 3.91 -20.59
N VAL B 372 -1.31 2.62 -20.51
CA VAL B 372 0.02 2.10 -20.23
C VAL B 372 0.79 1.93 -21.54
N ASP B 373 2.00 2.48 -21.59
CA ASP B 373 2.83 2.35 -22.78
C ASP B 373 3.55 1.01 -22.82
N GLU B 374 3.99 0.53 -21.65
CA GLU B 374 4.71 -0.73 -21.52
C GLU B 374 3.99 -1.59 -20.50
N MET B 375 3.35 -2.67 -20.97
CA MET B 375 2.63 -3.61 -20.13
C MET B 375 3.21 -4.99 -20.44
N LEU B 376 4.10 -5.45 -19.58
CA LEU B 376 4.74 -6.75 -19.78
C LEU B 376 3.83 -7.85 -19.26
N ARG B 377 3.58 -8.85 -20.12
CA ARG B 377 2.74 -9.98 -19.78
C ARG B 377 3.60 -11.23 -19.65
N SER B 378 3.46 -11.93 -18.53
CA SER B 378 4.21 -13.14 -18.25
C SER B 378 3.25 -14.18 -17.70
N GLU B 379 3.57 -15.45 -17.93
CA GLU B 379 2.77 -16.57 -17.48
C GLU B 379 3.56 -17.44 -16.51
N TYR B 380 3.02 -17.61 -15.32
CA TYR B 380 3.64 -18.44 -14.29
C TYR B 380 2.57 -18.78 -13.27
N GLY B 381 2.60 -20.02 -12.78
CA GLY B 381 1.61 -20.45 -11.82
C GLY B 381 0.23 -20.60 -12.43
N GLY B 382 0.16 -20.83 -13.74
CA GLY B 382 -1.11 -20.99 -14.41
C GLY B 382 -1.95 -19.74 -14.47
N SER B 383 -1.33 -18.58 -14.76
CA SER B 383 -2.08 -17.34 -14.85
C SER B 383 -1.19 -16.24 -15.40
N PHE B 384 -1.77 -15.41 -16.27
CA PHE B 384 -1.05 -14.28 -16.85
C PHE B 384 -0.93 -13.17 -15.82
N ARG B 385 0.21 -12.48 -15.83
CA ARG B 385 0.47 -11.38 -14.92
C ARG B 385 0.92 -10.17 -15.71
N PHE B 386 0.05 -9.17 -15.83
CA PHE B 386 0.32 -7.94 -16.56
C PHE B 386 0.92 -6.94 -15.57
N SER B 387 2.23 -6.73 -15.66
CA SER B 387 2.95 -5.81 -14.79
C SER B 387 3.34 -4.56 -15.56
N SER B 388 3.01 -3.39 -15.00
CA SER B 388 3.31 -2.11 -15.60
C SER B 388 4.37 -1.40 -14.76
N ASP B 389 5.53 -1.13 -15.38
CA ASP B 389 6.61 -0.46 -14.65
C ASP B 389 6.36 1.03 -14.51
N ALA B 390 5.57 1.62 -15.42
CA ALA B 390 5.32 3.07 -15.34
C ALA B 390 4.45 3.42 -14.14
N ILE B 391 3.34 2.72 -13.94
CA ILE B 391 2.44 3.00 -12.82
C ILE B 391 2.70 2.09 -11.62
N SER B 392 3.61 1.12 -11.75
CA SER B 392 3.94 0.22 -10.65
C SER B 392 2.70 -0.54 -10.19
N THR B 393 2.15 -1.35 -11.11
CA THR B 393 0.96 -2.14 -10.82
C THR B 393 1.06 -3.47 -11.53
N THR B 394 0.49 -4.51 -10.92
CA THR B 394 0.50 -5.86 -11.47
C THR B 394 -0.90 -6.44 -11.39
N PHE B 395 -1.41 -6.93 -12.52
CA PHE B 395 -2.73 -7.52 -12.63
C PHE B 395 -2.62 -8.99 -12.98
N THR B 396 -3.51 -9.81 -12.41
CA THR B 396 -3.54 -11.24 -12.64
C THR B 396 -4.84 -11.63 -13.35
N THR B 397 -4.73 -12.52 -14.33
CA THR B 397 -5.88 -12.97 -15.11
C THR B 397 -5.92 -14.50 -15.13
N ASN B 398 -6.81 -15.04 -15.98
CA ASN B 398 -7.03 -16.48 -16.13
C ASN B 398 -6.56 -17.04 -17.47
N LEU B 399 -5.77 -16.28 -18.25
CA LEU B 399 -5.26 -16.70 -19.55
C LEU B 399 -6.32 -16.78 -20.64
N THR B 400 -7.59 -16.57 -20.31
CA THR B 400 -8.68 -16.64 -21.27
C THR B 400 -9.17 -15.23 -21.58
N GLU B 401 -9.19 -14.88 -22.86
CA GLU B 401 -9.65 -13.56 -23.26
C GLU B 401 -11.11 -13.38 -22.86
N TYR B 402 -11.36 -12.40 -22.02
CA TYR B 402 -12.72 -12.13 -21.58
C TYR B 402 -13.54 -11.69 -22.78
N PRO B 403 -14.63 -12.40 -23.15
CA PRO B 403 -15.41 -11.96 -24.32
C PRO B 403 -15.98 -10.56 -24.14
N LEU B 404 -15.56 -9.62 -24.99
CA LEU B 404 -16.05 -8.26 -24.89
C LEU B 404 -17.56 -8.18 -25.10
N SER B 405 -18.14 -9.13 -25.83
CA SER B 405 -19.59 -9.12 -26.05
C SER B 405 -20.34 -9.35 -24.75
N ARG B 406 -19.69 -9.92 -23.73
CA ARG B 406 -20.33 -10.18 -22.45
C ARG B 406 -20.52 -8.91 -21.62
N VAL B 407 -19.81 -7.82 -21.96
CA VAL B 407 -19.95 -6.58 -21.21
C VAL B 407 -21.22 -5.88 -21.66
N ASP B 408 -22.08 -5.53 -20.71
CA ASP B 408 -23.32 -4.85 -21.04
C ASP B 408 -23.03 -3.41 -21.43
N LEU B 409 -23.51 -2.97 -22.60
CA LEU B 409 -23.24 -1.59 -23.09
C LEU B 409 -21.73 -1.32 -23.01
N GLY B 410 -20.94 -1.98 -23.87
CA GLY B 410 -19.46 -1.82 -23.87
C GLY B 410 -18.93 -1.56 -25.26
N ASP B 411 -19.66 -0.79 -26.09
CA ASP B 411 -19.22 -0.46 -27.47
C ASP B 411 -18.12 0.60 -27.41
N CYS B 412 -18.11 1.44 -26.38
CA CYS B 412 -17.13 2.54 -26.20
C CYS B 412 -15.75 1.98 -25.88
N ILE B 413 -15.67 0.69 -25.50
CA ILE B 413 -14.43 0.02 -25.01
C ILE B 413 -13.59 -0.47 -26.19
N GLY B 414 -14.23 -0.87 -27.29
CA GLY B 414 -13.48 -1.22 -28.49
C GLY B 414 -12.96 0.04 -29.14
N LYS B 415 -13.72 1.14 -29.03
CA LYS B 415 -13.32 2.42 -29.60
C LYS B 415 -12.24 3.08 -28.76
N ASP B 416 -12.44 3.16 -27.45
CA ASP B 416 -11.45 3.79 -26.58
C ASP B 416 -10.14 3.01 -26.55
N ALA B 417 -10.20 1.69 -26.46
CA ALA B 417 -8.99 0.88 -26.42
C ALA B 417 -8.19 1.01 -27.71
N ARG B 418 -8.86 0.94 -28.86
CA ARG B 418 -8.15 1.04 -30.13
C ARG B 418 -7.59 2.44 -30.35
N ASP B 419 -8.32 3.47 -29.92
CA ASP B 419 -7.85 4.84 -30.11
C ASP B 419 -6.54 5.07 -29.35
N ALA B 420 -6.46 4.58 -28.12
CA ALA B 420 -5.25 4.76 -27.32
C ALA B 420 -4.11 3.94 -27.88
N MET B 421 -4.40 2.71 -28.33
CA MET B 421 -3.35 1.86 -28.88
C MET B 421 -2.74 2.46 -30.14
N ASP B 422 -3.57 2.99 -31.03
CA ASP B 422 -3.05 3.59 -32.26
C ASP B 422 -2.20 4.82 -31.95
N ARG B 423 -2.65 5.65 -31.01
CA ARG B 423 -1.89 6.85 -30.66
C ARG B 423 -0.58 6.49 -29.96
N ILE B 424 -0.60 5.50 -29.09
CA ILE B 424 0.61 5.11 -28.36
C ILE B 424 1.60 4.44 -29.31
N PHE B 425 1.11 3.56 -30.18
CA PHE B 425 2.00 2.85 -31.10
C PHE B 425 2.73 3.80 -32.03
N ALA B 426 2.00 4.73 -32.65
CA ALA B 426 2.64 5.66 -33.58
C ALA B 426 3.55 6.64 -32.84
N ARG B 427 3.26 6.91 -31.58
CA ARG B 427 4.07 7.88 -30.82
C ARG B 427 5.40 7.30 -30.37
N ARG B 428 5.43 6.02 -30.00
CA ARG B 428 6.64 5.40 -29.46
C ARG B 428 7.08 4.10 -30.11
N TYR B 429 6.15 3.21 -30.49
CA TYR B 429 6.50 1.91 -31.04
C TYR B 429 6.54 1.82 -32.56
N ASN B 430 6.34 2.90 -33.30
CA ASN B 430 6.37 2.78 -34.75
C ASN B 430 7.76 2.50 -35.33
N ALA B 431 8.79 3.13 -34.77
CA ALA B 431 10.15 2.97 -35.30
C ALA B 431 10.93 1.80 -34.74
N THR B 432 10.40 1.07 -33.74
CA THR B 432 11.15 -0.05 -33.17
C THR B 432 10.37 -1.35 -32.98
N HIS B 433 9.04 -1.32 -32.89
CA HIS B 433 8.25 -2.53 -32.67
C HIS B 433 7.22 -2.69 -33.79
N ILE B 434 6.58 -3.86 -33.79
CA ILE B 434 5.57 -4.23 -34.78
C ILE B 434 4.36 -4.79 -34.04
N LYS B 435 3.17 -4.45 -34.52
CA LYS B 435 1.94 -4.95 -33.92
C LYS B 435 1.74 -6.40 -34.32
N VAL B 436 1.40 -7.24 -33.35
CA VAL B 436 1.17 -8.67 -33.58
C VAL B 436 -0.28 -8.98 -33.23
N GLY B 437 -1.08 -9.30 -34.25
CA GLY B 437 -2.47 -9.62 -34.04
C GLY B 437 -3.31 -8.42 -33.66
N GLN B 438 -4.55 -8.72 -33.27
CA GLN B 438 -5.52 -7.72 -32.86
C GLN B 438 -5.53 -7.58 -31.35
N PRO B 439 -6.17 -6.55 -30.81
CA PRO B 439 -6.21 -6.38 -29.35
C PRO B 439 -6.88 -7.56 -28.66
N GLN B 440 -6.40 -7.86 -27.46
CA GLN B 440 -6.90 -8.94 -26.62
C GLN B 440 -7.39 -8.35 -25.31
N TYR B 441 -8.61 -8.71 -24.91
CA TYR B 441 -9.22 -8.22 -23.67
C TYR B 441 -9.18 -9.34 -22.63
N TYR B 442 -8.62 -9.03 -21.46
CA TYR B 442 -8.49 -9.97 -20.36
C TYR B 442 -9.13 -9.40 -19.10
N LEU B 443 -9.86 -10.24 -18.38
CA LEU B 443 -10.49 -9.83 -17.14
C LEU B 443 -9.51 -10.11 -16.00
N ALA B 444 -8.97 -9.05 -15.40
CA ALA B 444 -8.00 -9.18 -14.34
C ALA B 444 -8.67 -9.27 -12.97
N ASN B 445 -7.90 -9.74 -11.99
CA ASN B 445 -8.38 -9.87 -10.64
C ASN B 445 -8.70 -8.49 -10.07
N GLY B 446 -9.77 -8.40 -9.29
CA GLY B 446 -10.20 -7.16 -8.70
C GLY B 446 -11.26 -6.42 -9.48
N GLY B 447 -11.55 -6.84 -10.70
CA GLY B 447 -12.57 -6.21 -11.52
C GLY B 447 -12.06 -5.23 -12.54
N PHE B 448 -10.85 -5.44 -13.06
CA PHE B 448 -10.26 -4.57 -14.07
C PHE B 448 -10.15 -5.28 -15.41
N LEU B 449 -10.70 -4.66 -16.45
CA LEU B 449 -10.66 -5.18 -17.80
C LEU B 449 -9.45 -4.55 -18.49
N ILE B 450 -8.54 -5.39 -18.94
CA ILE B 450 -7.29 -4.92 -19.56
C ILE B 450 -7.33 -5.23 -21.06
N ALA B 451 -7.26 -4.20 -21.87
CA ALA B 451 -7.22 -4.34 -23.32
C ALA B 451 -5.74 -4.38 -23.72
N TYR B 452 -5.26 -5.56 -24.10
CA TYR B 452 -3.86 -5.77 -24.43
C TYR B 452 -3.63 -5.89 -25.93
N GLN B 453 -2.50 -5.35 -26.37
CA GLN B 453 -2.06 -5.38 -27.76
C GLN B 453 -0.65 -5.93 -27.79
N PRO B 454 -0.43 -7.22 -28.11
CA PRO B 454 0.94 -7.75 -28.12
C PRO B 454 1.82 -7.05 -29.14
N LEU B 455 3.10 -6.95 -28.80
CA LEU B 455 4.11 -6.32 -29.65
C LEU B 455 5.33 -7.21 -29.75
N LEU B 456 6.08 -7.04 -30.83
CA LEU B 456 7.29 -7.78 -31.10
C LEU B 456 8.39 -6.80 -31.48
N SER B 457 9.62 -7.11 -31.08
CA SER B 457 10.76 -6.25 -31.37
C SER B 457 11.39 -6.62 -32.70
N ASN B 458 11.87 -5.59 -33.41
CA ASN B 458 12.50 -5.81 -34.70
C ASN B 458 13.81 -6.58 -34.58
N THR B 459 14.50 -6.48 -33.44
CA THR B 459 15.75 -7.17 -33.23
C THR B 459 15.54 -8.68 -33.20
N VAL B 492 -24.40 -11.87 -20.53
CA VAL B 492 -24.26 -10.43 -20.31
C VAL B 492 -24.20 -10.15 -18.82
N GLU B 493 -23.28 -9.26 -18.42
CA GLU B 493 -23.13 -8.91 -17.02
C GLU B 493 -22.37 -7.60 -16.91
N ARG B 494 -22.26 -7.11 -15.67
CA ARG B 494 -21.56 -5.87 -15.35
C ARG B 494 -20.35 -6.20 -14.48
N ILE B 495 -19.21 -5.59 -14.80
CA ILE B 495 -17.99 -5.84 -14.05
C ILE B 495 -17.94 -4.92 -12.83
N LYS B 496 -17.66 -5.51 -11.67
CA LYS B 496 -17.58 -4.79 -10.41
C LYS B 496 -16.10 -4.55 -10.10
N THR B 497 -15.67 -3.30 -10.21
CA THR B 497 -14.29 -2.92 -9.96
C THR B 497 -14.07 -2.57 -8.49
N THR B 498 -12.96 -3.05 -7.94
CA THR B 498 -12.65 -2.76 -6.55
C THR B 498 -12.34 -1.28 -6.38
N SER B 499 -12.57 -0.77 -5.18
CA SER B 499 -12.34 0.64 -4.90
C SER B 499 -10.91 0.95 -4.47
N SER B 500 -10.01 -0.03 -4.49
CA SER B 500 -8.63 0.20 -4.07
C SER B 500 -7.68 -0.64 -4.93
N ILE B 501 -6.73 0.04 -5.58
CA ILE B 501 -5.74 -0.64 -6.42
C ILE B 501 -4.48 -0.95 -5.61
N GLU B 502 -4.46 -0.56 -4.33
CA GLU B 502 -3.27 -0.80 -3.51
C GLU B 502 -2.94 -2.29 -3.41
N PHE B 503 -3.93 -3.16 -3.60
CA PHE B 503 -3.65 -4.59 -3.54
C PHE B 503 -2.73 -5.00 -4.70
N ALA B 504 -2.91 -4.35 -5.86
CA ALA B 504 -2.07 -4.64 -7.01
C ALA B 504 -0.71 -3.99 -6.91
N ARG B 505 -0.64 -2.79 -6.31
CA ARG B 505 0.64 -2.12 -6.16
C ARG B 505 1.57 -2.91 -5.26
N LEU B 506 1.03 -3.52 -4.20
CA LEU B 506 1.85 -4.34 -3.31
C LEU B 506 2.40 -5.53 -4.09
N GLN B 507 1.60 -6.08 -4.99
CA GLN B 507 2.04 -7.21 -5.81
C GLN B 507 3.25 -6.82 -6.64
N PHE B 508 3.21 -5.64 -7.25
CA PHE B 508 4.34 -5.18 -8.05
C PHE B 508 5.54 -4.91 -7.17
N THR B 509 5.33 -4.23 -6.03
CA THR B 509 6.43 -3.93 -5.14
C THR B 509 7.11 -5.19 -4.62
N TYR B 510 6.32 -6.18 -4.20
CA TYR B 510 6.90 -7.43 -3.73
C TYR B 510 7.64 -8.14 -4.85
N ASN B 511 7.03 -8.17 -6.05
CA ASN B 511 7.67 -8.81 -7.18
C ASN B 511 8.92 -8.05 -7.62
N HIS B 512 8.88 -6.72 -7.55
CA HIS B 512 10.04 -5.93 -7.95
C HIS B 512 11.21 -6.12 -6.98
N ILE B 513 10.94 -6.59 -5.77
CA ILE B 513 12.00 -6.76 -4.72
C ILE B 513 12.38 -8.24 -4.64
N GLN B 514 11.43 -9.15 -4.88
CA GLN B 514 11.67 -10.61 -4.77
C GLN B 514 12.46 -11.10 -5.99
N ARG B 515 12.01 -10.71 -7.19
CA ARG B 515 12.64 -11.16 -8.46
C ARG B 515 14.15 -10.85 -8.45
N PRO B 516 14.62 -9.61 -8.20
CA PRO B 516 16.05 -9.33 -8.23
C PRO B 516 16.75 -9.99 -7.06
N VAL B 517 16.24 -9.84 -5.84
CA VAL B 517 16.92 -10.39 -4.63
C VAL B 517 17.15 -11.89 -4.87
N ASN B 518 16.19 -12.58 -5.46
CA ASN B 518 16.31 -14.05 -5.74
C ASN B 518 17.37 -14.26 -6.82
N ASP B 519 17.42 -13.39 -7.82
CA ASP B 519 18.43 -13.48 -8.89
C ASP B 519 19.82 -13.33 -8.27
N MET B 520 19.97 -12.46 -7.27
CA MET B 520 21.29 -12.20 -6.63
C MET B 520 21.55 -13.29 -5.58
N LEU B 521 20.50 -13.91 -5.05
CA LEU B 521 20.65 -15.04 -4.11
C LEU B 521 21.06 -16.26 -4.93
N GLY B 522 20.63 -16.32 -6.19
CA GLY B 522 20.92 -17.46 -7.07
C GLY B 522 22.34 -17.39 -7.58
N ARG B 523 22.85 -16.20 -7.89
CA ARG B 523 24.21 -16.00 -8.33
C ARG B 523 25.20 -16.26 -7.21
N VAL B 524 24.88 -15.81 -5.99
CA VAL B 524 25.77 -16.04 -4.86
C VAL B 524 25.88 -17.53 -4.59
N ALA B 525 24.75 -18.25 -4.64
CA ALA B 525 24.78 -19.69 -4.42
C ALA B 525 25.60 -20.38 -5.51
N ILE B 526 25.41 -19.97 -6.76
CA ILE B 526 26.17 -20.57 -7.86
C ILE B 526 27.65 -20.26 -7.70
N ALA B 527 27.98 -19.01 -7.38
CA ALA B 527 29.37 -18.63 -7.20
C ALA B 527 30.00 -19.39 -6.04
N TRP B 528 29.27 -19.58 -4.95
CA TRP B 528 29.81 -20.32 -3.81
C TRP B 528 30.16 -21.74 -4.21
N CYS B 529 29.25 -22.41 -4.93
CA CYS B 529 29.52 -23.77 -5.37
C CYS B 529 30.73 -23.83 -6.27
N GLU B 530 30.84 -22.89 -7.22
CA GLU B 530 31.99 -22.87 -8.10
C GLU B 530 33.26 -22.61 -7.32
N GLU B 531 33.18 -21.80 -6.26
CA GLU B 531 34.36 -21.53 -5.44
C GLU B 531 34.76 -22.77 -4.66
N GLN B 532 33.80 -23.44 -4.01
CA GLN B 532 34.11 -24.64 -3.24
C GLN B 532 34.78 -25.69 -4.11
N ASN B 533 34.26 -25.89 -5.33
CA ASN B 533 34.88 -26.85 -6.23
C ASN B 533 36.28 -26.40 -6.61
N HIS B 534 36.54 -25.08 -6.53
CA HIS B 534 37.85 -24.55 -6.87
C HIS B 534 38.84 -24.80 -5.73
N GLU B 535 38.37 -24.75 -4.48
CA GLU B 535 39.26 -24.98 -3.35
C GLU B 535 39.76 -26.42 -3.29
N LEU B 536 38.98 -27.37 -3.81
CA LEU B 536 39.40 -28.77 -3.77
C LEU B 536 40.75 -28.96 -4.45
N THR B 537 41.05 -28.15 -5.47
CA THR B 537 42.34 -28.27 -6.15
C THR B 537 43.48 -27.89 -5.20
N LEU B 538 43.20 -27.05 -4.20
CA LEU B 538 44.23 -26.66 -3.24
C LEU B 538 44.32 -27.65 -2.10
N TRP B 539 43.17 -28.16 -1.63
CA TRP B 539 43.19 -29.12 -0.53
C TRP B 539 43.84 -30.43 -0.95
N ASN B 540 43.72 -30.81 -2.22
CA ASN B 540 44.33 -32.05 -2.68
C ASN B 540 45.85 -32.00 -2.58
N GLU B 541 46.43 -30.79 -2.66
CA GLU B 541 47.87 -30.59 -2.56
C GLU B 541 48.29 -30.20 -1.16
N ALA B 542 47.45 -29.46 -0.43
CA ALA B 542 47.80 -29.04 0.92
C ALA B 542 47.90 -30.24 1.85
N ARG B 543 47.13 -31.30 1.57
CA ARG B 543 47.17 -32.49 2.42
C ARG B 543 48.54 -33.15 2.39
N LYS B 544 49.22 -33.16 1.23
CA LYS B 544 50.54 -33.76 1.15
C LYS B 544 51.57 -33.01 1.98
N LEU B 545 51.45 -31.67 2.03
CA LEU B 545 52.41 -30.88 2.80
C LEU B 545 52.31 -31.19 4.29
N ASN B 546 51.09 -31.29 4.82
CA ASN B 546 50.87 -31.57 6.24
C ASN B 546 49.53 -32.27 6.39
N PRO B 547 49.49 -33.60 6.23
CA PRO B 547 48.21 -34.30 6.38
C PRO B 547 47.59 -34.17 7.76
N ASN B 548 48.40 -33.96 8.79
CA ASN B 548 47.86 -33.85 10.15
C ASN B 548 46.92 -32.65 10.27
N ALA B 549 47.39 -31.47 9.86
CA ALA B 549 46.57 -30.27 9.96
C ALA B 549 45.38 -30.31 9.00
N ILE B 550 45.59 -30.82 7.78
CA ILE B 550 44.49 -30.85 6.82
C ILE B 550 43.41 -31.83 7.28
N ALA B 551 43.82 -33.01 7.75
CA ALA B 551 42.85 -34.01 8.18
C ALA B 551 42.11 -33.55 9.43
N SER B 552 42.79 -32.85 10.34
CA SER B 552 42.15 -32.41 11.57
C SER B 552 40.97 -31.47 11.29
N VAL B 553 41.18 -30.44 10.46
CA VAL B 553 40.11 -29.50 10.17
C VAL B 553 39.02 -30.15 9.33
N THR B 554 39.38 -31.01 8.38
CA THR B 554 38.38 -31.63 7.52
C THR B 554 37.60 -32.72 8.24
N VAL B 555 38.25 -33.52 9.09
CA VAL B 555 37.56 -34.58 9.79
C VAL B 555 36.72 -34.05 10.95
N GLY B 556 37.06 -32.91 11.52
CA GLY B 556 36.32 -32.32 12.62
C GLY B 556 36.94 -32.52 13.98
N ARG B 557 37.99 -33.32 14.09
CA ARG B 557 38.65 -33.58 15.36
C ARG B 557 40.14 -33.74 15.10
N ARG B 558 40.95 -33.46 16.12
CA ARG B 558 42.39 -33.56 16.00
C ARG B 558 42.78 -35.00 15.68
N VAL B 559 43.37 -35.21 14.51
CA VAL B 559 43.80 -36.53 14.06
C VAL B 559 45.09 -36.40 13.29
N SER B 560 45.79 -37.52 13.15
CA SER B 560 47.04 -37.62 12.42
C SER B 560 46.80 -38.47 11.18
N ALA B 561 47.40 -38.06 10.07
CA ALA B 561 47.23 -38.77 8.81
C ALA B 561 48.54 -38.88 8.07
N ARG B 562 48.58 -39.85 7.16
CA ARG B 562 49.73 -40.11 6.31
C ARG B 562 49.17 -40.56 4.96
N MET B 563 49.78 -40.06 3.89
CA MET B 563 49.37 -40.38 2.53
C MET B 563 49.40 -41.88 2.32
N LEU B 564 48.26 -42.46 1.95
CA LEU B 564 48.13 -43.88 1.65
C LEU B 564 47.97 -44.02 0.14
N GLY B 565 48.49 -43.03 -0.61
CA GLY B 565 48.39 -42.99 -2.04
C GLY B 565 47.47 -41.85 -2.40
N ASP B 566 46.36 -42.16 -3.08
CA ASP B 566 45.38 -41.15 -3.45
C ASP B 566 44.38 -40.89 -2.33
N VAL B 567 44.48 -41.61 -1.21
CA VAL B 567 43.59 -41.49 -0.06
C VAL B 567 44.48 -41.37 1.17
N MET B 568 43.87 -40.93 2.27
CA MET B 568 44.58 -40.75 3.53
C MET B 568 43.98 -41.59 4.64
N ALA B 569 44.83 -42.01 5.57
CA ALA B 569 44.43 -42.77 6.74
C ALA B 569 44.33 -41.78 7.90
N VAL B 570 43.65 -42.19 8.98
CA VAL B 570 43.48 -41.31 10.12
C VAL B 570 43.49 -42.09 11.42
N SER B 571 44.03 -41.45 12.46
CA SER B 571 44.12 -42.00 13.81
C SER B 571 43.74 -40.90 14.79
N THR B 572 42.92 -41.24 15.77
CA THR B 572 42.47 -40.28 16.77
C THR B 572 43.54 -40.06 17.82
N CYS B 573 43.90 -38.79 18.05
CA CYS B 573 44.90 -38.46 19.05
C CYS B 573 44.26 -38.31 20.42
N VAL B 574 45.03 -38.62 21.45
CA VAL B 574 44.58 -38.54 22.84
C VAL B 574 45.01 -37.21 23.42
N PRO B 575 44.15 -36.47 24.14
CA PRO B 575 44.60 -35.19 24.70
C PRO B 575 45.47 -35.38 25.93
N VAL B 576 46.17 -34.31 26.29
CA VAL B 576 47.06 -34.28 27.45
C VAL B 576 46.96 -32.89 28.07
N ALA B 577 46.80 -32.84 29.39
CA ALA B 577 46.69 -31.57 30.09
C ALA B 577 48.01 -30.81 30.03
N ALA B 578 47.91 -29.47 30.07
CA ALA B 578 49.09 -28.61 30.02
C ALA B 578 50.02 -28.82 31.19
N ASP B 579 49.50 -28.95 32.41
CA ASP B 579 50.34 -29.14 33.59
C ASP B 579 51.16 -30.41 33.53
N ASN B 580 50.75 -31.40 32.74
CA ASN B 580 51.47 -32.67 32.61
C ASN B 580 52.54 -32.63 31.52
N VAL B 581 52.95 -31.43 31.08
CA VAL B 581 53.96 -31.26 30.05
C VAL B 581 54.92 -30.17 30.49
N ILE B 582 56.21 -30.37 30.23
CA ILE B 582 57.25 -29.42 30.59
C ILE B 582 58.32 -29.43 29.50
N VAL B 583 58.87 -28.25 29.22
CA VAL B 583 59.90 -28.08 28.21
C VAL B 583 61.25 -27.98 28.91
N GLN B 584 62.27 -28.63 28.33
CA GLN B 584 63.60 -28.61 28.92
C GLN B 584 64.23 -27.23 28.76
N ASN B 585 65.19 -26.92 29.64
CA ASN B 585 65.88 -25.65 29.59
C ASN B 585 66.89 -25.55 28.46
N SER B 586 67.24 -26.66 27.81
CA SER B 586 68.21 -26.64 26.72
C SER B 586 67.89 -27.74 25.73
N MET B 587 68.44 -27.57 24.51
CA MET B 587 68.24 -28.53 23.43
C MET B 587 69.52 -29.29 23.14
N ARG B 588 70.68 -28.69 23.47
CA ARG B 588 72.02 -29.21 23.23
C ARG B 588 72.17 -30.72 23.28
N ILE B 589 72.77 -31.28 22.22
CA ILE B 589 73.04 -32.70 22.09
C ILE B 589 74.50 -32.89 22.43
N SER B 590 74.79 -33.17 23.70
CA SER B 590 76.16 -33.34 24.14
C SER B 590 76.84 -34.57 23.51
N SER B 591 76.05 -35.52 23.02
CA SER B 591 76.64 -36.72 22.44
C SER B 591 77.12 -36.52 21.00
N ARG B 592 76.67 -35.47 20.32
CA ARG B 592 77.08 -35.21 18.93
C ARG B 592 77.21 -33.71 18.67
N PRO B 593 78.40 -33.15 18.86
CA PRO B 593 78.58 -31.72 18.58
C PRO B 593 78.29 -31.42 17.13
N GLY B 594 77.70 -30.25 16.88
CA GLY B 594 77.35 -29.84 15.54
C GLY B 594 75.96 -30.22 15.09
N ALA B 595 75.28 -31.08 15.83
CA ALA B 595 73.92 -31.52 15.51
C ALA B 595 72.97 -30.87 16.50
N CYS B 596 71.91 -30.24 16.00
CA CYS B 596 70.93 -29.55 16.82
C CYS B 596 69.52 -29.88 16.35
N TYR B 597 68.63 -30.14 17.31
CA TYR B 597 67.25 -30.45 16.97
C TYR B 597 66.55 -29.20 16.47
N SER B 598 65.62 -29.38 15.53
CA SER B 598 64.88 -28.24 14.98
C SER B 598 63.71 -27.82 15.85
N ARG B 599 63.31 -28.65 16.83
CA ARG B 599 62.20 -28.34 17.72
C ARG B 599 62.62 -28.68 19.14
N PRO B 600 62.07 -28.00 20.16
CA PRO B 600 62.47 -28.31 21.54
C PRO B 600 61.98 -29.67 22.00
N LEU B 601 62.69 -30.24 22.97
CA LEU B 601 62.33 -31.53 23.54
C LEU B 601 61.31 -31.32 24.65
N VAL B 602 60.61 -32.39 25.03
CA VAL B 602 59.59 -32.32 26.07
C VAL B 602 59.50 -33.64 26.82
N SER B 603 58.94 -33.55 28.01
CA SER B 603 58.70 -34.68 28.91
C SER B 603 57.26 -34.57 29.38
N PHE B 604 56.50 -35.64 29.28
CA PHE B 604 55.10 -35.61 29.68
C PHE B 604 54.64 -36.96 30.19
N ARG B 605 53.45 -36.94 30.78
CA ARG B 605 52.80 -38.13 31.32
C ARG B 605 51.33 -38.11 30.91
N TYR B 606 50.82 -39.27 30.53
CA TYR B 606 49.42 -39.36 30.10
C TYR B 606 48.49 -39.02 31.24
N GLU B 607 48.55 -39.78 32.33
CA GLU B 607 47.71 -39.54 33.50
C GLU B 607 48.45 -38.64 34.48
N ASP B 608 47.71 -38.15 35.47
CA ASP B 608 48.32 -37.29 36.48
C ASP B 608 49.39 -38.03 37.27
N GLN B 609 49.20 -39.33 37.49
CA GLN B 609 50.14 -40.17 38.22
C GLN B 609 50.94 -41.08 37.31
N GLY B 610 50.88 -40.89 35.99
CA GLY B 610 51.60 -41.74 35.07
C GLY B 610 53.08 -41.41 35.01
N PRO B 611 53.90 -42.31 34.46
CA PRO B 611 55.34 -42.03 34.39
C PRO B 611 55.65 -40.99 33.33
N LEU B 612 56.81 -40.35 33.46
CA LEU B 612 57.23 -39.35 32.50
C LEU B 612 57.75 -40.05 31.24
N VAL B 613 57.25 -39.63 30.08
CA VAL B 613 57.60 -40.20 28.79
C VAL B 613 58.49 -39.23 28.03
N GLU B 614 59.48 -39.77 27.32
CA GLU B 614 60.38 -38.97 26.53
C GLU B 614 59.75 -38.63 25.19
N GLY B 615 59.90 -37.39 24.75
CA GLY B 615 59.32 -36.98 23.49
C GLY B 615 59.83 -35.62 23.06
N GLN B 616 59.30 -35.15 21.94
CA GLN B 616 59.67 -33.86 21.37
C GLN B 616 58.40 -33.12 20.95
N LEU B 617 58.43 -31.80 21.13
CA LEU B 617 57.29 -30.96 20.77
C LEU B 617 57.09 -30.94 19.26
N GLY B 618 55.83 -30.71 18.86
CA GLY B 618 55.44 -30.64 17.48
C GLY B 618 54.67 -29.37 17.18
N GLU B 619 53.98 -29.39 16.04
CA GLU B 619 53.19 -28.24 15.61
C GLU B 619 51.77 -28.34 16.16
N ASN B 620 51.21 -27.17 16.50
CA ASN B 620 49.87 -27.08 17.04
C ASN B 620 49.73 -27.88 18.34
N ASN B 621 50.72 -27.71 19.22
CA ASN B 621 50.76 -28.39 20.52
C ASN B 621 50.78 -29.90 20.37
N GLU B 622 51.38 -30.40 19.28
CA GLU B 622 51.46 -31.84 19.06
C GLU B 622 52.70 -32.39 19.74
N LEU B 623 52.54 -33.51 20.43
CA LEU B 623 53.62 -34.17 21.15
C LEU B 623 54.07 -35.38 20.34
N ARG B 624 55.33 -35.37 19.91
CA ARG B 624 55.92 -36.44 19.12
C ARG B 624 56.74 -37.33 20.05
N LEU B 625 56.60 -38.66 19.88
CA LEU B 625 57.32 -39.61 20.71
C LEU B 625 58.70 -39.96 20.18
N THR B 626 59.04 -39.54 18.96
CA THR B 626 60.33 -39.84 18.35
C THR B 626 61.11 -38.56 18.12
N ARG B 627 62.39 -38.57 18.49
CA ARG B 627 63.28 -37.42 18.32
C ARG B 627 64.16 -37.70 17.10
N ASP B 628 63.77 -37.13 15.96
CA ASP B 628 64.50 -37.32 14.71
C ASP B 628 64.63 -36.05 13.87
N ALA B 629 64.14 -34.91 14.36
CA ALA B 629 64.23 -33.65 13.62
C ALA B 629 65.53 -32.94 13.97
N ILE B 630 66.63 -33.52 13.48
CA ILE B 630 67.98 -32.99 13.71
C ILE B 630 68.41 -32.18 12.49
N GLU B 631 69.05 -31.04 12.76
CA GLU B 631 69.56 -30.15 11.74
C GLU B 631 70.89 -29.60 12.20
N PRO B 632 71.76 -29.18 11.27
CA PRO B 632 73.06 -28.64 11.69
C PRO B 632 72.86 -27.38 12.51
N CYS B 633 73.69 -27.22 13.54
CA CYS B 633 73.59 -26.04 14.39
C CYS B 633 74.00 -24.80 13.60
N THR B 634 73.17 -23.77 13.67
CA THR B 634 73.39 -22.52 12.96
C THR B 634 73.63 -21.39 13.95
N VAL B 635 74.54 -20.49 13.62
CA VAL B 635 74.84 -19.36 14.49
C VAL B 635 73.65 -18.41 14.54
N GLY B 636 73.49 -17.72 15.67
CA GLY B 636 72.42 -16.73 15.82
C GLY B 636 71.07 -17.40 15.76
N HIS B 637 70.97 -18.63 16.27
CA HIS B 637 69.70 -19.38 16.26
C HIS B 637 68.64 -18.58 17.01
N ARG B 638 67.37 -18.74 16.63
CA ARG B 638 66.25 -18.04 17.30
C ARG B 638 64.97 -18.68 16.75
N ARG B 639 64.03 -19.07 17.63
CA ARG B 639 62.81 -19.75 17.17
C ARG B 639 61.69 -19.67 18.22
N TYR B 640 60.48 -19.25 17.84
CA TYR B 640 59.32 -19.31 18.75
C TYR B 640 58.66 -20.65 18.47
N PHE B 641 58.05 -21.29 19.46
CA PHE B 641 57.35 -22.58 19.27
C PHE B 641 56.06 -22.55 20.05
N THR B 642 54.94 -22.94 19.46
CA THR B 642 53.66 -22.91 20.15
C THR B 642 53.67 -23.91 21.30
N PHE B 643 53.20 -23.45 22.46
CA PHE B 643 53.15 -24.28 23.66
C PHE B 643 51.92 -23.88 24.46
N GLY B 644 50.94 -24.77 24.54
CA GLY B 644 49.73 -24.47 25.28
C GLY B 644 49.03 -23.26 24.68
N GLY B 645 48.66 -22.31 25.56
CA GLY B 645 47.98 -21.12 25.10
C GLY B 645 48.90 -19.98 24.68
N GLY B 646 50.22 -20.16 24.83
CA GLY B 646 51.18 -19.14 24.47
C GLY B 646 52.30 -19.71 23.61
N TYR B 647 53.49 -19.15 23.77
CA TYR B 647 54.67 -19.54 23.02
C TYR B 647 55.87 -19.70 23.96
N VAL B 648 56.88 -20.40 23.47
CA VAL B 648 58.13 -20.62 24.19
C VAL B 648 59.24 -20.07 23.30
N TYR B 649 60.02 -19.13 23.85
CA TYR B 649 61.09 -18.49 23.12
C TYR B 649 62.43 -19.17 23.39
N PHE B 650 63.21 -19.34 22.32
CA PHE B 650 64.51 -19.98 22.39
C PHE B 650 65.54 -19.13 21.64
N GLU B 651 66.75 -19.06 22.20
CA GLU B 651 67.85 -18.30 21.61
C GLU B 651 69.11 -19.14 21.71
N GLU B 652 69.80 -19.30 20.58
CA GLU B 652 71.03 -20.09 20.51
C GLU B 652 70.76 -21.51 21.01
N TYR B 653 69.60 -22.03 20.65
CA TYR B 653 69.13 -23.37 21.03
C TYR B 653 68.96 -23.52 22.53
N ALA B 654 68.74 -22.41 23.25
CA ALA B 654 68.56 -22.41 24.69
C ALA B 654 67.22 -21.77 25.05
N TYR B 655 66.51 -22.41 25.98
CA TYR B 655 65.22 -21.91 26.42
C TYR B 655 65.37 -20.52 27.04
N SER B 656 64.39 -19.65 26.78
CA SER B 656 64.41 -18.28 27.30
C SER B 656 63.30 -18.03 28.30
N HIS B 657 62.02 -18.17 27.91
CA HIS B 657 60.91 -17.93 28.81
C HIS B 657 59.60 -18.17 28.07
N GLN B 658 58.50 -18.07 28.81
CA GLN B 658 57.16 -18.22 28.25
C GLN B 658 56.54 -16.84 28.09
N LEU B 659 55.94 -16.59 26.93
CA LEU B 659 55.31 -15.31 26.63
C LEU B 659 53.88 -15.52 26.18
N SER B 660 53.02 -14.57 26.51
CA SER B 660 51.61 -14.64 26.18
C SER B 660 51.39 -14.63 24.66
N ARG B 661 50.16 -14.98 24.27
CA ARG B 661 49.81 -15.04 22.86
C ARG B 661 49.66 -13.65 22.25
N ALA B 662 49.28 -12.66 23.06
CA ALA B 662 49.09 -11.30 22.59
C ALA B 662 50.38 -10.48 22.54
N ASP B 663 51.51 -11.06 22.95
CA ASP B 663 52.77 -10.33 22.94
C ASP B 663 53.33 -10.15 21.54
N ILE B 664 52.91 -10.97 20.57
CA ILE B 664 53.38 -10.90 19.20
C ILE B 664 52.34 -10.19 18.35
N THR B 665 52.81 -9.38 17.39
CA THR B 665 51.89 -8.67 16.52
C THR B 665 51.10 -9.67 15.69
N THR B 666 49.79 -9.41 15.55
CA THR B 666 48.90 -10.29 14.81
C THR B 666 48.32 -9.56 13.61
N VAL B 667 48.23 -10.27 12.48
CA VAL B 667 47.69 -9.74 11.24
C VAL B 667 46.51 -10.63 10.84
N SER B 668 45.39 -10.00 10.53
CA SER B 668 44.19 -10.75 10.15
C SER B 668 44.34 -11.33 8.76
N THR B 669 44.39 -12.66 8.68
CA THR B 669 44.50 -13.34 7.40
C THR B 669 43.15 -13.56 6.73
N PHE B 670 42.06 -13.14 7.37
CA PHE B 670 40.71 -13.30 6.84
C PHE B 670 40.25 -12.02 6.17
N ILE B 671 39.38 -12.14 5.15
CA ILE B 671 38.85 -10.99 4.37
C ILE B 671 37.51 -10.57 4.97
N ASP B 672 37.52 -9.75 6.02
CA ASP B 672 36.29 -9.37 6.77
C ASP B 672 35.12 -9.00 5.86
N LEU B 673 33.91 -9.47 6.17
CA LEU B 673 32.66 -9.10 5.43
C LEU B 673 31.61 -8.71 6.47
N ASN B 674 31.33 -7.42 6.63
CA ASN B 674 30.36 -6.93 7.64
C ASN B 674 28.93 -7.12 7.13
N ILE B 675 28.06 -7.77 7.92
CA ILE B 675 26.65 -8.01 7.52
C ILE B 675 25.71 -7.36 8.53
N THR B 676 24.99 -6.29 8.15
CA THR B 676 24.05 -5.56 9.02
C THR B 676 22.63 -5.98 8.69
N MET B 677 22.02 -6.83 9.52
CA MET B 677 20.63 -7.30 9.31
C MET B 677 19.70 -6.10 9.19
N LEU B 678 18.56 -6.26 8.54
CA LEU B 678 17.59 -5.18 8.32
C LEU B 678 16.81 -4.96 9.62
N GLU B 679 16.87 -3.75 10.15
CA GLU B 679 16.17 -3.45 11.39
C GLU B 679 14.66 -3.56 11.21
N ASP B 680 13.99 -4.02 12.26
CA ASP B 680 12.54 -4.16 12.22
C ASP B 680 11.90 -2.79 12.11
N HIS B 681 10.82 -2.71 11.34
CA HIS B 681 10.09 -1.46 11.12
C HIS B 681 8.62 -1.67 11.46
N GLU B 682 8.04 -0.67 12.12
CA GLU B 682 6.64 -0.69 12.52
C GLU B 682 5.89 0.36 11.72
N PHE B 683 4.81 -0.05 11.06
CA PHE B 683 3.99 0.84 10.25
C PHE B 683 2.78 1.27 11.07
N VAL B 684 2.56 2.58 11.15
CA VAL B 684 1.45 3.14 11.92
C VAL B 684 0.32 3.49 10.95
N PRO B 685 -0.94 3.49 11.39
CA PRO B 685 -2.03 3.85 10.47
C PRO B 685 -1.87 5.29 9.99
N LEU B 686 -2.23 5.53 8.73
CA LEU B 686 -2.12 6.86 8.15
C LEU B 686 -3.14 7.02 7.03
N GLU B 687 -3.96 8.07 7.13
CA GLU B 687 -4.98 8.38 6.14
C GLU B 687 -4.96 9.87 5.86
N VAL B 688 -5.07 10.23 4.58
CA VAL B 688 -5.08 11.64 4.23
C VAL B 688 -6.37 12.29 4.72
N TYR B 689 -7.50 11.61 4.52
CA TYR B 689 -8.81 12.09 4.95
C TYR B 689 -9.59 10.91 5.48
N THR B 690 -9.90 10.93 6.77
CA THR B 690 -10.68 9.85 7.36
C THR B 690 -12.08 9.87 6.77
N ARG B 691 -12.80 8.75 6.93
CA ARG B 691 -14.16 8.68 6.39
C ARG B 691 -15.04 9.75 7.02
N HIS B 692 -14.76 10.15 8.26
CA HIS B 692 -15.55 11.19 8.89
C HIS B 692 -15.27 12.54 8.24
N GLU B 693 -14.01 12.80 7.91
CA GLU B 693 -13.66 14.07 7.26
C GLU B 693 -14.31 14.17 5.88
N ILE B 694 -14.30 13.07 5.13
CA ILE B 694 -14.91 13.08 3.80
C ILE B 694 -16.40 13.37 3.92
N LYS B 695 -17.07 12.76 4.89
CA LYS B 695 -18.49 13.01 5.08
C LYS B 695 -18.72 14.47 5.44
N ASP B 696 -17.87 15.03 6.30
CA ASP B 696 -17.99 16.41 6.71
C ASP B 696 -17.64 17.40 5.61
N SER B 697 -16.98 16.93 4.54
CA SER B 697 -16.62 17.82 3.44
C SER B 697 -17.84 18.41 2.76
N GLY B 698 -18.97 17.69 2.78
CA GLY B 698 -20.17 18.21 2.15
C GLY B 698 -20.70 19.43 2.87
N LEU B 699 -21.16 20.41 2.09
CA LEU B 699 -21.68 21.64 2.68
C LEU B 699 -22.94 21.37 3.51
N LEU B 700 -23.82 20.50 3.00
CA LEU B 700 -25.06 20.15 3.67
C LEU B 700 -25.23 18.64 3.73
N ASP B 701 -25.89 18.18 4.79
CA ASP B 701 -26.17 16.78 5.02
C ASP B 701 -27.68 16.59 5.09
N TYR B 702 -28.20 15.75 4.21
CA TYR B 702 -29.64 15.51 4.18
C TYR B 702 -30.14 14.87 5.47
N THR B 703 -29.32 14.02 6.08
CA THR B 703 -29.73 13.35 7.32
C THR B 703 -29.91 14.36 8.45
N GLU B 704 -28.89 15.20 8.69
CA GLU B 704 -28.98 16.18 9.76
C GLU B 704 -30.02 17.25 9.48
N VAL B 705 -30.13 17.70 8.23
CA VAL B 705 -31.11 18.73 7.89
C VAL B 705 -32.52 18.22 8.14
N GLN B 706 -32.81 16.99 7.73
CA GLN B 706 -34.14 16.44 7.92
C GLN B 706 -34.42 16.18 9.40
N ARG B 707 -33.41 15.73 10.15
CA ARG B 707 -33.61 15.47 11.57
C ARG B 707 -33.97 16.74 12.32
N ARG B 708 -33.28 17.85 12.02
CA ARG B 708 -33.57 19.10 12.71
C ARG B 708 -34.87 19.71 12.21
N ASN B 709 -35.10 19.68 10.89
CA ASN B 709 -36.33 20.27 10.34
C ASN B 709 -37.56 19.55 10.85
N GLN B 710 -37.53 18.22 10.91
CA GLN B 710 -38.68 17.47 11.38
C GLN B 710 -38.90 17.59 12.88
N LEU B 711 -37.89 18.04 13.63
CA LEU B 711 -38.03 18.23 15.07
C LEU B 711 -38.66 19.58 15.42
N HIS B 712 -38.94 20.41 14.41
CA HIS B 712 -39.52 21.73 14.64
C HIS B 712 -40.85 21.63 15.38
N ASP B 713 -41.75 20.76 14.92
CA ASP B 713 -43.05 20.63 15.56
C ASP B 713 -42.92 20.14 17.00
N LEU B 714 -42.05 19.17 17.25
CA LEU B 714 -41.88 18.65 18.60
C LEU B 714 -41.11 19.61 19.49
N ARG B 715 -40.35 20.54 18.91
CA ARG B 715 -39.56 21.48 19.70
C ARG B 715 -40.29 22.80 19.94
N PHE B 716 -40.96 23.34 18.92
CA PHE B 716 -41.63 24.63 19.03
C PHE B 716 -43.16 24.56 19.00
N ALA B 717 -43.78 23.44 19.39
CA ALA B 717 -45.23 23.38 19.37
C ALA B 717 -45.72 22.18 20.17
N ASP B 718 -46.97 22.28 20.63
CA ASP B 718 -47.61 21.22 21.38
C ASP B 718 -48.26 20.26 20.39
N ILE B 719 -48.06 18.96 20.59
CA ILE B 719 -48.58 17.96 19.66
C ILE B 719 -49.83 17.27 20.18
N ASP B 720 -50.02 17.21 21.51
CA ASP B 720 -51.15 16.51 22.10
C ASP B 720 -52.29 17.41 22.56
N THR B 721 -52.02 18.65 22.95
CA THR B 721 -53.09 19.53 23.43
C THR B 721 -54.11 19.78 22.33
N VAL B 722 -55.39 19.70 22.69
CA VAL B 722 -56.52 19.92 21.79
C VAL B 722 -57.37 21.04 22.36
N ILE B 723 -57.76 21.98 21.51
CA ILE B 723 -58.57 23.12 21.89
C ILE B 723 -59.85 23.08 21.06
N HIS B 724 -61.00 23.16 21.73
CA HIS B 724 -62.28 23.13 21.05
C HIS B 724 -63.28 23.96 21.86
N ALA B 725 -64.33 24.39 21.17
CA ALA B 725 -65.38 25.20 21.79
C ALA B 725 -66.75 24.75 21.31
N ALA C 111 34.10 -42.14 -16.15
CA ALA C 111 35.54 -41.76 -16.00
C ALA C 111 36.31 -42.06 -17.28
N ASN C 112 37.37 -41.31 -17.51
CA ASN C 112 38.22 -41.47 -18.69
C ASN C 112 39.68 -41.20 -18.33
N PHE C 113 40.55 -42.12 -18.73
CA PHE C 113 41.97 -41.95 -18.47
C PHE C 113 42.53 -40.89 -19.42
N TYR C 114 43.76 -40.46 -19.16
CA TYR C 114 44.38 -39.43 -19.98
C TYR C 114 45.88 -39.67 -20.13
N VAL C 115 46.36 -39.51 -21.36
CA VAL C 115 47.77 -39.62 -21.68
C VAL C 115 48.26 -38.20 -21.94
N CYS C 116 49.18 -37.74 -21.09
CA CYS C 116 49.70 -36.38 -21.18
C CYS C 116 51.15 -36.32 -21.67
N PRO C 117 51.41 -35.93 -22.92
CA PRO C 117 52.80 -35.82 -23.38
C PRO C 117 53.49 -34.67 -22.68
N PRO C 118 54.82 -34.71 -22.52
CA PRO C 118 55.52 -33.59 -21.87
C PRO C 118 55.29 -32.29 -22.61
N PRO C 119 54.93 -31.19 -21.93
CA PRO C 119 54.72 -29.93 -22.66
C PRO C 119 56.04 -29.28 -23.04
N THR C 120 55.91 -28.22 -23.85
CA THR C 120 57.04 -27.45 -24.32
C THR C 120 56.65 -25.98 -24.40
N GLY C 121 57.59 -25.14 -24.80
CA GLY C 121 57.36 -23.72 -24.91
C GLY C 121 56.47 -23.25 -26.06
N ALA C 122 55.87 -24.18 -26.80
CA ALA C 122 55.02 -23.78 -27.91
C ALA C 122 53.80 -23.01 -27.43
N THR C 123 53.13 -23.50 -26.38
CA THR C 123 51.95 -22.85 -25.81
C THR C 123 52.27 -22.44 -24.38
N VAL C 124 51.96 -21.20 -24.04
CA VAL C 124 52.21 -20.64 -22.72
C VAL C 124 50.96 -19.95 -22.22
N VAL C 125 50.67 -20.10 -20.92
CA VAL C 125 49.50 -19.51 -20.29
C VAL C 125 49.92 -18.87 -18.97
N GLN C 126 49.22 -17.80 -18.58
CA GLN C 126 49.50 -17.07 -17.36
C GLN C 126 48.21 -16.77 -16.62
N PHE C 127 48.34 -16.45 -15.33
CA PHE C 127 47.18 -16.14 -14.50
C PHE C 127 46.86 -14.65 -14.58
N GLU C 128 45.67 -14.29 -14.13
CA GLU C 128 45.24 -12.90 -14.15
C GLU C 128 45.71 -12.18 -12.90
N GLN C 129 46.07 -10.91 -13.06
CA GLN C 129 46.53 -10.12 -11.93
C GLN C 129 45.36 -9.72 -11.05
N PRO C 130 45.61 -9.31 -9.81
CA PRO C 130 44.50 -8.91 -8.92
C PRO C 130 43.69 -7.77 -9.51
N ARG C 131 42.38 -7.91 -9.49
CA ARG C 131 41.49 -6.89 -10.02
C ARG C 131 41.18 -5.85 -8.95
N ARG C 132 41.10 -4.59 -9.35
CA ARG C 132 40.77 -3.54 -8.41
C ARG C 132 39.31 -3.72 -8.00
N CYS C 133 39.05 -3.79 -6.70
CA CYS C 133 37.70 -4.01 -6.24
C CYS C 133 36.84 -2.76 -6.36
N PRO C 134 35.51 -2.91 -6.44
CA PRO C 134 34.66 -1.72 -6.56
C PRO C 134 34.68 -0.87 -5.30
N THR C 135 34.45 0.41 -5.47
CA THR C 135 34.43 1.34 -4.35
C THR C 135 33.18 1.08 -3.50
N ARG C 136 33.29 1.38 -2.21
CA ARG C 136 32.18 1.18 -1.30
C ARG C 136 30.98 2.02 -1.77
N PRO C 137 29.75 1.49 -1.70
CA PRO C 137 28.60 2.29 -2.15
C PRO C 137 28.47 3.56 -1.32
N GLU C 138 28.10 4.65 -1.98
CA GLU C 138 27.95 5.92 -1.31
C GLU C 138 26.67 5.94 -0.49
N GLY C 139 26.79 6.39 0.77
CA GLY C 139 25.64 6.45 1.63
C GLY C 139 24.71 7.60 1.28
N GLN C 140 23.51 7.55 1.84
CA GLN C 140 22.52 8.58 1.57
C GLN C 140 22.98 9.92 2.16
N ASN C 141 22.72 10.99 1.42
CA ASN C 141 23.09 12.34 1.83
C ASN C 141 21.92 13.03 2.55
N TYR C 142 21.51 12.45 3.68
CA TYR C 142 20.40 13.00 4.43
C TYR C 142 20.79 14.27 5.18
N THR C 143 19.78 15.08 5.50
CA THR C 143 19.93 16.32 6.24
C THR C 143 18.78 16.41 7.23
N GLU C 144 19.07 16.17 8.50
CA GLU C 144 18.05 16.19 9.54
C GLU C 144 17.35 17.54 9.62
N GLY C 145 16.04 17.49 9.84
CA GLY C 145 15.25 18.69 9.94
C GLY C 145 13.82 18.37 10.31
N ILE C 146 13.18 19.33 10.98
CA ILE C 146 11.79 19.21 11.40
C ILE C 146 10.92 19.51 10.19
N ALA C 147 9.75 18.89 10.12
CA ALA C 147 8.85 19.10 9.00
C ALA C 147 7.39 18.98 9.42
N VAL C 148 6.54 19.71 8.70
CA VAL C 148 5.10 19.73 8.90
C VAL C 148 4.47 19.58 7.53
N VAL C 149 3.66 18.55 7.34
CA VAL C 149 3.00 18.26 6.07
C VAL C 149 1.60 18.86 6.09
N PHE C 150 1.24 19.55 5.02
CA PHE C 150 -0.06 20.17 4.87
C PHE C 150 -0.82 19.51 3.72
N LYS C 151 -2.14 19.44 3.86
CA LYS C 151 -3.02 18.84 2.87
C LYS C 151 -4.11 19.85 2.50
N GLU C 152 -4.77 19.61 1.37
CA GLU C 152 -5.84 20.48 0.93
C GLU C 152 -6.96 20.46 1.97
N ASN C 153 -7.42 21.64 2.35
CA ASN C 153 -8.47 21.77 3.36
C ASN C 153 -9.82 21.52 2.72
N ILE C 154 -10.46 20.41 3.09
CA ILE C 154 -11.77 20.06 2.57
C ILE C 154 -12.88 20.36 3.58
N ALA C 155 -12.54 20.58 4.85
CA ALA C 155 -13.54 20.87 5.86
C ALA C 155 -14.15 22.25 5.62
N PRO C 156 -15.47 22.38 5.53
CA PRO C 156 -16.05 23.71 5.31
C PRO C 156 -15.83 24.62 6.50
N TYR C 157 -15.78 25.92 6.22
CA TYR C 157 -15.59 26.91 7.29
C TYR C 157 -16.84 26.91 8.17
N LYS C 158 -16.68 26.50 9.43
CA LYS C 158 -17.77 26.42 10.39
C LYS C 158 -17.72 27.57 11.37
N PHE C 159 -18.86 28.24 11.56
CA PHE C 159 -18.99 29.34 12.49
C PHE C 159 -20.40 29.33 13.05
N LYS C 160 -20.55 29.92 14.23
CA LYS C 160 -21.84 29.97 14.92
C LYS C 160 -22.66 31.15 14.42
N ALA C 161 -23.96 30.93 14.26
CA ALA C 161 -24.91 31.93 13.81
C ALA C 161 -26.23 31.74 14.54
N THR C 162 -27.03 32.80 14.60
CA THR C 162 -28.33 32.79 15.26
C THR C 162 -29.40 33.21 14.26
N MET C 163 -30.47 32.40 14.19
CA MET C 163 -31.58 32.66 13.29
C MET C 163 -32.73 33.29 14.07
N TYR C 164 -33.49 34.15 13.39
CA TYR C 164 -34.64 34.83 13.96
C TYR C 164 -35.76 34.83 12.93
N TYR C 165 -36.89 34.24 13.29
CA TYR C 165 -38.03 34.19 12.38
C TYR C 165 -39.29 33.88 13.17
N LYS C 166 -40.43 34.18 12.56
CA LYS C 166 -41.74 33.97 13.16
C LYS C 166 -42.52 33.01 12.26
N ASP C 167 -43.08 31.96 12.86
CA ASP C 167 -43.85 30.98 12.12
C ASP C 167 -45.28 31.44 11.93
N VAL C 168 -45.53 32.30 10.95
CA VAL C 168 -46.87 32.79 10.68
C VAL C 168 -47.69 31.61 10.15
N THR C 169 -48.81 31.34 10.81
CA THR C 169 -49.66 30.22 10.41
C THR C 169 -51.12 30.66 10.52
N VAL C 170 -51.79 30.76 9.38
CA VAL C 170 -53.20 31.13 9.28
C VAL C 170 -53.92 29.92 8.69
N SER C 171 -54.91 29.40 9.42
CA SER C 171 -55.65 28.23 9.01
C SER C 171 -57.13 28.55 8.83
N GLN C 172 -57.74 27.90 7.84
CA GLN C 172 -59.16 28.05 7.53
C GLN C 172 -59.85 26.80 8.06
N VAL C 173 -60.86 26.99 8.91
CA VAL C 173 -61.59 25.88 9.51
C VAL C 173 -63.06 25.97 9.13
N TRP C 174 -63.61 24.83 8.73
CA TRP C 174 -65.02 24.70 8.38
C TRP C 174 -65.72 23.95 9.50
N PHE C 175 -66.72 24.59 10.10
CA PHE C 175 -67.47 24.04 11.22
C PHE C 175 -68.79 23.46 10.69
N GLY C 176 -68.88 22.12 10.73
CA GLY C 176 -70.08 21.44 10.30
C GLY C 176 -71.09 21.30 11.41
N HIS C 177 -72.13 20.52 11.13
CA HIS C 177 -73.17 20.30 12.13
C HIS C 177 -72.66 19.51 13.32
N ARG C 178 -71.72 18.58 13.09
CA ARG C 178 -71.18 17.75 14.15
C ARG C 178 -69.68 17.49 14.01
N TYR C 179 -68.96 18.28 13.21
CA TYR C 179 -67.54 18.06 13.03
C TYR C 179 -66.85 19.35 12.59
N SER C 180 -65.52 19.34 12.68
CA SER C 180 -64.67 20.44 12.29
C SER C 180 -63.66 19.92 11.29
N GLN C 181 -63.28 20.75 10.32
CA GLN C 181 -62.33 20.35 9.29
C GLN C 181 -61.49 21.53 8.86
N PHE C 182 -60.24 21.25 8.49
CA PHE C 182 -59.30 22.27 8.03
C PHE C 182 -59.43 22.43 6.53
N MET C 183 -60.03 23.53 6.08
CA MET C 183 -60.18 23.77 4.66
C MET C 183 -58.90 24.31 4.02
N GLY C 184 -57.88 24.62 4.82
CA GLY C 184 -56.63 25.13 4.29
C GLY C 184 -55.75 25.74 5.37
N ILE C 185 -54.45 25.47 5.30
CA ILE C 185 -53.47 25.98 6.24
C ILE C 185 -52.33 26.58 5.45
N PHE C 186 -51.93 27.81 5.80
CA PHE C 186 -50.85 28.53 5.14
C PHE C 186 -49.78 28.83 6.16
N GLU C 187 -48.64 28.17 6.04
CA GLU C 187 -47.49 28.34 6.93
C GLU C 187 -46.42 29.15 6.22
N ASP C 188 -45.86 30.13 6.92
CA ASP C 188 -44.83 30.99 6.35
C ASP C 188 -43.89 31.44 7.45
N ARG C 189 -42.60 31.53 7.12
CA ARG C 189 -41.57 31.96 8.05
C ARG C 189 -41.31 33.44 7.81
N ALA C 190 -41.83 34.29 8.69
CA ALA C 190 -41.66 35.73 8.55
C ALA C 190 -40.36 36.18 9.21
N PRO C 191 -39.52 36.97 8.54
CA PRO C 191 -38.28 37.42 9.19
C PRO C 191 -38.55 38.49 10.23
N VAL C 192 -37.59 38.66 11.13
CA VAL C 192 -37.66 39.64 12.20
C VAL C 192 -36.84 40.84 11.79
N PRO C 193 -37.36 42.07 11.89
CA PRO C 193 -36.56 43.23 11.48
C PRO C 193 -35.43 43.53 12.44
N PHE C 194 -34.46 44.32 11.97
CA PHE C 194 -33.31 44.67 12.79
C PHE C 194 -33.74 45.40 14.06
N GLU C 195 -34.74 46.28 13.94
CA GLU C 195 -35.21 47.02 15.10
C GLU C 195 -35.72 46.09 16.19
N GLU C 196 -36.44 45.03 15.81
CA GLU C 196 -36.95 44.09 16.80
C GLU C 196 -35.83 43.18 17.32
N VAL C 197 -34.89 42.78 16.46
CA VAL C 197 -33.81 41.91 16.91
C VAL C 197 -32.91 42.63 17.89
N ILE C 198 -32.78 43.95 17.76
CA ILE C 198 -31.89 44.71 18.64
C ILE C 198 -32.64 45.27 19.85
N ASP C 199 -33.65 46.10 19.61
CA ASP C 199 -34.39 46.77 20.67
C ASP C 199 -35.40 45.90 21.42
N LYS C 200 -35.78 44.73 20.90
CA LYS C 200 -36.76 43.89 21.59
C LYS C 200 -36.21 42.53 22.01
N ILE C 201 -35.60 41.77 21.09
CA ILE C 201 -35.09 40.45 21.46
C ILE C 201 -33.78 40.55 22.23
N ASN C 202 -32.79 41.25 21.68
CA ASN C 202 -31.51 41.36 22.36
C ASN C 202 -31.58 42.30 23.55
N ALA C 203 -32.32 43.41 23.42
CA ALA C 203 -32.38 44.39 24.50
C ALA C 203 -33.26 43.92 25.66
N LYS C 204 -34.42 43.30 25.37
CA LYS C 204 -35.34 42.87 26.43
C LYS C 204 -35.76 41.40 26.36
N GLY C 205 -35.33 40.63 25.38
CA GLY C 205 -35.73 39.23 25.31
C GLY C 205 -37.21 39.02 25.06
N VAL C 206 -37.82 39.83 24.19
CA VAL C 206 -39.23 39.71 23.87
C VAL C 206 -39.40 39.93 22.37
N CYS C 207 -40.48 39.36 21.83
CA CYS C 207 -40.84 39.49 20.43
C CYS C 207 -42.20 40.12 20.28
N ARG C 208 -42.35 40.92 19.22
CA ARG C 208 -43.64 41.55 18.96
C ARG C 208 -44.63 40.46 18.59
N SER C 209 -45.89 40.64 19.00
CA SER C 209 -46.93 39.66 18.70
C SER C 209 -47.48 39.79 17.28
N THR C 210 -46.81 40.56 16.41
CA THR C 210 -47.23 40.75 15.04
C THR C 210 -46.04 40.53 14.12
N ALA C 211 -46.32 40.09 12.90
CA ALA C 211 -45.29 39.82 11.90
C ALA C 211 -45.53 40.70 10.68
N LYS C 212 -44.68 41.72 10.52
CA LYS C 212 -44.75 42.65 9.40
C LYS C 212 -43.57 42.35 8.50
N TYR C 213 -43.85 41.99 7.25
CA TYR C 213 -42.79 41.65 6.30
C TYR C 213 -43.34 41.73 4.90
N VAL C 214 -42.43 41.56 3.93
CA VAL C 214 -42.79 41.61 2.51
C VAL C 214 -42.82 40.18 1.97
N ARG C 215 -43.92 39.85 1.29
CA ARG C 215 -44.09 38.53 0.69
C ARG C 215 -44.82 38.70 -0.63
N ASN C 216 -44.19 38.25 -1.71
CA ASN C 216 -44.76 38.34 -3.05
C ASN C 216 -45.10 39.79 -3.39
N ASN C 217 -44.19 40.70 -3.03
CA ASN C 217 -44.30 42.13 -3.26
C ASN C 217 -45.47 42.79 -2.54
N LEU C 218 -45.85 42.31 -1.37
CA LEU C 218 -46.95 42.88 -0.60
C LEU C 218 -46.55 43.00 0.87
N GLU C 219 -46.89 44.13 1.48
CA GLU C 219 -46.58 44.38 2.88
C GLU C 219 -47.66 43.72 3.73
N THR C 220 -47.44 42.45 4.05
CA THR C 220 -48.38 41.66 4.85
C THR C 220 -48.10 41.88 6.32
N THR C 221 -49.17 41.92 7.12
CA THR C 221 -49.09 42.12 8.57
C THR C 221 -49.98 41.07 9.23
N ALA C 222 -49.36 40.16 9.97
CA ALA C 222 -50.07 39.10 10.67
C ALA C 222 -50.08 39.40 12.16
N PHE C 223 -51.24 39.18 12.80
CA PHE C 223 -51.42 39.41 14.22
C PHE C 223 -51.69 38.09 14.92
N HIS C 224 -51.01 37.86 16.04
CA HIS C 224 -51.21 36.62 16.78
C HIS C 224 -52.58 36.64 17.43
N ARG C 225 -53.40 35.63 17.11
CA ARG C 225 -54.75 35.50 17.63
C ARG C 225 -55.60 36.72 17.28
N ASP C 226 -55.22 37.46 16.24
CA ASP C 226 -55.94 38.66 15.81
C ASP C 226 -56.03 39.71 16.91
N ASP C 227 -55.11 39.65 17.88
CA ASP C 227 -55.11 40.59 18.98
C ASP C 227 -54.14 41.74 18.69
N HIS C 228 -54.22 42.77 19.53
CA HIS C 228 -53.35 43.92 19.37
C HIS C 228 -51.90 43.54 19.65
N GLU C 229 -50.98 44.38 19.17
CA GLU C 229 -49.57 44.13 19.37
C GLU C 229 -49.25 44.08 20.87
N THR C 230 -48.46 43.07 21.26
CA THR C 230 -48.08 42.89 22.65
C THR C 230 -46.70 42.25 22.71
N ASP C 231 -45.94 42.59 23.74
CA ASP C 231 -44.60 42.03 23.91
C ASP C 231 -44.72 40.64 24.54
N MET C 232 -44.24 39.63 23.83
CA MET C 232 -44.29 38.24 24.28
C MET C 232 -42.92 37.81 24.79
N GLU C 233 -42.88 37.26 26.00
CA GLU C 233 -41.63 36.81 26.58
C GLU C 233 -41.17 35.52 25.91
N LEU C 234 -39.87 35.45 25.61
CA LEU C 234 -39.29 34.27 24.97
C LEU C 234 -38.94 33.25 26.04
N LYS C 235 -39.24 31.98 25.75
CA LYS C 235 -38.96 30.87 26.65
C LYS C 235 -38.24 29.77 25.91
N PRO C 236 -37.49 28.91 26.61
CA PRO C 236 -36.78 27.83 25.91
C PRO C 236 -37.72 26.84 25.27
N ALA C 237 -37.26 26.23 24.18
CA ALA C 237 -38.06 25.26 23.47
C ALA C 237 -37.99 23.91 24.18
N ASN C 238 -38.83 22.97 23.73
CA ASN C 238 -38.85 21.65 24.33
C ASN C 238 -37.51 20.95 24.11
N ALA C 239 -37.11 20.15 25.10
CA ALA C 239 -35.85 19.43 25.02
C ALA C 239 -35.84 18.44 23.86
N ALA C 240 -34.69 18.35 23.19
CA ALA C 240 -34.51 17.44 22.07
C ALA C 240 -33.05 17.00 22.05
N THR C 241 -32.85 15.70 21.87
CA THR C 241 -31.48 15.16 21.85
C THR C 241 -30.72 15.62 20.62
N ARG C 242 -29.47 16.02 20.85
CA ARG C 242 -28.57 16.48 19.79
C ARG C 242 -29.18 17.64 19.00
N THR C 243 -29.43 18.75 19.70
CA THR C 243 -30.00 19.95 19.10
C THR C 243 -29.48 21.17 19.84
N SER C 244 -29.24 22.24 19.09
CA SER C 244 -28.74 23.47 19.68
C SER C 244 -29.86 24.19 20.43
N ARG C 245 -29.46 25.19 21.21
CA ARG C 245 -30.43 25.96 22.00
C ARG C 245 -31.41 26.69 21.09
N GLY C 246 -32.66 26.78 21.53
CA GLY C 246 -33.69 27.46 20.79
C GLY C 246 -34.75 27.96 21.74
N TRP C 247 -35.41 29.06 21.35
CA TRP C 247 -36.45 29.67 22.16
C TRP C 247 -37.62 30.06 21.27
N HIS C 248 -38.80 30.15 21.88
CA HIS C 248 -40.02 30.52 21.16
C HIS C 248 -40.95 31.20 22.14
N THR C 249 -41.92 31.94 21.59
CA THR C 249 -42.88 32.68 22.40
C THR C 249 -44.23 31.99 22.53
N THR C 250 -44.66 31.23 21.52
CA THR C 250 -45.95 30.56 21.54
C THR C 250 -45.76 29.07 21.30
N ASP C 251 -46.66 28.27 21.89
CA ASP C 251 -46.64 26.82 21.78
C ASP C 251 -47.93 26.27 21.16
N LEU C 252 -49.08 26.74 21.64
CA LEU C 252 -50.36 26.26 21.13
C LEU C 252 -50.78 27.05 19.89
N LYS C 253 -51.19 26.32 18.85
CA LYS C 253 -51.65 26.97 17.62
C LYS C 253 -53.07 27.46 17.83
N TYR C 254 -53.37 28.64 17.30
CA TYR C 254 -54.69 29.24 17.45
C TYR C 254 -55.58 28.98 16.25
N ASN C 255 -56.85 28.73 16.52
CA ASN C 255 -57.88 28.49 15.51
C ASN C 255 -59.11 29.28 15.91
N PRO C 256 -59.99 29.62 14.96
CA PRO C 256 -61.17 30.40 15.31
C PRO C 256 -62.17 29.63 16.16
N SER C 257 -63.03 30.35 16.88
CA SER C 257 -64.08 29.70 17.69
C SER C 257 -65.06 28.98 16.76
N ARG C 258 -65.86 28.05 17.29
CA ARG C 258 -66.78 27.23 16.47
C ARG C 258 -68.08 27.98 16.18
N VAL C 259 -68.35 28.33 14.92
CA VAL C 259 -69.66 28.94 14.53
C VAL C 259 -70.21 28.07 13.39
N GLU C 260 -71.48 27.64 13.47
CA GLU C 260 -72.05 26.66 12.51
C GLU C 260 -71.98 27.11 11.04
N ALA C 261 -71.96 26.16 10.11
CA ALA C 261 -71.93 26.42 8.65
C ALA C 261 -71.25 27.74 8.32
N PHE C 262 -70.00 27.92 8.74
CA PHE C 262 -69.24 29.16 8.42
C PHE C 262 -67.78 28.85 8.34
N HIS C 263 -67.07 29.52 7.43
CA HIS C 263 -65.60 29.40 7.34
C HIS C 263 -65.03 30.54 8.19
N ARG C 264 -63.93 30.30 8.91
CA ARG C 264 -63.26 31.29 9.73
C ARG C 264 -61.76 31.14 9.57
N TYR C 265 -61.05 32.25 9.70
CA TYR C 265 -59.60 32.30 9.58
C TYR C 265 -58.96 32.71 10.90
N GLY C 266 -58.04 31.89 11.39
CA GLY C 266 -57.33 32.15 12.63
C GLY C 266 -55.84 32.22 12.40
N THR C 267 -55.23 33.37 12.67
CA THR C 267 -53.81 33.59 12.46
C THR C 267 -53.01 33.28 13.72
N THR C 268 -51.82 32.72 13.54
CA THR C 268 -50.92 32.39 14.63
C THR C 268 -49.52 32.87 14.26
N VAL C 269 -48.91 33.64 15.16
CA VAL C 269 -47.56 34.19 14.96
C VAL C 269 -46.73 33.75 16.17
N ASN C 270 -45.76 32.87 15.92
CA ASN C 270 -44.90 32.35 16.97
C ASN C 270 -43.46 32.77 16.70
N CYS C 271 -42.97 33.76 17.44
CA CYS C 271 -41.59 34.20 17.27
C CYS C 271 -40.66 33.07 17.66
N ILE C 272 -39.66 32.82 16.82
CA ILE C 272 -38.69 31.75 17.06
C ILE C 272 -37.28 32.26 16.80
N VAL C 273 -36.38 31.92 17.73
CA VAL C 273 -34.98 32.29 17.66
C VAL C 273 -34.19 31.03 17.97
N GLU C 274 -33.19 30.72 17.13
CA GLU C 274 -32.40 29.51 17.30
C GLU C 274 -30.94 29.76 17.01
N GLU C 275 -30.09 28.96 17.64
CA GLU C 275 -28.65 29.02 17.43
C GLU C 275 -28.30 27.88 16.48
N VAL C 276 -27.85 28.22 15.27
CA VAL C 276 -27.54 27.22 14.25
C VAL C 276 -26.07 27.30 13.87
N ASP C 277 -25.53 26.15 13.43
CA ASP C 277 -24.15 26.06 13.01
C ASP C 277 -24.07 26.32 11.51
N ALA C 278 -23.43 27.42 11.13
CA ALA C 278 -23.29 27.80 9.74
C ALA C 278 -22.04 27.17 9.15
N ARG C 279 -22.12 26.82 7.86
CA ARG C 279 -21.02 26.21 7.14
C ARG C 279 -20.81 26.93 5.81
N SER C 280 -19.56 26.96 5.36
CA SER C 280 -19.22 27.61 4.11
C SER C 280 -18.00 26.93 3.51
N VAL C 281 -17.88 27.02 2.18
CA VAL C 281 -16.78 26.42 1.43
C VAL C 281 -16.19 27.47 0.49
N TYR C 282 -15.01 27.17 -0.03
CA TYR C 282 -14.34 28.06 -0.94
C TYR C 282 -15.21 28.29 -2.17
N PRO C 283 -15.27 29.52 -2.73
CA PRO C 283 -14.59 30.78 -2.35
C PRO C 283 -15.20 31.49 -1.14
N TYR C 284 -16.02 30.82 -0.34
CA TYR C 284 -16.65 31.40 0.83
C TYR C 284 -17.53 32.60 0.49
N ASP C 285 -18.18 32.55 -0.67
CA ASP C 285 -19.07 33.63 -1.10
C ASP C 285 -20.49 33.44 -0.59
N GLU C 286 -20.79 32.32 0.05
CA GLU C 286 -22.12 32.04 0.58
C GLU C 286 -21.97 30.99 1.66
N PHE C 287 -23.00 30.87 2.50
CA PHE C 287 -22.99 29.90 3.59
C PHE C 287 -24.40 29.35 3.80
N VAL C 288 -24.44 28.16 4.38
CA VAL C 288 -25.68 27.47 4.70
C VAL C 288 -25.84 27.45 6.21
N LEU C 289 -27.03 27.07 6.65
CA LEU C 289 -27.37 26.98 8.06
C LEU C 289 -27.74 25.55 8.41
N ALA C 290 -27.81 25.27 9.72
CA ALA C 290 -28.17 23.93 10.17
C ALA C 290 -29.54 23.50 9.70
N THR C 291 -30.43 24.45 9.40
CA THR C 291 -31.78 24.13 8.94
C THR C 291 -31.84 23.87 7.44
N GLY C 292 -30.70 23.89 6.75
CA GLY C 292 -30.69 23.65 5.32
C GLY C 292 -30.98 24.85 4.45
N ASP C 293 -31.09 26.04 5.05
CA ASP C 293 -31.38 27.25 4.30
C ASP C 293 -30.09 27.90 3.82
N PHE C 294 -30.05 28.27 2.54
CA PHE C 294 -28.87 28.91 1.97
C PHE C 294 -28.92 30.42 2.18
N VAL C 295 -27.76 31.00 2.40
CA VAL C 295 -27.60 32.44 2.59
C VAL C 295 -26.57 32.90 1.57
N TYR C 296 -27.05 33.60 0.54
CA TYR C 296 -26.17 34.08 -0.53
C TYR C 296 -25.48 35.38 -0.17
N MET C 297 -24.55 35.26 0.77
CA MET C 297 -23.75 36.38 1.26
C MET C 297 -22.51 35.80 1.91
N SER C 298 -21.36 36.42 1.63
CA SER C 298 -20.12 35.92 2.21
C SER C 298 -20.17 36.09 3.73
N PRO C 299 -19.70 35.09 4.50
CA PRO C 299 -19.75 35.24 5.97
C PRO C 299 -18.92 36.41 6.48
N PHE C 300 -17.93 36.86 5.71
CA PHE C 300 -17.06 37.96 6.10
C PHE C 300 -17.47 39.30 5.50
N TYR C 301 -18.64 39.37 4.88
CA TYR C 301 -19.09 40.63 4.30
C TYR C 301 -19.33 41.66 5.40
N GLY C 302 -18.97 42.91 5.10
CA GLY C 302 -19.14 43.97 6.07
C GLY C 302 -18.71 45.29 5.48
N TYR C 303 -18.82 46.34 6.32
CA TYR C 303 -18.45 47.68 5.90
C TYR C 303 -17.03 48.05 6.31
N ARG C 304 -16.41 47.29 7.21
CA ARG C 304 -15.09 47.61 7.70
C ARG C 304 -13.96 46.90 6.96
N GLU C 305 -12.81 47.57 6.95
CA GLU C 305 -11.52 47.11 6.37
C GLU C 305 -11.67 46.26 5.10
N GLY C 306 -12.25 46.88 4.07
CA GLY C 306 -12.39 46.23 2.78
C GLY C 306 -13.37 45.08 2.71
N SER C 307 -14.15 44.83 3.76
CA SER C 307 -15.10 43.72 3.70
C SER C 307 -16.22 43.98 2.70
N HIS C 308 -16.42 45.23 2.28
CA HIS C 308 -17.48 45.55 1.33
C HIS C 308 -17.25 44.92 -0.04
N THR C 309 -16.02 44.48 -0.34
CA THR C 309 -15.73 43.87 -1.63
C THR C 309 -16.18 42.42 -1.72
N GLU C 310 -16.66 41.83 -0.63
CA GLU C 310 -17.10 40.45 -0.65
C GLU C 310 -18.40 40.31 -1.46
N HIS C 311 -18.70 39.07 -1.82
CA HIS C 311 -19.90 38.79 -2.61
C HIS C 311 -21.17 38.99 -1.78
N THR C 312 -22.21 39.48 -2.45
CA THR C 312 -23.51 39.72 -1.82
C THR C 312 -24.57 39.74 -2.91
N SER C 313 -25.70 39.09 -2.63
CA SER C 313 -26.81 39.01 -3.57
C SER C 313 -28.02 39.80 -3.13
N TYR C 314 -28.10 40.21 -1.87
CA TYR C 314 -29.23 40.97 -1.34
C TYR C 314 -28.97 42.47 -1.46
N ALA C 315 -30.03 43.24 -1.33
CA ALA C 315 -29.93 44.69 -1.43
C ALA C 315 -29.15 45.24 -0.23
N ALA C 316 -28.75 46.51 -0.36
CA ALA C 316 -27.99 47.16 0.70
C ALA C 316 -28.82 47.30 1.97
N ASP C 317 -30.09 47.64 1.85
CA ASP C 317 -30.95 47.81 3.01
C ASP C 317 -31.24 46.51 3.75
N ARG C 318 -30.96 45.35 3.14
CA ARG C 318 -31.21 44.08 3.79
C ARG C 318 -30.09 43.62 4.71
N PHE C 319 -28.98 44.36 4.78
CA PHE C 319 -27.84 44.01 5.63
C PHE C 319 -27.55 45.14 6.60
N LYS C 320 -27.18 44.78 7.83
CA LYS C 320 -26.87 45.74 8.87
C LYS C 320 -25.74 45.19 9.74
N GLN C 321 -24.78 46.06 10.06
CA GLN C 321 -23.64 45.72 10.90
C GLN C 321 -23.67 46.62 12.12
N VAL C 322 -23.50 46.03 13.31
CA VAL C 322 -23.53 46.75 14.57
C VAL C 322 -22.20 46.49 15.29
N ASP C 323 -21.55 47.57 15.72
CA ASP C 323 -20.29 47.47 16.45
C ASP C 323 -20.55 47.54 17.94
N GLY C 324 -19.67 46.91 18.72
CA GLY C 324 -19.85 46.90 20.16
C GLY C 324 -21.14 46.25 20.59
N PHE C 325 -21.54 45.19 19.91
CA PHE C 325 -22.78 44.49 20.23
C PHE C 325 -22.57 43.51 21.38
N TYR C 326 -23.36 43.67 22.44
CA TYR C 326 -23.31 42.80 23.61
C TYR C 326 -24.46 41.81 23.48
N ALA C 327 -24.13 40.56 23.18
CA ALA C 327 -25.14 39.52 23.00
C ALA C 327 -25.85 39.22 24.31
N ARG C 328 -27.18 39.19 24.27
CA ARG C 328 -27.97 38.89 25.45
C ARG C 328 -28.31 37.40 25.46
N ASP C 329 -27.91 36.71 26.52
CA ASP C 329 -28.15 35.28 26.67
C ASP C 329 -29.55 35.07 27.21
N LEU C 330 -30.46 34.63 26.34
CA LEU C 330 -31.85 34.40 26.72
C LEU C 330 -31.94 33.28 27.76
N ALA C 338 -18.43 40.73 26.75
CA ALA C 338 -17.45 41.47 25.96
C ALA C 338 -18.09 41.95 24.65
N PRO C 339 -17.62 43.07 24.11
CA PRO C 339 -18.19 43.58 22.86
C PRO C 339 -17.79 42.73 21.67
N THR C 340 -18.66 42.72 20.67
CA THR C 340 -18.45 41.95 19.44
C THR C 340 -19.09 42.69 18.27
N THR C 341 -18.57 42.42 17.08
CA THR C 341 -19.08 43.00 15.84
C THR C 341 -20.13 42.03 15.30
N ARG C 342 -21.39 42.42 15.38
CA ARG C 342 -22.51 41.59 14.95
C ARG C 342 -23.01 42.01 13.58
N ASN C 343 -23.16 41.02 12.70
CA ASN C 343 -23.69 41.24 11.36
C ASN C 343 -25.14 40.78 11.35
N LEU C 344 -25.98 41.45 10.58
CA LEU C 344 -27.39 41.10 10.48
C LEU C 344 -27.85 41.18 9.05
N LEU C 345 -28.56 40.15 8.60
CA LEU C 345 -29.09 40.05 7.26
C LEU C 345 -30.54 39.60 7.34
N THR C 346 -31.43 40.31 6.65
CA THR C 346 -32.86 40.00 6.64
C THR C 346 -33.20 39.30 5.33
N THR C 347 -33.17 37.97 5.35
CA THR C 347 -33.49 37.20 4.17
C THR C 347 -35.00 37.21 3.98
N PRO C 348 -35.49 36.81 2.80
CA PRO C 348 -36.95 36.82 2.58
C PRO C 348 -37.74 35.92 3.51
N LYS C 349 -37.12 34.92 4.14
CA LYS C 349 -37.81 34.01 5.04
C LYS C 349 -37.25 33.95 6.45
N PHE C 350 -36.16 34.66 6.75
CA PHE C 350 -35.61 34.63 8.10
C PHE C 350 -34.51 35.68 8.21
N THR C 351 -34.11 35.94 9.45
CA THR C 351 -33.05 36.89 9.78
C THR C 351 -31.95 36.14 10.51
N VAL C 352 -30.73 36.24 9.99
CA VAL C 352 -29.57 35.55 10.56
C VAL C 352 -28.61 36.59 11.12
N ALA C 353 -28.00 36.26 12.27
CA ALA C 353 -27.04 37.12 12.93
C ALA C 353 -25.82 36.30 13.30
N TRP C 354 -24.64 36.77 12.89
CA TRP C 354 -23.40 36.07 13.18
C TRP C 354 -22.30 37.08 13.40
N ASP C 355 -21.36 36.73 14.29
CA ASP C 355 -20.25 37.60 14.61
C ASP C 355 -19.34 37.74 13.39
N TRP C 356 -18.92 38.97 13.11
CA TRP C 356 -18.06 39.25 11.98
C TRP C 356 -16.59 39.13 12.36
N VAL C 357 -15.79 38.60 11.43
CA VAL C 357 -14.35 38.44 11.64
C VAL C 357 -13.64 38.58 10.30
N PRO C 358 -12.36 38.96 10.32
CA PRO C 358 -11.64 39.10 9.05
C PRO C 358 -11.54 37.77 8.32
N LYS C 359 -11.47 37.79 6.99
CA LYS C 359 -11.48 36.53 6.19
C LYS C 359 -10.11 35.86 6.19
N ARG C 360 -9.06 36.55 5.72
CA ARG C 360 -7.72 35.93 5.60
C ARG C 360 -7.32 35.20 6.89
N PRO C 361 -7.48 35.80 8.10
CA PRO C 361 -7.04 35.10 9.30
C PRO C 361 -8.06 34.12 9.87
N SER C 362 -9.15 33.84 9.15
CA SER C 362 -10.22 32.92 9.61
C SER C 362 -10.31 31.67 8.70
N VAL C 363 -10.11 31.82 7.40
CA VAL C 363 -10.24 30.67 6.43
C VAL C 363 -8.85 30.32 5.89
N CYS C 364 -8.62 29.03 5.59
CA CYS C 364 -7.35 28.55 5.02
C CYS C 364 -7.69 27.61 3.85
N THR C 365 -6.74 27.34 2.95
CA THR C 365 -6.94 26.37 1.85
C THR C 365 -5.97 25.23 2.06
N MET C 366 -5.31 25.20 3.22
CA MET C 366 -4.38 24.10 3.58
C MET C 366 -4.54 23.82 5.08
N THR C 367 -4.59 22.55 5.49
CA THR C 367 -4.72 22.15 6.88
C THR C 367 -3.51 21.34 7.32
N LYS C 368 -3.04 21.61 8.53
CA LYS C 368 -1.90 20.89 9.07
C LYS C 368 -2.27 19.42 9.23
N TRP C 369 -1.56 18.55 8.52
CA TRP C 369 -1.86 17.11 8.54
C TRP C 369 -1.03 16.34 9.57
N GLN C 370 0.29 16.36 9.45
CA GLN C 370 1.17 15.63 10.35
C GLN C 370 2.33 16.49 10.80
N GLU C 371 2.80 16.23 12.02
CA GLU C 371 3.94 16.92 12.62
C GLU C 371 5.06 15.90 12.74
N VAL C 372 5.98 15.92 11.80
CA VAL C 372 7.10 14.99 11.75
C VAL C 372 8.27 15.55 12.54
N ASP C 373 8.82 14.74 13.45
CA ASP C 373 9.95 15.17 14.25
C ASP C 373 11.26 15.00 13.49
N GLU C 374 11.37 13.94 12.70
CA GLU C 374 12.56 13.64 11.90
C GLU C 374 12.15 13.48 10.45
N MET C 375 12.54 14.44 9.61
CA MET C 375 12.24 14.42 8.18
C MET C 375 13.58 14.58 7.47
N LEU C 376 14.13 13.46 7.00
CA LEU C 376 15.42 13.46 6.33
C LEU C 376 15.23 13.86 4.87
N ARG C 377 15.99 14.86 4.42
CA ARG C 377 15.93 15.35 3.05
C ARG C 377 17.21 14.96 2.33
N SER C 378 17.07 14.32 1.17
CA SER C 378 18.19 13.89 0.35
C SER C 378 17.91 14.26 -1.10
N GLU C 379 18.98 14.48 -1.85
CA GLU C 379 18.90 14.86 -3.25
C GLU C 379 19.56 13.81 -4.11
N TYR C 380 18.79 13.24 -5.05
CA TYR C 380 19.29 12.24 -5.98
C TYR C 380 18.33 12.20 -7.15
N GLY C 381 18.88 12.04 -8.36
CA GLY C 381 18.05 12.01 -9.54
C GLY C 381 17.43 13.35 -9.86
N GLY C 382 18.06 14.43 -9.42
CA GLY C 382 17.54 15.76 -9.67
C GLY C 382 16.25 16.09 -8.97
N SER C 383 16.11 15.69 -7.70
CA SER C 383 14.89 15.99 -6.95
C SER C 383 15.09 15.64 -5.49
N PHE C 384 14.55 16.50 -4.62
CA PHE C 384 14.63 16.27 -3.18
C PHE C 384 13.64 15.20 -2.78
N ARG C 385 14.03 14.38 -1.81
CA ARG C 385 13.18 13.31 -1.31
C ARG C 385 13.11 13.39 0.21
N PHE C 386 11.96 13.83 0.72
CA PHE C 386 11.72 13.96 2.16
C PHE C 386 11.15 12.65 2.66
N SER C 387 11.97 11.87 3.36
CA SER C 387 11.57 10.58 3.91
C SER C 387 11.42 10.69 5.41
N SER C 388 10.27 10.23 5.93
CA SER C 388 9.98 10.26 7.35
C SER C 388 9.95 8.82 7.87
N ASP C 389 10.84 8.53 8.82
CA ASP C 389 10.91 7.18 9.39
C ASP C 389 9.80 6.93 10.40
N ALA C 390 9.28 7.99 11.03
CA ALA C 390 8.22 7.82 12.01
C ALA C 390 6.91 7.35 11.37
N ILE C 391 6.47 8.02 10.32
CA ILE C 391 5.22 7.68 9.64
C ILE C 391 5.44 6.77 8.43
N SER C 392 6.69 6.50 8.08
CA SER C 392 7.01 5.63 6.94
C SER C 392 6.41 6.20 5.65
N THR C 393 6.87 7.39 5.27
CA THR C 393 6.39 8.06 4.07
C THR C 393 7.55 8.81 3.42
N THR C 394 7.52 8.89 2.09
CA THR C 394 8.54 9.57 1.32
C THR C 394 7.87 10.48 0.29
N PHE C 395 8.27 11.75 0.29
CA PHE C 395 7.74 12.77 -0.61
C PHE C 395 8.83 13.26 -1.55
N THR C 396 8.46 13.52 -2.80
CA THR C 396 9.38 14.01 -3.82
C THR C 396 9.00 15.42 -4.25
N THR C 397 10.00 16.28 -4.42
CA THR C 397 9.78 17.67 -4.81
C THR C 397 10.67 18.01 -6.01
N ASN C 398 10.71 19.31 -6.33
CA ASN C 398 11.47 19.84 -7.47
C ASN C 398 12.67 20.69 -7.06
N LEU C 399 13.09 20.64 -5.79
CA LEU C 399 14.23 21.40 -5.28
C LEU C 399 13.99 22.91 -5.19
N THR C 400 12.84 23.39 -5.66
CA THR C 400 12.52 24.81 -5.64
C THR C 400 11.48 25.07 -4.57
N GLU C 401 11.78 26.00 -3.65
CA GLU C 401 10.84 26.32 -2.59
C GLU C 401 9.57 26.87 -3.19
N TYR C 402 8.46 26.20 -2.93
CA TYR C 402 7.17 26.65 -3.45
C TYR C 402 6.84 27.98 -2.80
N PRO C 403 6.65 29.08 -3.58
CA PRO C 403 6.32 30.37 -2.94
C PRO C 403 5.03 30.31 -2.14
N LEU C 404 5.12 30.52 -0.82
CA LEU C 404 3.93 30.48 0.01
C LEU C 404 2.93 31.54 -0.38
N SER C 405 3.38 32.64 -0.98
CA SER C 405 2.45 33.69 -1.39
C SER C 405 1.53 33.21 -2.50
N ARG C 406 1.91 32.15 -3.22
CA ARG C 406 1.09 31.62 -4.30
C ARG C 406 -0.13 30.86 -3.78
N VAL C 407 -0.14 30.46 -2.51
CA VAL C 407 -1.27 29.73 -1.96
C VAL C 407 -2.39 30.73 -1.64
N ASP C 408 -3.59 30.46 -2.17
CA ASP C 408 -4.71 31.35 -1.92
C ASP C 408 -5.20 31.18 -0.50
N LEU C 409 -5.32 32.28 0.26
CA LEU C 409 -5.75 32.21 1.68
C LEU C 409 -4.87 31.18 2.41
N GLY C 410 -3.59 31.47 2.61
CA GLY C 410 -2.66 30.54 3.29
C GLY C 410 -1.86 31.22 4.37
N ASP C 411 -2.48 32.14 5.12
CA ASP C 411 -1.81 32.86 6.24
C ASP C 411 -1.69 31.94 7.45
N CYS C 412 -2.60 30.98 7.59
CA CYS C 412 -2.64 30.02 8.72
C CYS C 412 -1.48 29.03 8.64
N ILE C 413 -0.83 28.96 7.46
CA ILE C 413 0.23 27.95 7.15
C ILE C 413 1.58 28.43 7.67
N GLY C 414 1.83 29.74 7.67
CA GLY C 414 3.06 30.26 8.27
C GLY C 414 2.93 30.18 9.77
N LYS C 415 1.72 30.35 10.29
CA LYS C 415 1.47 30.30 11.73
C LYS C 415 1.50 28.86 12.24
N ASP C 416 0.76 27.96 11.57
CA ASP C 416 0.73 26.57 11.99
C ASP C 416 2.08 25.90 11.85
N ALA C 417 2.78 26.13 10.74
CA ALA C 417 4.08 25.50 10.54
C ALA C 417 5.10 25.97 11.58
N ARG C 418 5.14 27.27 11.86
CA ARG C 418 6.10 27.78 12.83
C ARG C 418 5.76 27.34 14.24
N ASP C 419 4.47 27.26 14.57
CA ASP C 419 4.07 26.84 15.91
C ASP C 419 4.53 25.42 16.19
N ALA C 420 4.36 24.52 15.23
CA ALA C 420 4.77 23.13 15.42
C ALA C 420 6.29 23.01 15.48
N MET C 421 6.99 23.78 14.63
CA MET C 421 8.45 23.71 14.62
C MET C 421 9.03 24.18 15.95
N ASP C 422 8.51 25.27 16.50
CA ASP C 422 9.01 25.77 17.77
C ASP C 422 8.77 24.78 18.89
N ARG C 423 7.58 24.17 18.92
CA ARG C 423 7.25 23.21 19.96
C ARG C 423 8.09 21.94 19.83
N ILE C 424 8.30 21.47 18.60
CA ILE C 424 9.07 20.25 18.38
C ILE C 424 10.55 20.49 18.69
N PHE C 425 11.08 21.63 18.25
CA PHE C 425 12.50 21.93 18.48
C PHE C 425 12.82 21.99 19.97
N ALA C 426 12.04 22.74 20.74
CA ALA C 426 12.31 22.87 22.17
C ALA C 426 12.05 21.56 22.90
N ARG C 427 11.18 20.71 22.37
CA ARG C 427 10.86 19.46 23.05
C ARG C 427 11.93 18.40 22.86
N ARG C 428 12.56 18.35 21.69
CA ARG C 428 13.56 17.32 21.38
C ARG C 428 14.89 17.81 20.85
N TYR C 429 14.92 18.84 20.00
CA TYR C 429 16.16 19.29 19.39
C TYR C 429 16.86 20.45 20.08
N ASN C 430 16.39 20.92 21.23
CA ASN C 430 17.08 22.03 21.87
C ASN C 430 18.45 21.67 22.45
N ALA C 431 18.56 20.49 23.05
CA ALA C 431 19.81 20.09 23.69
C ALA C 431 20.82 19.41 22.77
N THR C 432 20.48 19.11 21.52
CA THR C 432 21.42 18.43 20.63
C THR C 432 21.56 19.03 19.23
N HIS C 433 20.59 19.77 18.72
CA HIS C 433 20.67 20.33 17.37
C HIS C 433 20.50 21.85 17.42
N ILE C 434 20.74 22.47 16.26
CA ILE C 434 20.66 23.92 16.09
C ILE C 434 19.85 24.21 14.84
N LYS C 435 19.01 25.25 14.91
CA LYS C 435 18.21 25.64 13.76
C LYS C 435 19.09 26.35 12.75
N VAL C 436 18.95 25.98 11.48
CA VAL C 436 19.71 26.58 10.38
C VAL C 436 18.75 27.27 9.44
N GLY C 437 18.81 28.60 9.40
CA GLY C 437 17.95 29.36 8.52
C GLY C 437 16.49 29.36 8.97
N GLN C 438 15.65 29.88 8.08
CA GLN C 438 14.22 29.97 8.30
C GLN C 438 13.51 28.79 7.64
N PRO C 439 12.22 28.58 7.95
CA PRO C 439 11.51 27.45 7.34
C PRO C 439 11.44 27.56 5.83
N GLN C 440 11.48 26.41 5.17
CA GLN C 440 11.41 26.29 3.72
C GLN C 440 10.19 25.47 3.34
N TYR C 441 9.39 25.99 2.41
CA TYR C 441 8.17 25.33 1.95
C TYR C 441 8.42 24.73 0.58
N TYR C 442 8.15 23.43 0.44
CA TYR C 442 8.35 22.70 -0.80
C TYR C 442 7.05 22.02 -1.21
N LEU C 443 6.75 22.06 -2.51
CA LEU C 443 5.55 21.43 -3.05
C LEU C 443 5.92 20.02 -3.47
N ALA C 444 5.44 19.03 -2.73
CA ALA C 444 5.75 17.64 -3.01
C ALA C 444 4.77 17.03 -4.01
N ASN C 445 5.19 15.89 -4.57
CA ASN C 445 4.37 15.18 -5.53
C ASN C 445 3.11 14.68 -4.85
N GLY C 446 2.00 14.72 -5.57
CA GLY C 446 0.71 14.29 -5.05
C GLY C 446 -0.13 15.40 -4.47
N GLY C 447 0.42 16.60 -4.30
CA GLY C 447 -0.34 17.72 -3.77
C GLY C 447 -0.14 17.99 -2.30
N PHE C 448 1.04 17.69 -1.76
CA PHE C 448 1.35 17.92 -0.36
C PHE C 448 2.40 19.02 -0.22
N LEU C 449 2.07 20.02 0.59
CA LEU C 449 2.97 21.14 0.87
C LEU C 449 3.71 20.79 2.15
N ILE C 450 5.03 20.74 2.08
CA ILE C 450 5.88 20.36 3.19
C ILE C 450 6.65 21.58 3.69
N ALA C 451 6.42 21.96 4.94
CA ALA C 451 7.13 23.06 5.56
C ALA C 451 8.34 22.47 6.27
N TYR C 452 9.52 22.69 5.71
CA TYR C 452 10.76 22.13 6.23
C TYR C 452 11.60 23.15 6.97
N GLN C 453 12.27 22.68 8.03
CA GLN C 453 13.15 23.50 8.87
C GLN C 453 14.48 22.75 8.97
N PRO C 454 15.51 23.11 8.21
CA PRO C 454 16.78 22.38 8.30
C PRO C 454 17.40 22.48 9.68
N LEU C 455 18.10 21.41 10.07
CA LEU C 455 18.76 21.31 11.36
C LEU C 455 20.19 20.81 11.15
N LEU C 456 21.04 21.14 12.11
CA LEU C 456 22.45 20.75 12.11
C LEU C 456 22.79 20.17 13.47
N SER C 457 23.66 19.16 13.48
CA SER C 457 24.07 18.52 14.72
C SER C 457 25.27 19.22 15.34
N ASN C 458 25.28 19.27 16.67
CA ASN C 458 26.39 19.91 17.38
C ASN C 458 27.70 19.16 17.20
N THR C 459 27.64 17.85 16.97
CA THR C 459 28.84 17.04 16.78
C THR C 459 29.58 17.45 15.50
N VAL C 492 -1.54 32.98 -8.08
CA VAL C 492 -2.38 32.46 -7.01
C VAL C 492 -3.11 31.22 -7.51
N GLU C 493 -3.16 30.18 -6.68
CA GLU C 493 -3.84 28.94 -7.06
C GLU C 493 -4.13 28.14 -5.79
N ARG C 494 -4.84 27.02 -5.99
CA ARG C 494 -5.22 26.11 -4.92
C ARG C 494 -4.53 24.77 -5.16
N ILE C 495 -3.97 24.20 -4.09
CA ILE C 495 -3.29 22.92 -4.21
C ILE C 495 -4.30 21.78 -4.09
N LYS C 496 -4.23 20.84 -5.03
CA LYS C 496 -5.11 19.68 -5.06
C LYS C 496 -4.36 18.48 -4.49
N THR C 497 -4.75 18.06 -3.30
CA THR C 497 -4.11 16.93 -2.61
C THR C 497 -4.77 15.63 -2.99
N THR C 498 -3.95 14.61 -3.23
CA THR C 498 -4.46 13.30 -3.57
C THR C 498 -5.19 12.69 -2.38
N SER C 499 -6.14 11.81 -2.67
CA SER C 499 -6.93 11.18 -1.62
C SER C 499 -6.29 9.92 -1.07
N SER C 500 -5.07 9.56 -1.50
CA SER C 500 -4.42 8.35 -1.01
C SER C 500 -2.92 8.58 -0.89
N ILE C 501 -2.39 8.38 0.33
CA ILE C 501 -0.95 8.53 0.57
C ILE C 501 -0.24 7.20 0.40
N GLU C 502 -0.97 6.13 0.07
CA GLU C 502 -0.34 4.82 -0.08
C GLU C 502 0.72 4.84 -1.18
N PHE C 503 0.64 5.76 -2.14
CA PHE C 503 1.65 5.83 -3.18
C PHE C 503 2.99 6.22 -2.59
N ALA C 504 2.98 7.09 -1.56
CA ALA C 504 4.20 7.51 -0.91
C ALA C 504 4.72 6.45 0.05
N ARG C 505 3.81 5.74 0.72
CA ARG C 505 4.25 4.69 1.65
C ARG C 505 4.99 3.59 0.91
N LEU C 506 4.54 3.23 -0.30
CA LEU C 506 5.23 2.22 -1.07
C LEU C 506 6.64 2.70 -1.42
N GLN C 507 6.78 3.99 -1.69
CA GLN C 507 8.09 4.56 -2.00
C GLN C 507 9.04 4.36 -0.83
N PHE C 508 8.56 4.63 0.38
CA PHE C 508 9.41 4.46 1.56
C PHE C 508 9.72 2.99 1.78
N THR C 509 8.71 2.12 1.66
CA THR C 509 8.93 0.70 1.85
C THR C 509 9.93 0.15 0.86
N TYR C 510 9.80 0.51 -0.41
CA TYR C 510 10.74 0.02 -1.42
C TYR C 510 12.13 0.57 -1.14
N ASN C 511 12.22 1.86 -0.79
CA ASN C 511 13.52 2.46 -0.49
C ASN C 511 14.10 1.87 0.78
N HIS C 512 13.27 1.59 1.78
CA HIS C 512 13.77 1.02 3.03
C HIS C 512 14.29 -0.40 2.83
N ILE C 513 13.89 -1.07 1.75
CA ILE C 513 14.31 -2.48 1.49
C ILE C 513 15.40 -2.49 0.42
N GLN C 514 15.38 -1.55 -0.51
CA GLN C 514 16.36 -1.50 -1.63
C GLN C 514 17.69 -0.94 -1.12
N ARG C 515 17.66 0.16 -0.38
CA ARG C 515 18.88 0.83 0.15
C ARG C 515 19.74 -0.16 0.94
N PRO C 516 19.23 -0.89 1.96
CA PRO C 516 20.06 -1.80 2.72
C PRO C 516 20.47 -2.99 1.88
N VAL C 517 19.53 -3.64 1.21
CA VAL C 517 19.83 -4.87 0.41
C VAL C 517 20.98 -4.54 -0.55
N ASN C 518 20.96 -3.35 -1.16
CA ASN C 518 22.01 -2.94 -2.13
C ASN C 518 23.32 -2.73 -1.36
N ASP C 519 23.25 -2.16 -0.16
CA ASP C 519 24.45 -1.95 0.68
C ASP C 519 25.07 -3.31 0.99
N MET C 520 24.25 -4.34 1.24
CA MET C 520 24.76 -5.68 1.60
C MET C 520 25.14 -6.43 0.32
N LEU C 521 24.56 -6.07 -0.82
CA LEU C 521 24.95 -6.66 -2.12
C LEU C 521 26.30 -6.05 -2.51
N GLY C 522 26.55 -4.80 -2.08
CA GLY C 522 27.79 -4.09 -2.43
C GLY C 522 28.94 -4.59 -1.59
N ARG C 523 28.71 -4.91 -0.33
CA ARG C 523 29.73 -5.44 0.56
C ARG C 523 30.11 -6.86 0.16
N VAL C 524 29.12 -7.68 -0.22
CA VAL C 524 29.41 -9.04 -0.64
C VAL C 524 30.26 -9.03 -1.90
N ALA C 525 29.92 -8.15 -2.85
CA ALA C 525 30.70 -8.06 -4.07
C ALA C 525 32.11 -7.60 -3.78
N ILE C 526 32.26 -6.60 -2.89
CA ILE C 526 33.59 -6.11 -2.53
C ILE C 526 34.37 -7.21 -1.83
N ALA C 527 33.73 -7.89 -0.88
CA ALA C 527 34.41 -8.97 -0.16
C ALA C 527 34.82 -10.09 -1.09
N TRP C 528 33.97 -10.43 -2.06
CA TRP C 528 34.32 -11.49 -3.01
C TRP C 528 35.56 -11.11 -3.80
N CYS C 529 35.62 -9.87 -4.30
CA CYS C 529 36.79 -9.44 -5.05
C CYS C 529 38.04 -9.49 -4.19
N GLU C 530 37.94 -9.02 -2.95
CA GLU C 530 39.10 -9.06 -2.06
C GLU C 530 39.51 -10.50 -1.79
N GLU C 531 38.54 -11.41 -1.71
CA GLU C 531 38.85 -12.81 -1.47
C GLU C 531 39.56 -13.42 -2.69
N GLN C 532 39.01 -13.19 -3.88
CA GLN C 532 39.62 -13.74 -5.08
C GLN C 532 41.07 -13.28 -5.24
N ASN C 533 41.32 -11.99 -4.97
CA ASN C 533 42.68 -11.49 -5.05
C ASN C 533 43.56 -12.15 -3.98
N HIS C 534 42.92 -12.62 -2.90
CA HIS C 534 43.66 -13.29 -1.83
C HIS C 534 44.03 -14.71 -2.23
N GLU C 535 43.16 -15.38 -2.99
CA GLU C 535 43.44 -16.75 -3.41
C GLU C 535 44.62 -16.83 -4.37
N LEU C 536 44.86 -15.76 -5.14
CA LEU C 536 45.96 -15.76 -6.10
C LEU C 536 47.28 -16.05 -5.41
N THR C 537 47.43 -15.61 -4.17
CA THR C 537 48.67 -15.87 -3.44
C THR C 537 48.85 -17.35 -3.19
N LEU C 538 47.75 -18.11 -3.15
CA LEU C 538 47.85 -19.56 -2.93
C LEU C 538 48.02 -20.30 -4.25
N TRP C 539 47.35 -19.85 -5.31
CA TRP C 539 47.48 -20.51 -6.60
C TRP C 539 48.86 -20.34 -7.18
N ASN C 540 49.52 -19.21 -6.88
CA ASN C 540 50.88 -18.99 -7.40
C ASN C 540 51.86 -20.02 -6.85
N GLU C 541 51.59 -20.55 -5.65
CA GLU C 541 52.43 -21.56 -5.01
C GLU C 541 51.91 -22.97 -5.24
N ALA C 542 50.59 -23.15 -5.33
CA ALA C 542 50.03 -24.47 -5.56
C ALA C 542 50.43 -25.01 -6.93
N ARG C 543 50.64 -24.12 -7.90
CA ARG C 543 51.01 -24.56 -9.23
C ARG C 543 52.36 -25.25 -9.23
N LYS C 544 53.31 -24.78 -8.42
CA LYS C 544 54.63 -25.41 -8.36
C LYS C 544 54.55 -26.82 -7.79
N LEU C 545 53.67 -27.06 -6.83
CA LEU C 545 53.55 -28.38 -6.24
C LEU C 545 53.05 -29.40 -7.26
N ASN C 546 52.05 -29.03 -8.05
CA ASN C 546 51.49 -29.93 -9.06
C ASN C 546 50.89 -29.09 -10.18
N PRO C 547 51.72 -28.68 -11.16
CA PRO C 547 51.18 -27.86 -12.26
C PRO C 547 50.11 -28.56 -13.07
N ASN C 548 50.13 -29.89 -13.13
CA ASN C 548 49.13 -30.61 -13.91
C ASN C 548 47.72 -30.37 -13.38
N ALA C 549 47.52 -30.57 -12.07
CA ALA C 549 46.19 -30.38 -11.49
C ALA C 549 45.78 -28.90 -11.48
N ILE C 550 46.72 -28.00 -11.19
CA ILE C 550 46.37 -26.58 -11.15
C ILE C 550 46.02 -26.09 -12.54
N ALA C 551 46.80 -26.46 -13.55
CA ALA C 551 46.54 -26.00 -14.90
C ALA C 551 45.24 -26.57 -15.45
N SER C 552 44.93 -27.82 -15.10
CA SER C 552 43.72 -28.46 -15.60
C SER C 552 42.47 -27.71 -15.16
N VAL C 553 42.35 -27.41 -13.86
CA VAL C 553 41.16 -26.71 -13.38
C VAL C 553 41.12 -25.27 -13.86
N THR C 554 42.28 -24.60 -13.93
CA THR C 554 42.30 -23.20 -14.37
C THR C 554 42.10 -23.06 -15.87
N VAL C 555 42.68 -23.95 -16.67
CA VAL C 555 42.55 -23.86 -18.12
C VAL C 555 41.16 -24.32 -18.59
N GLY C 556 40.49 -25.19 -17.84
CA GLY C 556 39.18 -25.69 -18.20
C GLY C 556 39.16 -27.07 -18.82
N ARG C 557 40.33 -27.65 -19.11
CA ARG C 557 40.42 -28.98 -19.70
C ARG C 557 41.66 -29.66 -19.15
N ARG C 558 41.63 -30.99 -19.14
CA ARG C 558 42.75 -31.78 -18.62
C ARG C 558 44.01 -31.49 -19.45
N VAL C 559 45.01 -30.91 -18.81
CA VAL C 559 46.27 -30.58 -19.47
C VAL C 559 47.42 -30.82 -18.49
N SER C 560 48.62 -30.91 -19.06
CA SER C 560 49.84 -31.11 -18.29
C SER C 560 50.69 -29.85 -18.44
N ALA C 561 51.32 -29.45 -17.34
CA ALA C 561 52.13 -28.24 -17.34
C ALA C 561 53.41 -28.46 -16.55
N ARG C 562 54.40 -27.60 -16.86
CA ARG C 562 55.69 -27.60 -16.21
C ARG C 562 56.13 -26.16 -16.10
N MET C 563 56.69 -25.81 -14.94
CA MET C 563 57.15 -24.45 -14.66
C MET C 563 58.15 -24.02 -15.73
N LEU C 564 57.84 -22.91 -16.42
CA LEU C 564 58.72 -22.33 -17.43
C LEU C 564 59.31 -21.05 -16.84
N GLY C 565 59.39 -21.00 -15.51
CA GLY C 565 59.88 -19.84 -14.79
C GLY C 565 58.72 -19.22 -14.06
N ASP C 566 58.41 -17.97 -14.37
CA ASP C 566 57.29 -17.27 -13.77
C ASP C 566 55.98 -17.56 -14.49
N VAL C 567 56.01 -18.34 -15.58
CA VAL C 567 54.85 -18.70 -16.38
C VAL C 567 54.89 -20.21 -16.57
N MET C 568 53.76 -20.76 -17.00
CA MET C 568 53.62 -22.20 -17.23
C MET C 568 53.25 -22.50 -18.67
N ALA C 569 53.71 -23.66 -19.15
CA ALA C 569 53.38 -24.15 -20.47
C ALA C 569 52.26 -25.17 -20.31
N VAL C 570 51.59 -25.50 -21.41
CA VAL C 570 50.49 -26.44 -21.36
C VAL C 570 50.42 -27.29 -22.62
N SER C 571 49.99 -28.54 -22.44
CA SER C 571 49.83 -29.51 -23.50
C SER C 571 48.52 -30.24 -23.28
N THR C 572 47.73 -30.42 -24.34
CA THR C 572 46.45 -31.09 -24.24
C THR C 572 46.63 -32.59 -24.20
N CYS C 573 46.04 -33.23 -23.20
CA CYS C 573 46.13 -34.68 -23.05
C CYS C 573 45.04 -35.36 -23.87
N VAL C 574 45.33 -36.57 -24.33
CA VAL C 574 44.40 -37.36 -25.14
C VAL C 574 43.68 -38.33 -24.22
N PRO C 575 42.35 -38.49 -24.32
CA PRO C 575 41.67 -39.45 -23.44
C PRO C 575 41.89 -40.89 -23.87
N VAL C 576 41.59 -41.80 -22.95
CA VAL C 576 41.73 -43.24 -23.18
C VAL C 576 40.59 -43.93 -22.44
N ALA C 577 39.90 -44.85 -23.12
CA ALA C 577 38.80 -45.57 -22.50
C ALA C 577 39.28 -46.48 -21.39
N ALA C 578 38.41 -46.70 -20.41
CA ALA C 578 38.74 -47.55 -19.27
C ALA C 578 39.04 -49.00 -19.67
N ASP C 579 38.25 -49.58 -20.57
CA ASP C 579 38.46 -50.95 -21.00
C ASP C 579 39.81 -51.17 -21.67
N ASN C 580 40.44 -50.12 -22.20
CA ASN C 580 41.73 -50.21 -22.86
C ASN C 580 42.89 -50.06 -21.89
N VAL C 581 42.65 -50.20 -20.59
CA VAL C 581 43.69 -50.07 -19.56
C VAL C 581 43.53 -51.21 -18.57
N ILE C 582 44.66 -51.77 -18.12
CA ILE C 582 44.67 -52.86 -17.16
C ILE C 582 45.87 -52.69 -16.24
N VAL C 583 45.67 -53.04 -14.97
CA VAL C 583 46.70 -52.94 -13.94
C VAL C 583 47.30 -54.32 -13.72
N GLN C 584 48.61 -54.39 -13.58
CA GLN C 584 49.28 -55.66 -13.35
C GLN C 584 48.99 -56.19 -11.96
N ASN C 585 49.11 -57.51 -11.81
CA ASN C 585 48.86 -58.15 -10.52
C ASN C 585 49.98 -57.92 -9.51
N SER C 586 51.13 -57.43 -9.93
CA SER C 586 52.24 -57.20 -9.01
C SER C 586 53.08 -56.03 -9.48
N MET C 587 53.86 -55.48 -8.54
CA MET C 587 54.73 -54.34 -8.84
C MET C 587 56.19 -54.76 -8.81
N ARG C 588 56.50 -55.84 -8.08
CA ARG C 588 57.84 -56.38 -7.87
C ARG C 588 58.82 -56.21 -9.03
N ILE C 589 60.00 -55.66 -8.71
CA ILE C 589 61.08 -55.44 -9.66
C ILE C 589 62.07 -56.57 -9.44
N SER C 590 61.91 -57.67 -10.19
CA SER C 590 62.79 -58.82 -10.02
C SER C 590 64.23 -58.51 -10.42
N SER C 591 64.46 -57.47 -11.22
CA SER C 591 65.81 -57.15 -11.66
C SER C 591 66.62 -56.38 -10.61
N ARG C 592 65.97 -55.79 -9.60
CA ARG C 592 66.66 -55.03 -8.57
C ARG C 592 65.98 -55.21 -7.21
N PRO C 593 66.40 -56.20 -6.43
CA PRO C 593 65.79 -56.38 -5.10
C PRO C 593 66.01 -55.15 -4.23
N GLY C 594 65.01 -54.83 -3.42
CA GLY C 594 65.08 -53.66 -2.55
C GLY C 594 64.52 -52.40 -3.15
N ALA C 595 64.25 -52.37 -4.45
CA ALA C 595 63.69 -51.21 -5.13
C ALA C 595 62.24 -51.50 -5.47
N CYS C 596 61.34 -50.59 -5.10
CA CYS C 596 59.91 -50.75 -5.34
C CYS C 596 59.32 -49.46 -5.89
N TYR C 597 58.46 -49.60 -6.90
CA TYR C 597 57.81 -48.42 -7.49
C TYR C 597 56.81 -47.85 -6.50
N SER C 598 56.64 -46.53 -6.53
CA SER C 598 55.69 -45.88 -5.64
C SER C 598 54.27 -45.90 -6.17
N ARG C 599 54.07 -46.24 -7.45
CA ARG C 599 52.76 -46.30 -8.07
C ARG C 599 52.66 -47.58 -8.90
N PRO C 600 51.46 -48.15 -9.07
CA PRO C 600 51.36 -49.39 -9.86
C PRO C 600 51.64 -49.17 -11.33
N LEU C 601 52.06 -50.23 -12.00
CA LEU C 601 52.33 -50.20 -13.43
C LEU C 601 51.04 -50.45 -14.19
N VAL C 602 51.04 -50.10 -15.48
CA VAL C 602 49.86 -50.28 -16.32
C VAL C 602 50.27 -50.55 -17.77
N SER C 603 49.33 -51.13 -18.51
CA SER C 603 49.47 -51.43 -19.92
C SER C 603 48.20 -50.95 -20.59
N PHE C 604 48.35 -50.18 -21.68
CA PHE C 604 47.19 -49.63 -22.35
C PHE C 604 47.46 -49.47 -23.85
N ARG C 605 46.38 -49.20 -24.58
CA ARG C 605 46.40 -48.98 -26.01
C ARG C 605 45.54 -47.76 -26.32
N TYR C 606 46.04 -46.93 -27.24
CA TYR C 606 45.29 -45.73 -27.61
C TYR C 606 43.95 -46.09 -28.26
N GLU C 607 44.00 -46.81 -29.38
CA GLU C 607 42.80 -47.23 -30.08
C GLU C 607 42.38 -48.61 -29.60
N ASP C 608 41.17 -49.01 -29.97
CA ASP C 608 40.67 -50.32 -29.58
C ASP C 608 41.53 -51.44 -30.15
N GLN C 609 42.07 -51.23 -31.35
CA GLN C 609 42.93 -52.21 -32.03
C GLN C 609 44.39 -51.83 -31.99
N GLY C 610 44.78 -50.82 -31.21
CA GLY C 610 46.16 -50.40 -31.14
C GLY C 610 47.02 -51.32 -30.31
N PRO C 611 48.34 -51.24 -30.45
CA PRO C 611 49.21 -52.12 -29.66
C PRO C 611 49.25 -51.70 -28.20
N LEU C 612 49.63 -52.64 -27.33
CA LEU C 612 49.72 -52.37 -25.91
C LEU C 612 51.01 -51.59 -25.63
N VAL C 613 50.89 -50.47 -24.92
CA VAL C 613 52.01 -49.59 -24.59
C VAL C 613 52.35 -49.75 -23.12
N GLU C 614 53.66 -49.71 -22.83
CA GLU C 614 54.14 -49.83 -21.46
C GLU C 614 54.05 -48.47 -20.77
N GLY C 615 53.60 -48.47 -19.52
CA GLY C 615 53.47 -47.24 -18.78
C GLY C 615 53.20 -47.49 -17.31
N GLN C 616 53.02 -46.39 -16.58
CA GLN C 616 52.75 -46.44 -15.15
C GLN C 616 51.59 -45.49 -14.84
N LEU C 617 50.78 -45.90 -13.87
CA LEU C 617 49.63 -45.10 -13.47
C LEU C 617 50.09 -43.82 -12.77
N GLY C 618 49.24 -42.79 -12.85
CA GLY C 618 49.49 -41.50 -12.25
C GLY C 618 48.34 -41.04 -11.38
N GLU C 619 48.34 -39.74 -11.09
CA GLU C 619 47.30 -39.15 -10.28
C GLU C 619 46.13 -38.69 -11.15
N ASN C 620 44.92 -38.83 -10.60
CA ASN C 620 43.70 -38.43 -11.31
C ASN C 620 43.55 -39.19 -12.62
N ASN C 621 43.78 -40.50 -12.57
CA ASN C 621 43.67 -41.38 -13.74
C ASN C 621 44.65 -40.99 -14.84
N GLU C 622 45.79 -40.42 -14.47
CA GLU C 622 46.79 -40.02 -15.45
C GLU C 622 47.70 -41.21 -15.76
N LEU C 623 47.96 -41.41 -17.05
CA LEU C 623 48.82 -42.49 -17.53
C LEU C 623 50.17 -41.92 -17.90
N ARG C 624 51.21 -42.37 -17.21
CA ARG C 624 52.59 -41.93 -17.44
C ARG C 624 53.31 -42.95 -18.30
N LEU C 625 54.05 -42.48 -19.30
CA LEU C 625 54.77 -43.37 -20.19
C LEU C 625 56.16 -43.75 -19.70
N THR C 626 56.66 -43.11 -18.64
CA THR C 626 57.98 -43.39 -18.09
C THR C 626 57.86 -43.93 -16.68
N ARG C 627 58.60 -45.00 -16.41
CA ARG C 627 58.62 -45.65 -15.09
C ARG C 627 59.89 -45.19 -14.38
N ASP C 628 59.76 -44.19 -13.50
CA ASP C 628 60.89 -43.66 -12.76
C ASP C 628 60.57 -43.36 -11.30
N ALA C 629 59.36 -43.65 -10.83
CA ALA C 629 58.98 -43.38 -9.44
C ALA C 629 59.32 -44.59 -8.56
N ILE C 630 60.63 -44.78 -8.36
CA ILE C 630 61.17 -45.88 -7.58
C ILE C 630 61.49 -45.38 -6.18
N GLU C 631 61.15 -46.20 -5.18
CA GLU C 631 61.39 -45.91 -3.78
C GLU C 631 61.81 -47.19 -3.08
N PRO C 632 62.55 -47.09 -1.97
CA PRO C 632 62.96 -48.33 -1.28
C PRO C 632 61.74 -49.07 -0.77
N CYS C 633 61.81 -50.40 -0.86
CA CYS C 633 60.69 -51.22 -0.40
C CYS C 633 60.56 -51.11 1.12
N THR C 634 59.35 -50.85 1.59
CA THR C 634 59.06 -50.69 3.01
C THR C 634 58.16 -51.82 3.48
N VAL C 635 58.39 -52.30 4.70
CA VAL C 635 57.59 -53.38 5.26
C VAL C 635 56.18 -52.86 5.53
N GLY C 636 55.20 -53.78 5.45
CA GLY C 636 53.80 -53.41 5.76
C GLY C 636 53.28 -52.40 4.76
N HIS C 637 53.73 -52.49 3.51
CA HIS C 637 53.29 -51.55 2.45
C HIS C 637 51.77 -51.63 2.32
N ARG C 638 51.14 -50.53 1.91
CA ARG C 638 49.68 -50.48 1.70
C ARG C 638 49.39 -49.15 1.01
N ARG C 639 48.60 -49.18 -0.07
CA ARG C 639 48.33 -47.94 -0.84
C ARG C 639 47.08 -48.06 -1.72
N TYR C 640 46.15 -47.11 -1.64
CA TYR C 640 45.00 -47.08 -2.57
C TYR C 640 45.45 -46.19 -3.72
N PHE C 641 44.99 -46.44 -4.94
CA PHE C 641 45.35 -45.62 -6.12
C PHE C 641 44.11 -45.43 -6.97
N THR C 642 43.81 -44.21 -7.39
CA THR C 642 42.62 -43.95 -8.18
C THR C 642 42.73 -44.64 -9.53
N PHE C 643 41.65 -45.33 -9.93
CA PHE C 643 41.62 -46.05 -11.20
C PHE C 643 40.20 -46.00 -11.74
N GLY C 644 40.02 -45.27 -12.84
CA GLY C 644 38.70 -45.15 -13.42
C GLY C 644 37.74 -44.50 -12.43
N GLY C 645 36.57 -45.12 -12.26
CA GLY C 645 35.57 -44.59 -11.34
C GLY C 645 35.72 -45.06 -9.91
N GLY C 646 36.68 -45.95 -9.64
CA GLY C 646 36.91 -46.48 -8.31
C GLY C 646 38.36 -46.38 -7.90
N TYR C 647 38.79 -47.35 -7.11
CA TYR C 647 40.16 -47.43 -6.60
C TYR C 647 40.69 -48.85 -6.75
N VAL C 648 42.02 -48.96 -6.68
CA VAL C 648 42.72 -50.24 -6.75
C VAL C 648 43.53 -50.35 -5.46
N TYR C 649 43.30 -51.43 -4.72
CA TYR C 649 43.96 -51.68 -3.45
C TYR C 649 45.18 -52.56 -3.63
N PHE C 650 46.26 -52.20 -2.94
CA PHE C 650 47.53 -52.93 -2.99
C PHE C 650 48.04 -53.15 -1.58
N GLU C 651 48.61 -54.33 -1.35
CA GLU C 651 49.17 -54.72 -0.05
C GLU C 651 50.51 -55.40 -0.29
N GLU C 652 51.54 -54.92 0.40
CA GLU C 652 52.88 -55.48 0.27
C GLU C 652 53.34 -55.42 -1.19
N TYR C 653 52.99 -54.32 -1.85
CA TYR C 653 53.29 -54.07 -3.26
C TYR C 653 52.64 -55.08 -4.19
N ALA C 654 51.55 -55.70 -3.77
CA ALA C 654 50.83 -56.69 -4.56
C ALA C 654 49.36 -56.28 -4.72
N TYR C 655 48.87 -56.42 -5.95
CA TYR C 655 47.49 -56.07 -6.25
C TYR C 655 46.52 -56.90 -5.43
N SER C 656 45.44 -56.26 -4.97
CA SER C 656 44.44 -56.94 -4.15
C SER C 656 43.10 -57.07 -4.87
N HIS C 657 42.46 -55.97 -5.25
CA HIS C 657 41.17 -56.01 -5.93
C HIS C 657 40.70 -54.59 -6.23
N GLN C 658 39.57 -54.49 -6.92
CA GLN C 658 38.95 -53.22 -7.26
C GLN C 658 37.78 -52.98 -6.32
N LEU C 659 37.69 -51.77 -5.77
CA LEU C 659 36.62 -51.41 -4.85
C LEU C 659 35.95 -50.14 -5.33
N SER C 660 34.64 -50.05 -5.06
CA SER C 660 33.84 -48.91 -5.46
C SER C 660 34.30 -47.63 -4.79
N ARG C 661 33.82 -46.50 -5.32
CA ARG C 661 34.18 -45.19 -4.78
C ARG C 661 33.51 -44.92 -3.45
N ALA C 662 32.32 -45.49 -3.23
CA ALA C 662 31.59 -45.28 -1.99
C ALA C 662 32.03 -46.20 -0.85
N ASP C 663 32.98 -47.10 -1.09
CA ASP C 663 33.43 -48.00 -0.04
C ASP C 663 34.30 -47.31 1.01
N ILE C 664 34.88 -46.16 0.68
CA ILE C 664 35.74 -45.42 1.60
C ILE C 664 34.94 -44.26 2.19
N THR C 665 35.17 -43.98 3.48
CA THR C 665 34.47 -42.88 4.13
C THR C 665 34.85 -41.57 3.47
N THR C 666 33.85 -40.72 3.25
CA THR C 666 34.05 -39.42 2.61
C THR C 666 33.71 -38.30 3.57
N VAL C 667 34.53 -37.24 3.55
CA VAL C 667 34.35 -36.06 4.38
C VAL C 667 34.22 -34.86 3.44
N SER C 668 33.19 -34.05 3.68
CA SER C 668 32.95 -32.88 2.83
C SER C 668 33.98 -31.79 3.12
N THR C 669 34.82 -31.50 2.14
CA THR C 669 35.83 -30.46 2.30
C THR C 669 35.29 -29.08 1.95
N PHE C 670 34.02 -28.98 1.56
CA PHE C 670 33.40 -27.71 1.20
C PHE C 670 32.59 -27.16 2.37
N ILE C 671 32.48 -25.82 2.47
CA ILE C 671 31.76 -25.12 3.57
C ILE C 671 30.33 -24.84 3.09
N ASP C 672 29.42 -25.81 3.21
CA ASP C 672 28.03 -25.70 2.68
C ASP C 672 27.37 -24.36 3.00
N LEU C 673 26.68 -23.75 2.02
CA LEU C 673 25.91 -22.50 2.23
C LEU C 673 24.51 -22.73 1.61
N ASN C 674 23.49 -22.91 2.45
CA ASN C 674 22.10 -23.20 1.97
C ASN C 674 21.43 -21.89 1.54
N ILE C 675 20.89 -21.83 0.33
CA ILE C 675 20.22 -20.60 -0.18
C ILE C 675 18.75 -20.93 -0.53
N THR C 676 17.78 -20.40 0.23
CA THR C 676 16.34 -20.63 0.01
C THR C 676 15.74 -19.42 -0.67
N MET C 677 15.46 -19.52 -1.97
CA MET C 677 14.87 -18.41 -2.75
C MET C 677 13.56 -17.97 -2.08
N LEU C 678 13.13 -16.73 -2.31
CA LEU C 678 11.92 -16.20 -1.72
C LEU C 678 10.71 -16.75 -2.48
N GLU C 679 9.82 -17.43 -1.78
CA GLU C 679 8.64 -18.00 -2.42
C GLU C 679 7.74 -16.91 -2.97
N ASP C 680 7.11 -17.21 -4.11
CA ASP C 680 6.20 -16.26 -4.73
C ASP C 680 4.99 -16.05 -3.83
N HIS C 681 4.51 -14.81 -3.79
CA HIS C 681 3.35 -14.43 -2.97
C HIS C 681 2.32 -13.75 -3.85
N GLU C 682 1.05 -14.10 -3.62
CA GLU C 682 -0.08 -13.53 -4.34
C GLU C 682 -0.90 -12.67 -3.40
N PHE C 683 -1.13 -11.42 -3.79
CA PHE C 683 -1.89 -10.47 -2.98
C PHE C 683 -3.33 -10.43 -3.51
N VAL C 684 -4.28 -10.62 -2.60
CA VAL C 684 -5.70 -10.63 -2.96
C VAL C 684 -6.30 -9.27 -2.61
N PRO C 685 -7.35 -8.82 -3.31
CA PRO C 685 -7.94 -7.52 -2.96
C PRO C 685 -8.49 -7.53 -1.53
N LEU C 686 -8.36 -6.40 -0.86
CA LEU C 686 -8.83 -6.28 0.51
C LEU C 686 -9.18 -4.83 0.82
N GLU C 687 -10.41 -4.62 1.30
CA GLU C 687 -10.90 -3.29 1.65
C GLU C 687 -11.65 -3.38 2.97
N VAL C 688 -11.41 -2.40 3.85
CA VAL C 688 -12.10 -2.40 5.14
C VAL C 688 -13.58 -2.11 4.92
N TYR C 689 -13.89 -1.14 4.06
CA TYR C 689 -15.26 -0.75 3.74
C TYR C 689 -15.33 -0.45 2.26
N THR C 690 -16.08 -1.25 1.52
CA THR C 690 -16.23 -1.00 0.09
C THR C 690 -16.97 0.31 -0.12
N ARG C 691 -16.88 0.85 -1.35
CA ARG C 691 -17.56 2.11 -1.62
C ARG C 691 -19.07 1.97 -1.43
N HIS C 692 -19.61 0.77 -1.64
CA HIS C 692 -21.04 0.56 -1.43
C HIS C 692 -21.37 0.63 0.06
N GLU C 693 -20.52 0.05 0.90
CA GLU C 693 -20.75 0.09 2.34
C GLU C 693 -20.69 1.52 2.87
N ILE C 694 -19.73 2.31 2.39
CA ILE C 694 -19.62 3.69 2.85
C ILE C 694 -20.87 4.47 2.46
N LYS C 695 -21.37 4.25 1.25
CA LYS C 695 -22.60 4.94 0.83
C LYS C 695 -23.77 4.51 1.69
N ASP C 696 -23.85 3.22 2.02
CA ASP C 696 -24.92 2.71 2.86
C ASP C 696 -24.80 3.15 4.31
N SER C 697 -23.62 3.64 4.73
CA SER C 697 -23.46 4.09 6.10
C SER C 697 -24.38 5.25 6.45
N GLY C 698 -24.74 6.07 5.46
CA GLY C 698 -25.63 7.19 5.73
C GLY C 698 -27.00 6.71 6.13
N LEU C 699 -27.59 7.40 7.12
CA LEU C 699 -28.92 7.04 7.60
C LEU C 699 -29.97 7.23 6.51
N LEU C 700 -29.86 8.33 5.76
CA LEU C 700 -30.80 8.65 4.69
C LEU C 700 -30.05 9.01 3.42
N ASP C 701 -30.67 8.70 2.28
CA ASP C 701 -30.13 8.97 0.96
C ASP C 701 -31.09 9.88 0.23
N TYR C 702 -30.60 11.05 -0.19
CA TYR C 702 -31.46 11.99 -0.90
C TYR C 702 -31.96 11.44 -2.22
N THR C 703 -31.13 10.64 -2.90
CA THR C 703 -31.53 10.07 -4.18
C THR C 703 -32.71 9.12 -4.02
N GLU C 704 -32.59 8.16 -3.11
CA GLU C 704 -33.68 7.19 -2.91
C GLU C 704 -34.92 7.84 -2.31
N VAL C 705 -34.74 8.78 -1.39
CA VAL C 705 -35.90 9.43 -0.77
C VAL C 705 -36.69 10.21 -1.81
N GLN C 706 -35.98 10.95 -2.68
CA GLN C 706 -36.67 11.72 -3.70
C GLN C 706 -37.32 10.82 -4.74
N ARG C 707 -36.66 9.71 -5.09
CA ARG C 707 -37.23 8.80 -6.08
C ARG C 707 -38.53 8.20 -5.59
N ARG C 708 -38.58 7.79 -4.32
CA ARG C 708 -39.81 7.20 -3.78
C ARG C 708 -40.87 8.26 -3.54
N ASN C 709 -40.47 9.41 -2.99
CA ASN C 709 -41.44 10.47 -2.71
C ASN C 709 -42.08 10.99 -3.99
N GLN C 710 -41.31 11.19 -5.05
CA GLN C 710 -41.87 11.68 -6.30
C GLN C 710 -42.70 10.65 -7.03
N LEU C 711 -42.56 9.36 -6.68
CA LEU C 711 -43.37 8.31 -7.30
C LEU C 711 -44.74 8.17 -6.65
N HIS C 712 -45.01 8.95 -5.60
CA HIS C 712 -46.29 8.87 -4.89
C HIS C 712 -47.47 9.15 -5.82
N ASP C 713 -47.38 10.22 -6.61
CA ASP C 713 -48.47 10.56 -7.52
C ASP C 713 -48.69 9.48 -8.57
N LEU C 714 -47.61 8.94 -9.13
CA LEU C 714 -47.73 7.90 -10.16
C LEU C 714 -48.14 6.56 -9.56
N ARG C 715 -47.91 6.35 -8.26
CA ARG C 715 -48.24 5.08 -7.63
C ARG C 715 -49.63 5.09 -6.99
N PHE C 716 -50.00 6.18 -6.30
CA PHE C 716 -51.26 6.26 -5.59
C PHE C 716 -52.27 7.24 -6.19
N ALA C 717 -52.21 7.54 -7.49
CA ALA C 717 -53.18 8.45 -8.08
C ALA C 717 -53.14 8.38 -9.60
N ASP C 718 -54.25 8.78 -10.21
CA ASP C 718 -54.39 8.81 -11.65
C ASP C 718 -53.86 10.16 -12.14
N ILE C 719 -53.03 10.13 -13.19
CA ILE C 719 -52.43 11.35 -13.70
C ILE C 719 -53.10 11.86 -14.97
N ASP C 720 -53.74 10.98 -15.74
CA ASP C 720 -54.37 11.36 -17.00
C ASP C 720 -55.87 11.53 -16.96
N THR C 721 -56.58 10.83 -16.07
CA THR C 721 -58.03 10.95 -16.02
C THR C 721 -58.44 12.38 -15.64
N VAL C 722 -59.44 12.89 -16.36
CA VAL C 722 -59.98 14.23 -16.16
C VAL C 722 -61.47 14.10 -15.88
N ILE C 723 -61.95 14.81 -14.86
CA ILE C 723 -63.35 14.80 -14.46
C ILE C 723 -63.86 16.22 -14.55
N HIS C 724 -64.98 16.40 -15.25
CA HIS C 724 -65.59 17.72 -15.41
C HIS C 724 -67.09 17.55 -15.53
N ALA C 725 -67.81 18.64 -15.24
CA ALA C 725 -69.27 18.66 -15.29
C ALA C 725 -69.76 19.96 -15.91
N VAL D 1 4.92 -35.05 41.39
CA VAL D 1 4.10 -33.85 41.65
C VAL D 1 3.26 -34.07 42.90
N GLN D 2 3.03 -33.00 43.67
CA GLN D 2 2.25 -33.07 44.89
C GLN D 2 1.50 -31.75 45.09
N LEU D 3 0.22 -31.87 45.45
CA LEU D 3 -0.64 -30.73 45.70
C LEU D 3 -1.28 -30.92 47.08
N VAL D 4 -1.20 -29.87 47.91
CA VAL D 4 -1.75 -29.91 49.27
C VAL D 4 -2.65 -28.71 49.47
N GLU D 5 -3.76 -28.92 50.18
CA GLU D 5 -4.73 -27.88 50.47
C GLU D 5 -4.90 -27.74 51.98
N THR D 6 -4.98 -26.48 52.43
CA THR D 6 -5.14 -26.17 53.85
C THR D 6 -6.17 -25.06 54.00
N GLY D 7 -6.86 -25.05 55.13
CA GLY D 7 -7.87 -24.04 55.43
C GLY D 7 -9.29 -24.57 55.55
N GLY D 8 -9.52 -25.87 55.40
CA GLY D 8 -10.87 -26.39 55.50
C GLY D 8 -11.35 -26.46 56.94
N GLY D 9 -12.66 -26.58 57.09
CA GLY D 9 -13.26 -26.67 58.41
C GLY D 9 -14.75 -26.36 58.36
N VAL D 10 -15.35 -26.32 59.54
CA VAL D 10 -16.77 -26.04 59.72
C VAL D 10 -16.91 -24.55 59.95
N VAL D 11 -17.85 -23.91 59.24
CA VAL D 11 -18.07 -22.47 59.33
C VAL D 11 -19.57 -22.21 59.29
N ARG D 12 -20.00 -21.15 59.98
CA ARG D 12 -21.41 -20.79 60.01
C ARG D 12 -21.81 -20.12 58.69
N PRO D 13 -23.11 -20.13 58.35
CA PRO D 13 -23.54 -19.49 57.11
C PRO D 13 -23.29 -17.99 57.13
N GLY D 14 -23.06 -17.42 55.96
CA GLY D 14 -22.81 -16.00 55.83
C GLY D 14 -21.47 -15.51 56.33
N ARG D 15 -20.59 -16.41 56.74
CA ARG D 15 -19.26 -16.07 57.24
C ARG D 15 -18.23 -16.24 56.13
N SER D 16 -17.04 -15.71 56.37
CA SER D 16 -15.93 -15.77 55.42
C SER D 16 -14.92 -16.85 55.82
N LEU D 17 -14.33 -17.46 54.80
CA LEU D 17 -13.33 -18.51 54.98
C LEU D 17 -12.34 -18.39 53.83
N ARG D 18 -11.05 -18.60 54.13
CA ARG D 18 -9.98 -18.50 53.15
C ARG D 18 -9.23 -19.82 53.07
N LEU D 19 -9.13 -20.37 51.86
CA LEU D 19 -8.43 -21.60 51.61
C LEU D 19 -7.08 -21.32 50.96
N SER D 20 -6.18 -22.29 51.06
CA SER D 20 -4.85 -22.18 50.48
C SER D 20 -4.48 -23.52 49.87
N CYS D 21 -3.73 -23.47 48.77
CA CYS D 21 -3.28 -24.65 48.06
C CYS D 21 -1.82 -24.51 47.71
N THR D 22 -0.97 -25.34 48.32
CA THR D 22 0.46 -25.34 48.09
C THR D 22 0.76 -26.28 46.93
N THR D 23 1.80 -25.97 46.16
CA THR D 23 2.20 -26.77 45.01
C THR D 23 3.67 -27.13 45.07
N SER D 24 4.03 -28.12 44.25
CA SER D 24 5.40 -28.59 44.15
C SER D 24 5.48 -29.56 42.98
N GLY D 25 6.66 -29.62 42.37
CA GLY D 25 6.90 -30.51 41.24
C GLY D 25 6.68 -29.91 39.87
N PHE D 26 6.15 -28.68 39.78
CA PHE D 26 5.92 -28.06 38.47
C PHE D 26 6.09 -26.56 38.60
N SER D 27 6.29 -25.91 37.45
CA SER D 27 6.47 -24.47 37.38
C SER D 27 5.13 -23.79 37.67
N PHE D 28 4.95 -23.32 38.90
CA PHE D 28 3.71 -22.67 39.28
C PHE D 28 3.49 -21.38 38.50
N SER D 29 4.57 -20.62 38.27
CA SER D 29 4.46 -19.37 37.54
C SER D 29 4.09 -19.55 36.07
N GLY D 30 4.29 -20.75 35.52
CA GLY D 30 3.99 -21.03 34.13
C GLY D 30 2.73 -21.84 33.86
N SER D 31 1.80 -21.95 34.80
CA SER D 31 0.58 -22.71 34.60
C SER D 31 -0.56 -22.11 35.40
N ALA D 32 -1.74 -22.11 34.80
CA ALA D 32 -2.92 -21.59 35.47
C ALA D 32 -3.43 -22.59 36.49
N MET D 33 -4.22 -22.10 37.45
CA MET D 33 -4.79 -22.92 38.51
C MET D 33 -6.30 -22.79 38.50
N HIS D 34 -6.98 -23.87 38.87
CA HIS D 34 -8.43 -23.93 38.92
C HIS D 34 -8.88 -24.51 40.26
N TRP D 35 -10.12 -24.20 40.64
CA TRP D 35 -10.73 -24.69 41.86
C TRP D 35 -11.98 -25.48 41.50
N VAL D 36 -12.09 -26.68 42.06
CA VAL D 36 -13.21 -27.58 41.80
C VAL D 36 -13.80 -28.02 43.13
N ARG D 37 -15.13 -28.14 43.17
CA ARG D 37 -15.87 -28.56 44.36
C ARG D 37 -16.60 -29.86 44.07
N GLN D 38 -16.83 -30.64 45.13
CA GLN D 38 -17.51 -31.93 45.04
C GLN D 38 -18.45 -32.03 46.23
N ALA D 39 -19.73 -31.76 46.01
CA ALA D 39 -20.70 -31.83 47.09
C ALA D 39 -20.90 -33.28 47.53
N PRO D 40 -21.40 -33.51 48.74
CA PRO D 40 -21.60 -34.89 49.21
C PRO D 40 -22.55 -35.68 48.33
N GLY D 41 -22.01 -36.72 47.69
CA GLY D 41 -22.81 -37.58 46.84
C GLY D 41 -23.34 -36.95 45.57
N LYS D 42 -22.76 -35.82 45.15
CA LYS D 42 -23.18 -35.12 43.94
C LYS D 42 -22.02 -35.12 42.95
N GLY D 43 -22.24 -34.46 41.81
CA GLY D 43 -21.22 -34.39 40.79
C GLY D 43 -20.25 -33.24 41.00
N LEU D 44 -19.20 -33.25 40.18
CA LEU D 44 -18.18 -32.21 40.25
C LEU D 44 -18.70 -30.90 39.66
N GLU D 45 -18.10 -29.80 40.09
CA GLU D 45 -18.48 -28.48 39.61
C GLU D 45 -17.30 -27.53 39.72
N TRP D 46 -17.06 -26.77 38.65
CA TRP D 46 -15.96 -25.82 38.61
C TRP D 46 -16.29 -24.61 39.47
N VAL D 47 -15.25 -24.00 40.04
CA VAL D 47 -15.40 -22.82 40.91
C VAL D 47 -14.81 -21.57 40.28
N ALA D 48 -13.50 -21.57 40.02
CA ALA D 48 -12.87 -20.39 39.43
C ALA D 48 -11.57 -20.80 38.76
N VAL D 49 -10.88 -19.79 38.22
CA VAL D 49 -9.61 -20.00 37.53
C VAL D 49 -8.78 -18.73 37.64
N ILE D 50 -7.47 -18.90 37.75
CA ILE D 50 -6.49 -17.82 37.85
C ILE D 50 -5.40 -18.11 36.83
N SER D 51 -5.09 -17.12 35.99
CA SER D 51 -4.08 -17.31 34.96
C SER D 51 -2.71 -17.58 35.59
N HIS D 52 -1.72 -17.83 34.71
CA HIS D 52 -0.38 -18.10 35.18
C HIS D 52 0.19 -16.93 35.97
N ASP D 53 -0.06 -15.70 35.49
CA ASP D 53 0.40 -14.49 36.15
C ASP D 53 -0.71 -13.76 36.90
N GLY D 54 -1.94 -14.25 36.82
CA GLY D 54 -3.06 -13.63 37.52
C GLY D 54 -3.62 -12.38 36.87
N ASN D 55 -3.38 -12.17 35.57
CA ASN D 55 -3.92 -10.97 34.93
C ASN D 55 -5.42 -11.08 34.67
N ILE D 56 -5.94 -12.29 34.41
CA ILE D 56 -7.35 -12.49 34.14
C ILE D 56 -7.92 -13.52 35.11
N ILE D 57 -9.15 -13.26 35.56
CA ILE D 57 -9.86 -14.13 36.50
C ILE D 57 -11.26 -14.38 35.96
N GLN D 58 -11.76 -15.61 36.12
CA GLN D 58 -13.09 -16.00 35.71
C GLN D 58 -13.72 -16.83 36.82
N TYR D 59 -15.01 -16.61 37.06
CA TYR D 59 -15.74 -17.30 38.11
C TYR D 59 -16.98 -17.98 37.56
N HIS D 60 -17.56 -18.82 38.41
CA HIS D 60 -18.80 -19.51 38.09
C HIS D 60 -19.97 -18.63 38.48
N ASP D 61 -21.07 -18.72 37.73
CA ASP D 61 -22.24 -17.89 38.01
C ASP D 61 -22.79 -18.11 39.42
N SER D 62 -22.53 -19.29 40.01
CA SER D 62 -23.03 -19.55 41.36
C SER D 62 -22.13 -18.96 42.43
N VAL D 63 -20.91 -18.54 42.07
CA VAL D 63 -19.97 -17.97 43.01
C VAL D 63 -19.43 -16.61 42.57
N LYS D 64 -19.93 -16.06 41.46
CA LYS D 64 -19.44 -14.77 41.01
C LYS D 64 -19.84 -13.68 41.98
N GLY D 65 -18.86 -12.86 42.38
CA GLY D 65 -19.10 -11.78 43.31
C GLY D 65 -19.00 -12.16 44.77
N ARG D 66 -18.99 -13.46 45.09
CA ARG D 66 -18.91 -13.94 46.47
C ARG D 66 -17.51 -14.44 46.81
N PHE D 67 -16.89 -15.15 45.87
CA PHE D 67 -15.56 -15.72 46.08
C PHE D 67 -14.49 -14.72 45.61
N THR D 68 -13.24 -15.09 45.83
CA THR D 68 -12.11 -14.26 45.42
C THR D 68 -10.89 -15.16 45.31
N ILE D 69 -10.40 -15.36 44.09
CA ILE D 69 -9.25 -16.21 43.83
C ILE D 69 -8.01 -15.34 43.64
N SER D 70 -6.87 -15.82 44.12
CA SER D 70 -5.62 -15.11 44.02
C SER D 70 -4.48 -16.11 44.11
N ARG D 71 -3.29 -15.67 43.69
CA ARG D 71 -2.10 -16.51 43.71
C ARG D 71 -0.87 -15.66 44.00
N ASP D 72 0.19 -16.34 44.46
CA ASP D 72 1.47 -15.71 44.77
C ASP D 72 2.54 -16.59 44.13
N ASN D 73 3.04 -16.16 42.97
CA ASN D 73 4.06 -16.94 42.26
C ASN D 73 5.36 -17.02 43.05
N SER D 74 5.68 -15.99 43.84
CA SER D 74 6.92 -16.02 44.61
C SER D 74 6.93 -17.19 45.60
N LYS D 75 5.81 -17.40 46.30
CA LYS D 75 5.68 -18.47 47.27
C LYS D 75 5.02 -19.71 46.68
N ASN D 76 4.72 -19.71 45.37
CA ASN D 76 4.07 -20.83 44.66
C ASN D 76 2.91 -21.40 45.47
N VAL D 77 2.01 -20.53 45.91
CA VAL D 77 0.84 -20.90 46.70
C VAL D 77 -0.39 -20.25 46.09
N LEU D 78 -1.48 -21.02 46.04
CA LEU D 78 -2.76 -20.57 45.50
C LEU D 78 -3.72 -20.36 46.68
N LEU D 79 -4.56 -19.33 46.57
CA LEU D 79 -5.51 -19.00 47.61
C LEU D 79 -6.88 -18.71 47.00
N LEU D 80 -7.92 -18.90 47.82
CA LEU D 80 -9.31 -18.67 47.41
C LEU D 80 -10.04 -18.08 48.61
N GLN D 81 -10.10 -16.76 48.68
CA GLN D 81 -10.80 -16.09 49.78
C GLN D 81 -12.30 -16.18 49.55
N MET D 82 -13.00 -16.86 50.45
CA MET D 82 -14.45 -17.06 50.36
C MET D 82 -15.16 -16.12 51.33
N ASN D 83 -16.23 -15.51 50.87
CA ASN D 83 -17.05 -14.61 51.67
C ASN D 83 -18.53 -14.87 51.38
N SER D 84 -19.36 -14.63 52.39
CA SER D 84 -20.81 -14.83 52.28
C SER D 84 -21.12 -16.29 51.92
N LEU D 85 -20.72 -17.19 52.81
CA LEU D 85 -20.97 -18.62 52.57
C LEU D 85 -22.45 -18.94 52.70
N ARG D 86 -22.84 -20.05 52.08
CA ARG D 86 -24.21 -20.53 52.11
C ARG D 86 -24.21 -22.04 52.38
N VAL D 87 -25.38 -22.56 52.73
CA VAL D 87 -25.49 -23.99 53.03
C VAL D 87 -25.19 -24.82 51.78
N ASP D 88 -25.59 -24.33 50.60
CA ASP D 88 -25.35 -25.07 49.36
C ASP D 88 -23.86 -25.16 49.01
N ASP D 89 -23.00 -24.38 49.66
CA ASP D 89 -21.57 -24.41 49.37
C ASP D 89 -20.84 -25.57 50.04
N THR D 90 -21.53 -26.37 50.85
CA THR D 90 -20.90 -27.49 51.53
C THR D 90 -20.37 -28.48 50.49
N ALA D 91 -19.05 -28.59 50.37
CA ALA D 91 -18.48 -29.49 49.38
C ALA D 91 -16.97 -29.60 49.56
N MET D 92 -16.41 -30.65 48.99
CA MET D 92 -14.97 -30.86 49.03
C MET D 92 -14.32 -30.05 47.93
N TYR D 93 -13.51 -29.07 48.32
CA TYR D 93 -12.83 -28.18 47.39
C TYR D 93 -11.48 -28.77 47.03
N TYR D 94 -11.20 -28.83 45.72
CA TYR D 94 -9.94 -29.33 45.19
C TYR D 94 -9.28 -28.25 44.36
N CYS D 95 -7.96 -28.16 44.46
CA CYS D 95 -7.18 -27.22 43.66
C CYS D 95 -6.48 -28.03 42.58
N ALA D 96 -6.66 -27.63 41.32
CA ALA D 96 -6.07 -28.36 40.21
C ALA D 96 -5.39 -27.43 39.23
N ARG D 97 -4.31 -27.93 38.62
CA ARG D 97 -3.55 -27.17 37.64
C ARG D 97 -4.07 -27.47 36.24
N ASP D 98 -3.93 -26.50 35.35
CA ASP D 98 -4.41 -26.69 33.98
C ASP D 98 -3.48 -27.63 33.23
N VAL D 99 -3.94 -28.08 32.06
CA VAL D 99 -3.12 -28.96 31.24
C VAL D 99 -2.21 -28.08 30.40
N TRP D 100 -0.90 -28.21 30.61
CA TRP D 100 0.05 -27.39 29.86
C TRP D 100 0.18 -27.93 28.44
N LEU D 101 -0.34 -27.19 27.49
CA LEU D 101 -0.28 -27.51 26.07
C LEU D 101 0.42 -26.42 25.26
N LEU D 102 0.32 -25.17 25.69
CA LEU D 102 0.96 -24.03 25.07
C LEU D 102 1.52 -23.14 26.17
N PRO D 103 2.43 -22.21 25.83
CA PRO D 103 3.04 -21.36 26.87
C PRO D 103 2.12 -20.53 27.76
N ALA D 104 1.29 -19.64 27.19
CA ALA D 104 0.45 -18.76 27.99
C ALA D 104 -1.07 -18.99 27.87
N THR D 105 -1.52 -20.02 27.17
CA THR D 105 -2.96 -20.22 27.07
C THR D 105 -3.49 -21.02 28.27
N ILE D 106 -4.81 -20.98 28.42
CA ILE D 106 -5.51 -21.70 29.48
C ILE D 106 -6.31 -22.81 28.82
N SER D 107 -5.93 -24.05 29.12
CA SER D 107 -6.60 -25.21 28.53
C SER D 107 -8.01 -25.44 29.07
N TYR D 108 -8.35 -24.85 30.22
CA TYR D 108 -9.67 -25.04 30.84
C TYR D 108 -9.94 -26.50 31.16
N ALA D 109 -8.88 -27.31 31.29
CA ALA D 109 -8.98 -28.73 31.64
C ALA D 109 -8.10 -28.94 32.87
N PHE D 110 -8.26 -30.07 33.55
CA PHE D 110 -7.50 -30.38 34.80
C PHE D 110 -6.60 -31.56 34.52
N ASP D 111 -5.33 -31.52 34.94
CA ASP D 111 -4.37 -32.63 34.68
C ASP D 111 -3.85 -33.15 36.02
N PHE D 112 -3.64 -32.28 37.01
CA PHE D 112 -3.17 -32.62 38.34
C PHE D 112 -4.17 -32.09 39.35
N TRP D 113 -4.55 -32.94 40.31
CA TRP D 113 -5.51 -32.60 41.35
C TRP D 113 -4.89 -32.79 42.72
N GLY D 114 -5.39 -32.02 43.68
CA GLY D 114 -4.90 -32.12 45.05
C GLY D 114 -5.72 -33.09 45.86
N GLN D 115 -5.30 -33.28 47.12
CA GLN D 115 -6.00 -34.20 48.00
C GLN D 115 -7.40 -33.69 48.36
N GLY D 116 -7.62 -32.39 48.36
CA GLY D 116 -8.91 -31.83 48.69
C GLY D 116 -9.13 -31.68 50.18
N THR D 117 -9.99 -30.72 50.52
CA THR D 117 -10.32 -30.43 51.92
C THR D 117 -11.81 -30.16 52.01
N MET D 118 -12.36 -30.40 53.20
CA MET D 118 -13.78 -30.20 53.43
C MET D 118 -14.08 -28.81 53.94
N VAL D 119 -15.23 -28.29 53.51
CA VAL D 119 -15.75 -26.99 53.91
C VAL D 119 -17.23 -27.19 54.15
N THR D 120 -17.60 -27.42 55.41
CA THR D 120 -18.98 -27.68 55.80
C THR D 120 -19.62 -26.41 56.36
N VAL D 121 -20.80 -26.08 55.83
CA VAL D 121 -21.57 -24.91 56.26
C VAL D 121 -22.76 -25.43 57.06
N SER D 122 -22.71 -25.24 58.38
CA SER D 122 -23.77 -25.69 59.26
C SER D 122 -24.02 -24.64 60.34
N SER D 123 -25.17 -24.76 60.97
CA SER D 123 -25.58 -23.84 62.03
C SER D 123 -26.17 -24.60 63.21
N VAL E 1 7.17 -27.69 -46.33
CA VAL E 1 5.78 -27.62 -45.82
C VAL E 1 4.81 -28.02 -46.94
N GLN E 2 3.70 -28.66 -46.57
CA GLN E 2 2.70 -29.11 -47.52
C GLN E 2 1.33 -29.05 -46.87
N LEU E 3 0.35 -28.52 -47.61
CA LEU E 3 -1.03 -28.40 -47.17
C LEU E 3 -1.92 -29.02 -48.24
N VAL E 4 -2.82 -29.90 -47.81
CA VAL E 4 -3.74 -30.61 -48.71
C VAL E 4 -5.16 -30.44 -48.21
N GLU E 5 -6.09 -30.25 -49.13
CA GLU E 5 -7.50 -30.09 -48.83
C GLU E 5 -8.33 -31.16 -49.54
N THR E 6 -9.30 -31.70 -48.82
CA THR E 6 -10.18 -32.75 -49.34
C THR E 6 -11.60 -32.44 -48.92
N GLY E 7 -12.56 -32.89 -49.73
CA GLY E 7 -13.98 -32.69 -49.48
C GLY E 7 -14.71 -31.81 -50.46
N GLY E 8 -14.03 -31.29 -51.50
CA GLY E 8 -14.72 -30.44 -52.46
C GLY E 8 -15.59 -31.22 -53.41
N GLY E 9 -16.49 -30.50 -54.06
CA GLY E 9 -17.40 -31.13 -55.01
C GLY E 9 -18.60 -30.23 -55.29
N VAL E 10 -19.52 -30.78 -56.08
CA VAL E 10 -20.75 -30.09 -56.47
C VAL E 10 -21.83 -30.48 -55.47
N VAL E 11 -22.56 -29.48 -54.96
CA VAL E 11 -23.60 -29.70 -53.97
C VAL E 11 -24.79 -28.79 -54.29
N ARG E 12 -26.00 -29.27 -53.96
CA ARG E 12 -27.20 -28.49 -54.21
C ARG E 12 -27.33 -27.36 -53.19
N PRO E 13 -28.09 -26.31 -53.50
CA PRO E 13 -28.25 -25.22 -52.54
C PRO E 13 -28.98 -25.68 -51.29
N GLY E 14 -28.68 -25.05 -50.16
CA GLY E 14 -29.30 -25.38 -48.90
C GLY E 14 -28.85 -26.68 -48.28
N ARG E 15 -27.87 -27.36 -48.85
CA ARG E 15 -27.36 -28.62 -48.35
C ARG E 15 -26.08 -28.39 -47.55
N SER E 16 -25.66 -29.40 -46.80
CA SER E 16 -24.47 -29.35 -45.98
C SER E 16 -23.30 -30.05 -46.64
N LEU E 17 -22.10 -29.53 -46.40
CA LEU E 17 -20.86 -30.07 -46.93
C LEU E 17 -19.77 -29.84 -45.89
N ARG E 18 -18.87 -30.81 -45.73
CA ARG E 18 -17.79 -30.74 -44.76
C ARG E 18 -16.45 -30.89 -45.48
N LEU E 19 -15.58 -29.91 -45.27
CA LEU E 19 -14.25 -29.92 -45.85
C LEU E 19 -13.20 -30.30 -44.80
N SER E 20 -12.05 -30.75 -45.29
CA SER E 20 -10.95 -31.14 -44.42
C SER E 20 -9.65 -30.65 -45.03
N CYS E 21 -8.72 -30.28 -44.15
CA CYS E 21 -7.41 -29.77 -44.57
C CYS E 21 -6.33 -30.44 -43.73
N THR E 22 -5.51 -31.26 -44.38
CA THR E 22 -4.41 -31.96 -43.73
C THR E 22 -3.17 -31.08 -43.79
N THR E 23 -2.32 -31.20 -42.77
CA THR E 23 -1.11 -30.41 -42.66
C THR E 23 0.11 -31.29 -42.44
N SER E 24 1.28 -30.69 -42.66
CA SER E 24 2.56 -31.36 -42.48
C SER E 24 3.67 -30.33 -42.62
N GLY E 25 4.77 -30.58 -41.93
CA GLY E 25 5.92 -29.69 -41.97
C GLY E 25 5.97 -28.62 -40.90
N PHE E 26 4.93 -28.47 -40.08
CA PHE E 26 4.92 -27.46 -39.03
C PHE E 26 4.11 -27.95 -37.85
N SER E 27 4.33 -27.32 -36.69
CA SER E 27 3.63 -27.67 -35.47
C SER E 27 2.18 -27.20 -35.58
N PHE E 28 1.28 -28.13 -35.90
CA PHE E 28 -0.13 -27.77 -36.03
C PHE E 28 -0.71 -27.30 -34.71
N SER E 29 -0.33 -27.94 -33.61
CA SER E 29 -0.84 -27.56 -32.30
C SER E 29 -0.38 -26.18 -31.85
N GLY E 30 0.69 -25.64 -32.44
CA GLY E 30 1.21 -24.33 -32.07
C GLY E 30 0.93 -23.20 -33.03
N SER E 31 -0.05 -23.33 -33.93
CA SER E 31 -0.36 -22.27 -34.88
C SER E 31 -1.83 -22.30 -35.23
N ALA E 32 -2.43 -21.11 -35.37
CA ALA E 32 -3.82 -20.99 -35.73
C ALA E 32 -4.00 -21.27 -37.21
N MET E 33 -5.23 -21.60 -37.60
CA MET E 33 -5.58 -21.91 -38.98
C MET E 33 -6.70 -20.99 -39.43
N HIS E 34 -6.69 -20.65 -40.72
CA HIS E 34 -7.68 -19.77 -41.33
C HIS E 34 -8.20 -20.41 -42.62
N TRP E 35 -9.39 -19.99 -43.01
CA TRP E 35 -10.04 -20.45 -44.24
C TRP E 35 -10.29 -19.25 -45.14
N VAL E 36 -9.89 -19.37 -46.40
CA VAL E 36 -10.04 -18.31 -47.39
C VAL E 36 -10.72 -18.87 -48.62
N ARG E 37 -11.59 -18.06 -49.22
CA ARG E 37 -12.35 -18.43 -50.41
C ARG E 37 -11.97 -17.51 -51.57
N GLN E 38 -12.10 -18.02 -52.78
CA GLN E 38 -11.78 -17.27 -54.00
C GLN E 38 -12.87 -17.59 -55.03
N ALA E 39 -13.82 -16.68 -55.18
CA ALA E 39 -14.90 -16.90 -56.13
C ALA E 39 -14.36 -16.83 -57.56
N PRO E 40 -15.08 -17.39 -58.54
CA PRO E 40 -14.59 -17.36 -59.92
C PRO E 40 -14.42 -15.94 -60.45
N GLY E 41 -13.18 -15.58 -60.75
CA GLY E 41 -12.87 -14.27 -61.30
C GLY E 41 -13.10 -13.10 -60.35
N LYS E 42 -13.18 -13.36 -59.05
CA LYS E 42 -13.40 -12.32 -58.04
C LYS E 42 -12.19 -12.27 -57.13
N GLY E 43 -12.26 -11.40 -56.11
CA GLY E 43 -11.18 -11.26 -55.18
C GLY E 43 -11.26 -12.24 -54.02
N LEU E 44 -10.19 -12.27 -53.23
CA LEU E 44 -10.12 -13.16 -52.08
C LEU E 44 -11.00 -12.64 -50.95
N GLU E 45 -11.43 -13.56 -50.08
CA GLU E 45 -12.28 -13.21 -48.95
C GLU E 45 -12.05 -14.21 -47.82
N TRP E 46 -11.90 -13.69 -46.60
CA TRP E 46 -11.67 -14.52 -45.44
C TRP E 46 -12.97 -15.22 -45.03
N VAL E 47 -12.85 -16.42 -44.46
CA VAL E 47 -14.00 -17.22 -44.03
C VAL E 47 -14.07 -17.35 -42.52
N ALA E 48 -13.05 -17.95 -41.90
CA ALA E 48 -13.07 -18.12 -40.46
C ALA E 48 -11.65 -18.34 -39.96
N VAL E 49 -11.53 -18.54 -38.64
CA VAL E 49 -10.25 -18.77 -37.99
C VAL E 49 -10.48 -19.61 -36.74
N ILE E 50 -9.49 -20.47 -36.45
CA ILE E 50 -9.50 -21.35 -35.28
C ILE E 50 -8.15 -21.18 -34.60
N SER E 51 -8.18 -20.94 -33.30
CA SER E 51 -6.94 -20.74 -32.55
C SER E 51 -6.09 -22.01 -32.56
N HIS E 52 -4.89 -21.90 -31.97
CA HIS E 52 -3.99 -23.03 -31.92
C HIS E 52 -4.61 -24.21 -31.18
N ASP E 53 -5.31 -23.94 -30.08
CA ASP E 53 -5.97 -24.96 -29.28
C ASP E 53 -7.48 -24.99 -29.50
N GLY E 54 -8.03 -24.07 -30.30
CA GLY E 54 -9.45 -24.04 -30.57
C GLY E 54 -10.31 -23.45 -29.49
N ASN E 55 -9.74 -22.65 -28.58
CA ASN E 55 -10.56 -22.06 -27.52
C ASN E 55 -11.44 -20.92 -28.03
N ILE E 56 -10.97 -20.17 -29.03
CA ILE E 56 -11.73 -19.04 -29.58
C ILE E 56 -11.91 -19.23 -31.09
N ILE E 57 -13.11 -18.87 -31.56
CA ILE E 57 -13.46 -18.97 -32.97
C ILE E 57 -14.08 -17.66 -33.41
N GLN E 58 -13.76 -17.23 -34.64
CA GLN E 58 -14.29 -16.01 -35.23
C GLN E 58 -14.69 -16.31 -36.66
N TYR E 59 -15.81 -15.75 -37.09
CA TYR E 59 -16.35 -15.96 -38.43
C TYR E 59 -16.59 -14.65 -39.15
N HIS E 60 -16.85 -14.76 -40.45
CA HIS E 60 -17.16 -13.62 -41.29
C HIS E 60 -18.66 -13.38 -41.21
N ASP E 61 -19.07 -12.11 -41.32
CA ASP E 61 -20.49 -11.77 -41.24
C ASP E 61 -21.31 -12.46 -42.33
N SER E 62 -20.68 -12.84 -43.45
CA SER E 62 -21.41 -13.50 -44.52
C SER E 62 -21.59 -14.99 -44.26
N VAL E 63 -20.84 -15.55 -43.30
CA VAL E 63 -20.91 -16.97 -42.96
C VAL E 63 -21.15 -17.22 -41.49
N LYS E 64 -21.37 -16.18 -40.68
CA LYS E 64 -21.60 -16.38 -39.26
C LYS E 64 -22.93 -17.11 -39.05
N GLY E 65 -22.89 -18.17 -38.25
CA GLY E 65 -24.06 -18.95 -37.96
C GLY E 65 -24.38 -20.05 -38.95
N ARG E 66 -23.73 -20.04 -40.12
CA ARG E 66 -23.95 -21.05 -41.15
C ARG E 66 -22.83 -22.07 -41.20
N PHE E 67 -21.59 -21.60 -41.06
CA PHE E 67 -20.42 -22.46 -41.11
C PHE E 67 -20.07 -22.95 -39.71
N THR E 68 -19.07 -23.82 -39.64
CA THR E 68 -18.62 -24.37 -38.36
C THR E 68 -17.18 -24.86 -38.57
N ILE E 69 -16.23 -24.19 -37.93
CA ILE E 69 -14.81 -24.54 -38.04
C ILE E 69 -14.40 -25.32 -36.81
N SER E 70 -13.51 -26.30 -37.01
CA SER E 70 -13.02 -27.14 -35.93
C SER E 70 -11.67 -27.71 -36.34
N ARG E 71 -10.92 -28.21 -35.35
CA ARG E 71 -9.62 -28.79 -35.58
C ARG E 71 -9.37 -29.93 -34.61
N ASP E 72 -8.43 -30.80 -34.97
CA ASP E 72 -8.03 -31.96 -34.16
C ASP E 72 -6.51 -31.95 -34.13
N ASN E 73 -5.94 -31.45 -33.03
CA ASN E 73 -4.49 -31.40 -32.91
C ASN E 73 -3.86 -32.78 -32.88
N SER E 74 -4.57 -33.78 -32.36
CA SER E 74 -3.99 -35.13 -32.31
C SER E 74 -3.71 -35.66 -33.71
N LYS E 75 -4.64 -35.46 -34.64
CA LYS E 75 -4.50 -35.90 -36.01
C LYS E 75 -3.98 -34.80 -36.94
N ASN E 76 -3.66 -33.62 -36.39
CA ASN E 76 -3.16 -32.46 -37.15
C ASN E 76 -3.97 -32.26 -38.43
N VAL E 77 -5.28 -32.20 -38.30
CA VAL E 77 -6.21 -32.02 -39.42
C VAL E 77 -7.19 -30.92 -39.07
N LEU E 78 -7.47 -30.05 -40.04
CA LEU E 78 -8.41 -28.95 -39.90
C LEU E 78 -9.68 -29.29 -40.68
N LEU E 79 -10.83 -28.90 -40.11
CA LEU E 79 -12.11 -29.17 -40.73
C LEU E 79 -12.99 -27.93 -40.70
N LEU E 80 -13.94 -27.87 -41.64
CA LEU E 80 -14.87 -26.74 -41.78
C LEU E 80 -16.21 -27.32 -42.20
N GLN E 81 -17.08 -27.60 -41.22
CA GLN E 81 -18.40 -28.14 -41.50
C GLN E 81 -19.30 -27.03 -42.01
N MET E 82 -19.75 -27.15 -43.25
CA MET E 82 -20.61 -26.16 -43.89
C MET E 82 -22.05 -26.65 -43.91
N ASN E 83 -22.97 -25.75 -43.60
CA ASN E 83 -24.40 -26.03 -43.59
C ASN E 83 -25.16 -24.85 -44.20
N SER E 84 -26.29 -25.15 -44.83
CA SER E 84 -27.13 -24.14 -45.47
C SER E 84 -26.34 -23.38 -46.54
N LEU E 85 -25.89 -24.12 -47.54
CA LEU E 85 -25.13 -23.52 -48.63
C LEU E 85 -26.02 -22.64 -49.50
N ARG E 86 -25.38 -21.71 -50.20
CA ARG E 86 -26.06 -20.78 -51.10
C ARG E 86 -25.28 -20.69 -52.41
N VAL E 87 -25.93 -20.15 -53.43
CA VAL E 87 -25.29 -20.02 -54.74
C VAL E 87 -24.09 -19.08 -54.66
N ASP E 88 -24.16 -18.04 -53.83
CA ASP E 88 -23.05 -17.10 -53.69
C ASP E 88 -21.82 -17.72 -53.04
N ASP E 89 -21.94 -18.91 -52.43
CA ASP E 89 -20.81 -19.56 -51.78
C ASP E 89 -19.90 -20.29 -52.76
N THR E 90 -20.24 -20.33 -54.04
CA THR E 90 -19.41 -21.02 -55.03
C THR E 90 -18.05 -20.36 -55.09
N ALA E 91 -17.00 -21.05 -54.63
CA ALA E 91 -15.67 -20.47 -54.63
C ALA E 91 -14.64 -21.51 -54.24
N MET E 92 -13.38 -21.21 -54.58
CA MET E 92 -12.28 -22.09 -54.23
C MET E 92 -11.86 -21.81 -52.80
N TYR E 93 -12.04 -22.81 -51.93
CA TYR E 93 -11.70 -22.69 -50.52
C TYR E 93 -10.26 -23.13 -50.29
N TYR E 94 -9.50 -22.30 -49.59
CA TYR E 94 -8.11 -22.56 -49.26
C TYR E 94 -7.95 -22.55 -47.75
N CYS E 95 -7.12 -23.45 -47.23
CA CYS E 95 -6.81 -23.50 -45.80
C CYS E 95 -5.40 -22.96 -45.64
N ALA E 96 -5.24 -21.96 -44.78
CA ALA E 96 -3.95 -21.33 -44.56
C ALA E 96 -3.63 -21.19 -43.09
N ARG E 97 -2.33 -21.30 -42.78
CA ARG E 97 -1.85 -21.16 -41.41
C ARG E 97 -1.46 -19.72 -41.15
N ASP E 98 -1.58 -19.31 -39.89
CA ASP E 98 -1.23 -17.94 -39.52
C ASP E 98 0.28 -17.74 -39.55
N VAL E 99 0.70 -16.48 -39.47
CA VAL E 99 2.13 -16.19 -39.45
C VAL E 99 2.59 -16.29 -38.01
N TRP E 100 3.49 -17.23 -37.74
CA TRP E 100 3.97 -17.39 -36.37
C TRP E 100 4.97 -16.29 -36.04
N LEU E 101 4.56 -15.39 -35.16
CA LEU E 101 5.36 -14.28 -34.67
C LEU E 101 5.55 -14.33 -33.18
N LEU E 102 4.56 -14.82 -32.44
CA LEU E 102 4.57 -14.97 -31.00
C LEU E 102 3.98 -16.33 -30.64
N PRO E 103 4.22 -16.81 -29.41
CA PRO E 103 3.71 -18.14 -29.04
C PRO E 103 2.22 -18.43 -29.17
N ALA E 104 1.36 -17.66 -28.51
CA ALA E 104 -0.09 -17.92 -28.52
C ALA E 104 -0.95 -16.86 -29.19
N THR E 105 -0.38 -15.83 -29.83
CA THR E 105 -1.22 -14.84 -30.47
C THR E 105 -1.60 -15.26 -31.87
N ILE E 106 -2.60 -14.58 -32.43
CA ILE E 106 -3.10 -14.82 -33.77
C ILE E 106 -2.74 -13.60 -34.61
N SER E 107 -1.86 -13.81 -35.59
CA SER E 107 -1.41 -12.72 -36.45
C SER E 107 -2.47 -12.22 -37.42
N TYR E 108 -3.52 -13.01 -37.66
CA TYR E 108 -4.58 -12.64 -38.61
C TYR E 108 -4.04 -12.41 -40.02
N ALA E 109 -2.88 -13.01 -40.31
CA ALA E 109 -2.25 -12.94 -41.65
C ALA E 109 -2.02 -14.37 -42.10
N PHE E 110 -1.73 -14.57 -43.38
CA PHE E 110 -1.55 -15.92 -43.97
C PHE E 110 -0.10 -16.04 -44.42
N ASP E 111 0.58 -17.15 -44.13
CA ASP E 111 2.01 -17.33 -44.51
C ASP E 111 2.14 -18.57 -45.39
N PHE E 112 1.36 -19.61 -45.13
CA PHE E 112 1.34 -20.86 -45.90
C PHE E 112 -0.08 -21.13 -46.36
N TRP E 113 -0.22 -21.44 -47.64
CA TRP E 113 -1.52 -21.71 -48.24
C TRP E 113 -1.54 -23.10 -48.85
N GLY E 114 -2.74 -23.68 -48.92
CA GLY E 114 -2.90 -25.00 -49.50
C GLY E 114 -3.23 -24.93 -50.97
N GLN E 115 -3.34 -26.12 -51.59
CA GLN E 115 -3.65 -26.17 -53.01
C GLN E 115 -5.07 -25.68 -53.31
N GLY E 116 -5.99 -25.82 -52.37
CA GLY E 116 -7.35 -25.37 -52.57
C GLY E 116 -8.21 -26.40 -53.29
N THR E 117 -9.50 -26.33 -53.01
CA THR E 117 -10.47 -27.24 -53.61
C THR E 117 -11.72 -26.45 -54.00
N MET E 118 -12.44 -26.98 -54.99
CA MET E 118 -13.64 -26.31 -55.47
C MET E 118 -14.89 -26.79 -54.74
N VAL E 119 -15.82 -25.86 -54.55
CA VAL E 119 -17.10 -26.10 -53.92
C VAL E 119 -18.11 -25.34 -54.76
N THR E 120 -18.75 -26.02 -55.70
CA THR E 120 -19.71 -25.41 -56.62
C THR E 120 -21.13 -25.69 -56.14
N VAL E 121 -21.94 -24.62 -56.04
CA VAL E 121 -23.34 -24.72 -55.63
C VAL E 121 -24.19 -24.50 -56.87
N SER E 122 -24.81 -25.56 -57.37
CA SER E 122 -25.64 -25.50 -58.56
C SER E 122 -26.87 -26.37 -58.37
N SER E 123 -27.87 -26.13 -59.20
CA SER E 123 -29.13 -26.87 -59.15
C SER E 123 -29.57 -27.25 -60.56
N VAL F 1 40.34 36.35 4.06
CA VAL F 1 39.12 36.80 3.34
C VAL F 1 39.14 38.32 3.24
N GLN F 2 38.60 38.84 2.14
CA GLN F 2 38.56 40.28 1.90
C GLN F 2 37.30 40.62 1.10
N LEU F 3 36.61 41.69 1.53
CA LEU F 3 35.40 42.17 0.89
C LEU F 3 35.59 43.66 0.60
N VAL F 4 35.30 44.07 -0.64
CA VAL F 4 35.45 45.45 -1.07
C VAL F 4 34.15 45.91 -1.72
N GLU F 5 33.77 47.16 -1.45
CA GLU F 5 32.56 47.76 -1.99
C GLU F 5 32.92 49.00 -2.79
N THR F 6 32.27 49.17 -3.94
CA THR F 6 32.48 50.31 -4.82
C THR F 6 31.13 50.81 -5.32
N GLY F 7 31.07 52.10 -5.61
CA GLY F 7 29.86 52.74 -6.11
C GLY F 7 29.24 53.78 -5.18
N GLY F 8 29.82 54.05 -4.02
CA GLY F 8 29.24 55.03 -3.12
C GLY F 8 29.48 56.45 -3.59
N GLY F 9 28.70 57.36 -3.04
CA GLY F 9 28.82 58.76 -3.38
C GLY F 9 27.59 59.54 -2.99
N VAL F 10 27.59 60.81 -3.36
CA VAL F 10 26.48 61.73 -3.08
C VAL F 10 25.55 61.72 -4.29
N VAL F 11 24.25 61.58 -4.02
CA VAL F 11 23.24 61.52 -5.07
C VAL F 11 22.01 62.31 -4.64
N ARG F 12 21.33 62.89 -5.63
CA ARG F 12 20.14 63.68 -5.33
C ARG F 12 18.96 62.75 -5.01
N PRO F 13 17.93 63.25 -4.30
CA PRO F 13 16.77 62.41 -3.99
C PRO F 13 16.03 62.00 -5.26
N GLY F 14 15.40 60.82 -5.21
CA GLY F 14 14.65 60.30 -6.33
C GLY F 14 15.48 59.80 -7.49
N ARG F 15 16.80 59.77 -7.37
CA ARG F 15 17.69 59.32 -8.43
C ARG F 15 18.12 57.88 -8.17
N SER F 16 18.69 57.25 -9.18
CA SER F 16 19.15 55.88 -9.11
C SER F 16 20.66 55.80 -8.90
N LEU F 17 21.08 54.76 -8.17
CA LEU F 17 22.49 54.53 -7.86
C LEU F 17 22.67 53.01 -7.80
N ARG F 18 23.81 52.54 -8.31
CA ARG F 18 24.12 51.12 -8.34
C ARG F 18 25.43 50.86 -7.61
N LEU F 19 25.39 49.97 -6.62
CA LEU F 19 26.56 49.60 -5.84
C LEU F 19 27.07 48.24 -6.27
N SER F 20 28.34 47.98 -5.96
CA SER F 20 28.98 46.72 -6.30
C SER F 20 29.84 46.28 -5.12
N CYS F 21 29.92 44.97 -4.92
CA CYS F 21 30.69 44.38 -3.84
C CYS F 21 31.50 43.21 -4.38
N THR F 22 32.82 43.36 -4.39
CA THR F 22 33.74 42.33 -4.86
C THR F 22 34.09 41.44 -3.69
N THR F 23 34.34 40.16 -3.97
CA THR F 23 34.68 39.18 -2.95
C THR F 23 35.95 38.42 -3.31
N SER F 24 36.51 37.75 -2.30
CA SER F 24 37.72 36.97 -2.44
C SER F 24 37.93 36.19 -1.16
N GLY F 25 38.56 35.02 -1.28
CA GLY F 25 38.86 34.18 -0.15
C GLY F 25 37.83 33.12 0.17
N PHE F 26 36.68 33.11 -0.49
CA PHE F 26 35.64 32.11 -0.23
C PHE F 26 34.89 31.81 -1.51
N SER F 27 34.20 30.67 -1.51
CA SER F 27 33.41 30.23 -2.65
C SER F 27 32.17 31.12 -2.76
N PHE F 28 32.22 32.09 -3.67
CA PHE F 28 31.09 32.99 -3.84
C PHE F 28 29.86 32.24 -4.34
N SER F 29 30.05 31.29 -5.25
CA SER F 29 28.93 30.54 -5.79
C SER F 29 28.26 29.64 -4.77
N GLY F 30 28.92 29.33 -3.66
CA GLY F 30 28.37 28.47 -2.63
C GLY F 30 27.89 29.15 -1.36
N SER F 31 27.66 30.47 -1.37
CA SER F 31 27.21 31.17 -0.18
C SER F 31 26.34 32.36 -0.57
N ALA F 32 25.29 32.59 0.20
CA ALA F 32 24.39 33.71 -0.04
C ALA F 32 25.04 35.01 0.42
N MET F 33 24.54 36.12 -0.11
CA MET F 33 25.04 37.44 0.21
C MET F 33 23.91 38.30 0.75
N HIS F 34 24.25 39.21 1.66
CA HIS F 34 23.29 40.12 2.28
C HIS F 34 23.83 41.54 2.24
N TRP F 35 22.92 42.50 2.32
CA TRP F 35 23.25 43.92 2.32
C TRP F 35 22.73 44.54 3.63
N VAL F 36 23.60 45.28 4.31
CA VAL F 36 23.28 45.91 5.58
C VAL F 36 23.63 47.38 5.50
N ARG F 37 22.79 48.22 6.11
CA ARG F 37 22.97 49.66 6.14
C ARG F 37 23.16 50.13 7.57
N GLN F 38 23.88 51.25 7.73
CA GLN F 38 24.16 51.83 9.04
C GLN F 38 24.01 53.34 8.91
N ALA F 39 22.87 53.87 9.35
CA ALA F 39 22.64 55.31 9.25
C ALA F 39 23.56 56.05 10.22
N PRO F 40 23.80 57.34 10.00
CA PRO F 40 24.68 58.09 10.90
C PRO F 40 24.18 58.11 12.34
N GLY F 41 24.96 57.50 13.23
CA GLY F 41 24.62 57.48 14.64
C GLY F 41 23.39 56.67 15.00
N LYS F 42 22.94 55.78 14.12
CA LYS F 42 21.78 54.95 14.36
C LYS F 42 22.21 53.48 14.38
N GLY F 43 21.23 52.59 14.53
CA GLY F 43 21.52 51.17 14.57
C GLY F 43 21.57 50.53 13.19
N LEU F 44 22.00 49.28 13.18
CA LEU F 44 22.10 48.53 11.93
C LEU F 44 20.71 48.12 11.45
N GLU F 45 20.61 47.88 10.14
CA GLU F 45 19.35 47.48 9.53
C GLU F 45 19.63 46.67 8.27
N TRP F 46 18.94 45.55 8.12
CA TRP F 46 19.10 44.68 6.97
C TRP F 46 18.44 45.31 5.75
N VAL F 47 18.99 45.03 4.56
CA VAL F 47 18.50 45.58 3.29
C VAL F 47 17.90 44.49 2.41
N ALA F 48 18.71 43.50 2.01
CA ALA F 48 18.21 42.45 1.15
C ALA F 48 19.12 41.23 1.25
N VAL F 49 18.78 40.21 0.48
CA VAL F 49 19.53 38.95 0.45
C VAL F 49 19.38 38.30 -0.91
N ILE F 50 20.44 37.65 -1.38
CA ILE F 50 20.47 36.94 -2.65
C ILE F 50 21.03 35.55 -2.36
N SER F 51 20.34 34.52 -2.83
CA SER F 51 20.77 33.16 -2.58
C SER F 51 22.12 32.89 -3.26
N HIS F 52 22.64 31.68 -3.02
CA HIS F 52 23.92 31.30 -3.60
C HIS F 52 23.88 31.35 -5.13
N ASP F 53 22.78 30.88 -5.72
CA ASP F 53 22.59 30.89 -7.17
C ASP F 53 21.65 31.98 -7.64
N GLY F 54 21.06 32.75 -6.72
CA GLY F 54 20.16 33.83 -7.09
C GLY F 54 18.77 33.42 -7.48
N ASN F 55 18.32 32.22 -7.10
CA ASN F 55 16.97 31.79 -7.47
C ASN F 55 15.89 32.50 -6.64
N ILE F 56 16.19 32.83 -5.39
CA ILE F 56 15.22 33.50 -4.51
C ILE F 56 15.82 34.80 -3.97
N ILE F 57 14.97 35.82 -3.88
CA ILE F 57 15.37 37.14 -3.40
C ILE F 57 14.34 37.60 -2.37
N GLN F 58 14.81 38.26 -1.32
CA GLN F 58 13.97 38.79 -0.26
C GLN F 58 14.46 40.20 0.07
N TYR F 59 13.52 41.11 0.31
CA TYR F 59 13.82 42.50 0.62
C TYR F 59 13.17 42.93 1.92
N HIS F 60 13.60 44.10 2.38
CA HIS F 60 13.05 44.72 3.57
C HIS F 60 11.83 45.54 3.17
N ASP F 61 10.84 45.62 4.07
CA ASP F 61 9.62 46.37 3.78
C ASP F 61 9.91 47.83 3.47
N SER F 62 11.02 48.39 3.97
CA SER F 62 11.35 49.79 3.71
C SER F 62 12.00 49.98 2.35
N VAL F 63 12.45 48.90 1.71
CA VAL F 63 13.10 48.96 0.41
C VAL F 63 12.48 48.03 -0.62
N LYS F 64 11.38 47.35 -0.29
CA LYS F 64 10.75 46.44 -1.24
C LYS F 64 10.17 47.24 -2.40
N GLY F 65 10.50 46.82 -3.62
CA GLY F 65 10.02 47.46 -4.82
C GLY F 65 10.85 48.64 -5.29
N ARG F 66 11.78 49.13 -4.47
CA ARG F 66 12.64 50.26 -4.82
C ARG F 66 14.04 49.79 -5.18
N PHE F 67 14.58 48.83 -4.43
CA PHE F 67 15.92 48.33 -4.64
C PHE F 67 15.88 47.13 -5.60
N THR F 68 17.06 46.63 -5.95
CA THR F 68 17.18 45.49 -6.84
C THR F 68 18.54 44.86 -6.60
N ILE F 69 18.55 43.65 -6.04
CA ILE F 69 19.78 42.93 -5.73
C ILE F 69 20.03 41.88 -6.81
N SER F 70 21.30 41.69 -7.15
CA SER F 70 21.70 40.73 -8.16
C SER F 70 23.14 40.32 -7.90
N ARG F 71 23.55 39.21 -8.52
CA ARG F 71 24.90 38.69 -8.37
C ARG F 71 25.34 38.01 -9.66
N ASP F 72 26.65 37.88 -9.81
CA ASP F 72 27.28 37.25 -10.98
C ASP F 72 28.33 36.29 -10.42
N ASN F 73 27.98 35.00 -10.37
CA ASN F 73 28.91 34.00 -9.85
C ASN F 73 30.15 33.86 -10.71
N SER F 74 30.04 34.10 -12.02
CA SER F 74 31.21 33.97 -12.89
C SER F 74 32.29 34.97 -12.51
N LYS F 75 31.90 36.22 -12.23
CA LYS F 75 32.83 37.26 -11.84
C LYS F 75 32.92 37.44 -10.33
N ASN F 76 32.22 36.59 -9.55
CA ASN F 76 32.19 36.64 -8.08
C ASN F 76 32.05 38.07 -7.57
N VAL F 77 31.04 38.77 -8.09
CA VAL F 77 30.75 40.14 -7.72
C VAL F 77 29.27 40.27 -7.40
N LEU F 78 28.97 41.02 -6.35
CA LEU F 78 27.61 41.27 -5.90
C LEU F 78 27.24 42.71 -6.25
N LEU F 79 25.99 42.92 -6.64
CA LEU F 79 25.49 44.24 -7.02
C LEU F 79 24.15 44.51 -6.38
N LEU F 80 23.84 45.80 -6.22
CA LEU F 80 22.58 46.26 -5.61
C LEU F 80 22.15 47.52 -6.37
N GLN F 81 21.32 47.34 -7.38
CA GLN F 81 20.84 48.48 -8.16
C GLN F 81 19.76 49.21 -7.36
N MET F 82 20.02 50.47 -7.00
CA MET F 82 19.10 51.28 -6.22
C MET F 82 18.40 52.28 -7.13
N ASN F 83 17.10 52.44 -6.92
CA ASN F 83 16.26 53.37 -7.67
C ASN F 83 15.29 54.06 -6.73
N SER F 84 14.94 55.30 -7.06
CA SER F 84 14.03 56.10 -6.27
C SER F 84 14.56 56.29 -4.85
N LEU F 85 15.72 56.93 -4.76
CA LEU F 85 16.35 57.16 -3.46
C LEU F 85 15.56 58.21 -2.66
N ARG F 86 15.75 58.18 -1.35
CA ARG F 86 15.10 59.09 -0.43
C ARG F 86 16.12 59.59 0.58
N VAL F 87 15.77 60.67 1.28
CA VAL F 87 16.68 61.24 2.28
C VAL F 87 16.93 60.26 3.41
N ASP F 88 15.92 59.47 3.78
CA ASP F 88 16.09 58.50 4.86
C ASP F 88 17.04 57.37 4.50
N ASP F 89 17.41 57.21 3.23
CA ASP F 89 18.31 56.14 2.82
C ASP F 89 19.78 56.47 3.06
N THR F 90 20.09 57.67 3.55
CA THR F 90 21.48 58.05 3.81
C THR F 90 22.06 57.12 4.86
N ALA F 91 23.01 56.26 4.47
CA ALA F 91 23.60 55.32 5.42
C ALA F 91 24.77 54.60 4.79
N MET F 92 25.60 54.03 5.66
CA MET F 92 26.75 53.25 5.20
C MET F 92 26.29 51.84 4.86
N TYR F 93 26.39 51.49 3.58
CA TYR F 93 25.98 50.18 3.10
C TYR F 93 27.14 49.21 3.17
N TYR F 94 26.90 48.04 3.75
CA TYR F 94 27.88 46.97 3.90
C TYR F 94 27.37 45.73 3.21
N CYS F 95 28.26 44.99 2.55
CA CYS F 95 27.93 43.73 1.91
C CYS F 95 28.52 42.64 2.78
N ALA F 96 27.69 41.68 3.18
CA ALA F 96 28.14 40.60 4.06
C ALA F 96 27.67 39.24 3.55
N ARG F 97 28.50 38.23 3.79
CA ARG F 97 28.20 36.87 3.39
C ARG F 97 27.51 36.14 4.53
N ASP F 98 26.67 35.18 4.18
CA ASP F 98 25.95 34.41 5.20
C ASP F 98 26.91 33.46 5.91
N VAL F 99 26.43 32.90 7.04
CA VAL F 99 27.24 31.94 7.78
C VAL F 99 27.02 30.58 7.15
N TRP F 100 28.08 30.00 6.61
CA TRP F 100 27.96 28.70 5.98
C TRP F 100 27.86 27.61 7.04
N LEU F 101 26.69 27.02 7.15
CA LEU F 101 26.41 25.93 8.09
C LEU F 101 25.93 24.68 7.38
N LEU F 102 25.24 24.84 6.25
CA LEU F 102 24.75 23.75 5.42
C LEU F 102 25.00 24.10 3.96
N PRO F 103 24.94 23.12 3.05
CA PRO F 103 25.23 23.41 1.64
C PRO F 103 24.40 24.48 0.93
N ALA F 104 23.07 24.36 0.89
CA ALA F 104 22.23 25.30 0.15
C ALA F 104 21.28 26.15 1.00
N THR F 105 21.34 26.07 2.32
CA THR F 105 20.42 26.88 3.12
C THR F 105 20.99 28.28 3.34
N ILE F 106 20.11 29.18 3.78
CA ILE F 106 20.45 30.56 4.08
C ILE F 106 20.34 30.73 5.59
N SER F 107 21.46 30.99 6.24
CA SER F 107 21.49 31.15 7.69
C SER F 107 20.87 32.45 8.18
N TYR F 108 20.69 33.44 7.29
CA TYR F 108 20.12 34.74 7.66
C TYR F 108 20.95 35.43 8.75
N ALA F 109 22.23 35.06 8.84
CA ALA F 109 23.16 35.68 9.80
C ALA F 109 24.37 36.17 9.00
N PHE F 110 25.20 37.00 9.58
CA PHE F 110 26.38 37.60 8.89
C PHE F 110 27.63 37.08 9.55
N ASP F 111 28.64 36.66 8.79
CA ASP F 111 29.90 36.11 9.36
C ASP F 111 31.08 36.95 8.89
N PHE F 112 31.05 37.42 7.64
CA PHE F 112 32.08 38.26 7.05
C PHE F 112 31.44 39.54 6.55
N TRP F 113 32.05 40.67 6.88
CA TRP F 113 31.55 41.99 6.49
C TRP F 113 32.61 42.73 5.69
N GLY F 114 32.15 43.64 4.83
CA GLY F 114 33.05 44.44 4.02
C GLY F 114 33.39 45.75 4.69
N GLN F 115 34.25 46.51 4.03
CA GLN F 115 34.66 47.81 4.58
C GLN F 115 33.51 48.81 4.59
N GLY F 116 32.55 48.69 3.68
CA GLY F 116 31.43 49.59 3.62
C GLY F 116 31.74 50.87 2.86
N THR F 117 30.69 51.45 2.30
CA THR F 117 30.78 52.67 1.52
C THR F 117 29.62 53.58 1.87
N MET F 118 29.83 54.88 1.69
CA MET F 118 28.80 55.87 2.01
C MET F 118 27.91 56.17 0.81
N VAL F 119 26.64 56.41 1.11
CA VAL F 119 25.63 56.77 0.12
C VAL F 119 24.81 57.89 0.77
N THR F 120 25.15 59.13 0.47
CA THR F 120 24.50 60.29 1.04
C THR F 120 23.48 60.86 0.06
N VAL F 121 22.26 61.08 0.54
CA VAL F 121 21.18 61.64 -0.24
C VAL F 121 20.97 63.07 0.24
N SER F 122 21.36 64.04 -0.59
CA SER F 122 21.23 65.44 -0.25
C SER F 122 20.81 66.22 -1.48
N SER F 123 20.31 67.44 -1.24
CA SER F 123 19.86 68.32 -2.31
C SER F 123 20.36 69.74 -2.07
N VAL G 1 -25.35 -21.73 30.37
CA VAL G 1 -24.70 -22.95 30.93
C VAL G 1 -24.97 -24.13 30.02
N ILE G 2 -23.93 -24.90 29.71
CA ILE G 2 -24.05 -26.07 28.85
C ILE G 2 -24.18 -27.30 29.74
N TRP G 3 -25.40 -27.85 29.79
CA TRP G 3 -25.65 -29.03 30.60
C TRP G 3 -25.01 -30.25 29.94
N MET G 4 -24.46 -31.13 30.77
CA MET G 4 -23.78 -32.34 30.30
C MET G 4 -24.55 -33.58 30.74
N THR G 5 -25.15 -34.26 29.77
CA THR G 5 -25.89 -35.48 30.04
C THR G 5 -25.00 -36.69 29.80
N GLN G 6 -24.71 -37.43 30.86
CA GLN G 6 -23.85 -38.61 30.80
C GLN G 6 -24.66 -39.85 31.13
N SER G 7 -24.55 -40.87 30.28
CA SER G 7 -25.26 -42.12 30.48
C SER G 7 -24.39 -43.25 29.95
N PRO G 8 -24.54 -44.48 30.47
CA PRO G 8 -25.45 -44.91 31.55
C PRO G 8 -24.94 -44.48 32.92
N PRO G 9 -25.80 -44.13 33.88
CA PRO G 9 -25.27 -43.72 35.20
C PRO G 9 -24.48 -44.80 35.91
N SER G 10 -24.71 -46.07 35.58
CA SER G 10 -23.99 -47.16 36.23
C SER G 10 -24.18 -48.44 35.42
N LEU G 11 -23.08 -49.15 35.22
CA LEU G 11 -23.08 -50.40 34.48
C LEU G 11 -21.95 -51.26 35.01
N SER G 12 -22.07 -52.57 34.79
CA SER G 12 -21.07 -53.54 35.24
C SER G 12 -20.44 -54.24 34.04
N ALA G 13 -19.18 -54.62 34.18
CA ALA G 13 -18.45 -55.30 33.13
C ALA G 13 -17.43 -56.24 33.75
N SER G 14 -17.00 -57.21 32.95
CA SER G 14 -16.02 -58.20 33.37
C SER G 14 -14.63 -57.83 32.89
N ILE G 15 -13.62 -58.42 33.53
CA ILE G 15 -12.24 -58.15 33.15
C ILE G 15 -11.97 -58.79 31.80
N GLY G 16 -11.63 -57.97 30.82
CA GLY G 16 -11.33 -58.44 29.48
C GLY G 16 -12.45 -58.30 28.47
N ASP G 17 -13.28 -57.26 28.61
CA ASP G 17 -14.39 -57.02 27.69
C ASP G 17 -14.39 -55.54 27.28
N THR G 18 -15.26 -55.22 26.32
CA THR G 18 -15.39 -53.87 25.80
C THR G 18 -16.52 -53.12 26.50
N VAL G 19 -16.34 -51.82 26.69
CA VAL G 19 -17.32 -50.94 27.32
C VAL G 19 -17.37 -49.63 26.54
N THR G 20 -18.51 -48.95 26.61
CA THR G 20 -18.70 -47.68 25.91
C THR G 20 -19.54 -46.76 26.78
N ILE G 21 -19.00 -45.61 27.12
CA ILE G 21 -19.67 -44.61 27.95
C ILE G 21 -19.99 -43.42 27.06
N THR G 22 -21.26 -43.05 27.01
CA THR G 22 -21.73 -41.94 26.18
C THR G 22 -21.95 -40.69 27.01
N CYS G 23 -21.55 -39.55 26.45
CA CYS G 23 -21.69 -38.24 27.05
C CYS G 23 -22.31 -37.32 26.02
N ARG G 24 -23.34 -36.59 26.41
CA ARG G 24 -24.06 -35.69 25.51
C ARG G 24 -24.17 -34.32 26.15
N ALA G 25 -23.99 -33.27 25.34
CA ALA G 25 -24.10 -31.89 25.79
C ALA G 25 -25.39 -31.26 25.29
N SER G 26 -25.82 -30.20 25.97
CA SER G 26 -27.04 -29.50 25.60
C SER G 26 -26.93 -28.75 24.28
N GLN G 27 -25.71 -28.50 23.79
CA GLN G 27 -25.52 -27.79 22.54
C GLN G 27 -24.23 -28.24 21.90
N GLY G 28 -24.10 -27.98 20.60
CA GLY G 28 -22.91 -28.36 19.87
C GLY G 28 -21.69 -27.66 20.43
N ILE G 29 -20.67 -28.44 20.82
CA ILE G 29 -19.44 -27.92 21.39
C ILE G 29 -18.22 -28.29 20.54
N SER G 30 -18.42 -28.60 19.25
CA SER G 30 -17.35 -28.96 18.34
C SER G 30 -16.56 -30.15 18.88
N ASN G 31 -15.46 -29.90 19.58
CA ASN G 31 -14.64 -30.97 20.14
C ASN G 31 -14.11 -30.62 21.53
N SER G 32 -14.52 -29.49 22.08
CA SER G 32 -14.05 -29.06 23.40
C SER G 32 -14.73 -29.88 24.49
N ILE G 33 -14.04 -30.96 24.89
CA ILE G 33 -14.52 -31.86 25.92
C ILE G 33 -13.35 -32.68 26.43
N ALA G 34 -13.37 -32.98 27.73
CA ALA G 34 -12.34 -33.76 28.39
C ALA G 34 -12.96 -34.89 29.18
N TRP G 35 -12.17 -35.94 29.39
CA TRP G 35 -12.60 -37.13 30.12
C TRP G 35 -11.69 -37.32 31.32
N TYR G 36 -12.29 -37.69 32.46
CA TYR G 36 -11.57 -37.90 33.70
C TYR G 36 -11.90 -39.27 34.28
N GLN G 37 -11.06 -39.70 35.22
CA GLN G 37 -11.21 -40.96 35.92
C GLN G 37 -10.88 -40.73 37.39
N ARG G 38 -11.72 -41.24 38.29
CA ARG G 38 -11.54 -41.07 39.73
C ARG G 38 -11.73 -42.44 40.38
N ARG G 39 -10.62 -43.03 40.84
CA ARG G 39 -10.71 -44.31 41.51
C ARG G 39 -11.20 -44.08 42.94
N PRO G 40 -11.78 -45.10 43.59
CA PRO G 40 -12.26 -44.91 44.96
C PRO G 40 -11.14 -44.51 45.90
N GLY G 41 -11.37 -43.45 46.67
CA GLY G 41 -10.41 -42.97 47.64
C GLY G 41 -9.27 -42.13 47.07
N LYS G 42 -9.34 -41.72 45.81
CA LYS G 42 -8.30 -40.91 45.19
C LYS G 42 -8.91 -39.74 44.41
N ALA G 43 -8.04 -38.79 44.08
CA ALA G 43 -8.46 -37.63 43.32
C ALA G 43 -8.60 -38.00 41.85
N PRO G 44 -9.35 -37.22 41.07
CA PRO G 44 -9.50 -37.56 39.64
C PRO G 44 -8.21 -37.33 38.86
N GLU G 45 -8.12 -38.00 37.72
CA GLU G 45 -6.98 -37.91 36.82
C GLU G 45 -7.49 -37.81 35.40
N LEU G 46 -6.89 -36.91 34.62
CA LEU G 46 -7.31 -36.70 33.24
C LEU G 46 -6.91 -37.87 32.35
N LEU G 47 -7.78 -38.18 31.39
CA LEU G 47 -7.57 -39.26 30.43
C LEU G 47 -7.45 -38.76 29.00
N VAL G 48 -8.45 -38.03 28.52
CA VAL G 48 -8.49 -37.52 27.15
C VAL G 48 -8.78 -36.03 27.16
N TYR G 49 -8.31 -35.34 26.12
CA TYR G 49 -8.51 -33.91 25.95
C TYR G 49 -8.94 -33.65 24.53
N ALA G 50 -9.94 -32.78 24.37
CA ALA G 50 -10.50 -32.41 23.07
C ALA G 50 -11.14 -33.61 22.37
N ALA G 51 -11.53 -34.61 23.16
CA ALA G 51 -12.20 -35.82 22.71
C ALA G 51 -11.33 -36.81 21.93
N TYR G 52 -10.10 -36.44 21.56
CA TYR G 52 -9.22 -37.33 20.81
C TYR G 52 -7.79 -37.40 21.31
N ARG G 53 -7.29 -36.37 22.00
CA ARG G 53 -5.90 -36.36 22.45
C ARG G 53 -5.76 -37.18 23.74
N LEU G 54 -5.03 -38.30 23.65
CA LEU G 54 -4.82 -39.14 24.82
C LEU G 54 -3.69 -38.55 25.66
N GLN G 55 -3.90 -38.52 26.97
CA GLN G 55 -2.89 -37.98 27.87
C GLN G 55 -1.68 -38.90 27.91
N SER G 56 -0.52 -38.31 28.24
CA SER G 56 0.72 -39.07 28.32
C SER G 56 0.62 -40.10 29.43
N GLY G 57 1.00 -41.34 29.10
CA GLY G 57 0.96 -42.42 30.07
C GLY G 57 -0.36 -43.15 30.19
N VAL G 58 -1.40 -42.68 29.51
CA VAL G 58 -2.71 -43.33 29.57
C VAL G 58 -2.64 -44.57 28.67
N PRO G 59 -3.32 -45.67 28.99
CA PRO G 59 -3.25 -46.84 28.12
C PRO G 59 -3.79 -46.54 26.72
N SER G 60 -3.14 -47.10 25.71
CA SER G 60 -3.57 -46.89 24.33
C SER G 60 -4.90 -47.59 24.05
N ARG G 61 -5.21 -48.67 24.77
CA ARG G 61 -6.46 -49.40 24.59
C ARG G 61 -7.69 -48.57 24.92
N LEU G 62 -7.53 -47.45 25.65
CA LEU G 62 -8.63 -46.57 26.02
C LEU G 62 -8.59 -45.39 25.05
N SER G 63 -9.74 -45.07 24.45
CA SER G 63 -9.82 -43.96 23.51
C SER G 63 -11.23 -43.41 23.47
N GLY G 64 -11.34 -42.16 23.00
CA GLY G 64 -12.61 -41.48 22.88
C GLY G 64 -12.90 -41.10 21.44
N SER G 65 -14.15 -40.74 21.18
CA SER G 65 -14.56 -40.36 19.84
C SER G 65 -15.86 -39.57 19.94
N GLY G 66 -16.30 -39.07 18.79
CA GLY G 66 -17.51 -38.30 18.67
C GLY G 66 -17.26 -36.94 18.05
N SER G 67 -18.36 -36.22 17.84
CA SER G 67 -18.32 -34.89 17.24
C SER G 67 -19.60 -34.17 17.62
N GLY G 68 -19.59 -32.84 17.45
CA GLY G 68 -20.74 -32.04 17.76
C GLY G 68 -21.12 -32.12 19.23
N ALA G 69 -22.36 -32.52 19.50
CA ALA G 69 -22.84 -32.66 20.87
C ALA G 69 -22.84 -34.11 21.37
N GLU G 70 -22.37 -35.05 20.55
CA GLU G 70 -22.34 -36.47 20.91
C GLU G 70 -20.89 -36.89 21.08
N TYR G 71 -20.57 -37.53 22.20
CA TYR G 71 -19.23 -38.01 22.50
C TYR G 71 -19.31 -39.34 23.21
N THR G 72 -18.28 -40.16 23.04
CA THR G 72 -18.21 -41.47 23.65
C THR G 72 -16.79 -41.83 24.01
N LEU G 73 -16.64 -42.56 25.11
CA LEU G 73 -15.37 -43.05 25.61
C LEU G 73 -15.44 -44.57 25.61
N THR G 74 -14.47 -45.22 24.97
CA THR G 74 -14.46 -46.67 24.84
C THR G 74 -13.14 -47.27 25.32
N ILE G 75 -13.24 -48.49 25.82
CA ILE G 75 -12.11 -49.27 26.31
C ILE G 75 -12.24 -50.64 25.66
N LYS G 76 -11.26 -51.03 24.84
CA LYS G 76 -11.31 -52.31 24.17
C LYS G 76 -10.92 -53.49 25.05
N ASN G 77 -10.21 -53.25 26.15
CA ASN G 77 -9.79 -54.35 27.03
C ASN G 77 -9.75 -53.82 28.46
N MET G 78 -10.82 -54.10 29.21
CA MET G 78 -10.89 -53.66 30.59
C MET G 78 -9.87 -54.41 31.44
N GLN G 79 -9.32 -53.71 32.41
CA GLN G 79 -8.36 -54.21 33.36
C GLN G 79 -8.87 -53.98 34.77
N PRO G 80 -8.37 -54.69 35.78
CA PRO G 80 -8.88 -54.49 37.14
C PRO G 80 -8.74 -53.07 37.65
N GLU G 81 -7.76 -52.31 37.15
CA GLU G 81 -7.56 -50.94 37.59
C GLU G 81 -8.43 -49.92 36.85
N ASP G 82 -9.20 -50.35 35.83
CA ASP G 82 -10.06 -49.44 35.07
C ASP G 82 -11.42 -49.22 35.71
N PHE G 83 -11.86 -50.11 36.60
CA PHE G 83 -13.16 -49.96 37.25
C PHE G 83 -13.11 -48.74 38.17
N ALA G 84 -13.77 -47.67 37.75
CA ALA G 84 -13.81 -46.43 38.53
C ALA G 84 -14.86 -45.51 37.92
N THR G 85 -15.01 -44.34 38.52
CA THR G 85 -15.98 -43.37 38.04
C THR G 85 -15.35 -42.54 36.93
N TYR G 86 -16.07 -42.34 35.84
CA TYR G 86 -15.60 -41.58 34.69
C TYR G 86 -16.51 -40.37 34.48
N TYR G 87 -15.91 -39.18 34.40
CA TYR G 87 -16.63 -37.93 34.21
C TYR G 87 -16.21 -37.26 32.92
N CYS G 88 -17.19 -36.65 32.24
CA CYS G 88 -16.97 -35.91 31.01
C CYS G 88 -17.25 -34.44 31.28
N GLN G 89 -16.26 -33.60 30.97
CA GLN G 89 -16.34 -32.16 31.21
C GLN G 89 -16.08 -31.39 29.93
N GLN G 90 -16.85 -30.33 29.71
CA GLN G 90 -16.69 -29.49 28.54
C GLN G 90 -16.00 -28.18 28.90
N TYR G 91 -15.37 -27.58 27.90
CA TYR G 91 -14.70 -26.30 28.05
C TYR G 91 -14.94 -25.39 26.85
N TYR G 92 -16.04 -25.61 26.14
CA TYR G 92 -16.37 -24.78 24.97
C TYR G 92 -16.74 -23.36 25.40
N ASP G 93 -17.53 -23.25 26.46
CA ASP G 93 -17.95 -21.94 26.97
C ASP G 93 -18.09 -22.05 28.48
N ASN G 94 -17.86 -20.92 29.14
CA ASN G 94 -17.96 -20.91 30.60
C ASN G 94 -19.43 -20.85 31.02
N PRO G 95 -19.76 -21.36 32.22
CA PRO G 95 -18.88 -21.99 33.23
C PRO G 95 -18.59 -23.45 32.89
N LEU G 96 -17.45 -23.98 33.29
CA LEU G 96 -17.14 -25.38 33.01
C LEU G 96 -18.11 -26.28 33.78
N THR G 97 -18.67 -27.26 33.07
CA THR G 97 -19.64 -28.18 33.65
C THR G 97 -19.18 -29.62 33.44
N PHE G 98 -19.38 -30.44 34.46
CA PHE G 98 -19.01 -31.85 34.43
C PHE G 98 -20.23 -32.70 34.12
N GLY G 99 -19.97 -33.95 33.76
CA GLY G 99 -21.05 -34.86 33.47
C GLY G 99 -21.59 -35.52 34.74
N GLY G 100 -22.71 -36.22 34.59
CA GLY G 100 -23.29 -36.89 35.74
C GLY G 100 -22.44 -38.00 36.31
N GLY G 101 -21.50 -38.53 35.55
CA GLY G 101 -20.64 -39.59 36.02
C GLY G 101 -21.28 -40.96 35.82
N THR G 102 -20.43 -41.93 35.45
CA THR G 102 -20.84 -43.32 35.19
C THR G 102 -19.90 -44.23 35.94
N LYS G 103 -20.40 -45.03 36.88
CA LYS G 103 -19.53 -45.89 37.72
C LYS G 103 -19.44 -47.29 37.11
N VAL G 104 -18.27 -47.64 36.55
CA VAL G 104 -18.05 -49.00 36.00
C VAL G 104 -17.69 -49.85 37.20
N GLU G 105 -18.29 -51.03 37.36
CA GLU G 105 -18.06 -51.90 38.54
C GLU G 105 -17.83 -53.33 38.06
N ILE G 106 -17.42 -54.24 38.93
CA ILE G 106 -17.25 -55.68 38.56
C ILE G 106 -18.65 -56.29 38.40
N LYS G 107 -18.84 -57.20 37.45
CA LYS G 107 -20.15 -57.85 37.22
C LYS G 107 -20.06 -59.33 37.63
N VAL H 1 -17.26 -3.27 -41.58
CA VAL H 1 -16.31 -3.85 -42.57
C VAL H 1 -15.43 -2.75 -43.14
N ILE H 2 -14.13 -3.01 -43.20
CA ILE H 2 -13.16 -2.05 -43.72
C ILE H 2 -12.89 -2.40 -45.18
N TRP H 3 -13.44 -1.59 -46.10
CA TRP H 3 -13.25 -1.83 -47.51
C TRP H 3 -11.82 -1.47 -47.90
N MET H 4 -11.25 -2.26 -48.81
CA MET H 4 -9.87 -2.09 -49.26
C MET H 4 -9.86 -1.70 -50.74
N THR H 5 -9.47 -0.46 -51.01
CA THR H 5 -9.39 0.03 -52.38
C THR H 5 -7.95 -0.10 -52.87
N GLN H 6 -7.74 -0.94 -53.88
CA GLN H 6 -6.43 -1.19 -54.45
C GLN H 6 -6.40 -0.70 -55.89
N SER H 7 -5.36 0.08 -56.22
CA SER H 7 -5.20 0.62 -57.56
C SER H 7 -3.70 0.71 -57.85
N PRO H 8 -3.30 0.64 -59.13
CA PRO H 8 -4.12 0.48 -60.35
C PRO H 8 -4.59 -0.98 -60.50
N PRO H 9 -5.78 -1.26 -61.03
CA PRO H 9 -6.19 -2.67 -61.17
C PRO H 9 -5.30 -3.48 -62.09
N SER H 10 -4.58 -2.84 -63.00
CA SER H 10 -3.70 -3.56 -63.91
C SER H 10 -2.74 -2.58 -64.58
N LEU H 11 -1.47 -2.96 -64.62
CA LEU H 11 -0.43 -2.15 -65.24
C LEU H 11 0.64 -3.08 -65.77
N SER H 12 1.43 -2.58 -66.72
CA SER H 12 2.50 -3.35 -67.34
C SER H 12 3.84 -2.68 -67.05
N ALA H 13 4.89 -3.49 -66.96
CA ALA H 13 6.22 -3.00 -66.68
C ALA H 13 7.24 -3.91 -67.36
N SER H 14 8.44 -3.38 -67.55
CA SER H 14 9.53 -4.11 -68.19
C SER H 14 10.49 -4.67 -67.13
N ILE H 15 11.27 -5.66 -67.54
CA ILE H 15 12.22 -6.28 -66.64
C ILE H 15 13.34 -5.29 -66.36
N GLY H 16 13.50 -4.92 -65.09
CA GLY H 16 14.53 -3.99 -64.68
C GLY H 16 14.08 -2.56 -64.48
N ASP H 17 12.84 -2.34 -64.04
CA ASP H 17 12.29 -1.02 -63.80
C ASP H 17 11.59 -0.99 -62.45
N THR H 18 11.18 0.21 -62.04
CA THR H 18 10.51 0.42 -60.77
C THR H 18 9.00 0.44 -60.95
N VAL H 19 8.28 -0.08 -59.96
CA VAL H 19 6.82 -0.13 -59.95
C VAL H 19 6.34 0.25 -58.55
N THR H 20 5.11 0.76 -58.47
CA THR H 20 4.52 1.16 -57.20
C THR H 20 3.03 0.83 -57.23
N ILE H 21 2.59 0.00 -56.29
CA ILE H 21 1.20 -0.42 -56.17
C ILE H 21 0.64 0.23 -54.92
N THR H 22 -0.45 0.98 -55.07
CA THR H 22 -1.10 1.68 -53.97
C THR H 22 -2.32 0.93 -53.48
N CYS H 23 -2.48 0.90 -52.16
CA CYS H 23 -3.61 0.26 -51.49
C CYS H 23 -4.15 1.24 -50.48
N ARG H 24 -5.47 1.45 -50.49
CA ARG H 24 -6.13 2.40 -49.59
C ARG H 24 -7.28 1.71 -48.88
N ALA H 25 -7.44 2.02 -47.59
CA ALA H 25 -8.51 1.46 -46.78
C ALA H 25 -9.57 2.52 -46.51
N SER H 26 -10.78 2.05 -46.18
CA SER H 26 -11.89 2.95 -45.90
C SER H 26 -11.72 3.73 -44.60
N GLN H 27 -10.82 3.31 -43.71
CA GLN H 27 -10.60 4.01 -42.46
C GLN H 27 -9.16 3.78 -42.02
N GLY H 28 -8.70 4.65 -41.11
CA GLY H 28 -7.35 4.55 -40.60
C GLY H 28 -7.14 3.23 -39.90
N ILE H 29 -6.12 2.46 -40.31
CA ILE H 29 -5.80 1.17 -39.74
C ILE H 29 -4.40 1.14 -39.15
N SER H 30 -3.84 2.31 -38.82
CA SER H 30 -2.50 2.41 -38.25
C SER H 30 -1.47 1.75 -39.16
N ASN H 31 -1.13 0.48 -38.91
CA ASN H 31 -0.16 -0.23 -39.73
C ASN H 31 -0.56 -1.69 -39.95
N SER H 32 -1.75 -2.08 -39.50
CA SER H 32 -2.22 -3.46 -39.65
C SER H 32 -2.65 -3.72 -41.09
N ILE H 33 -1.69 -4.22 -41.88
CA ILE H 33 -1.93 -4.55 -43.28
C ILE H 33 -0.83 -5.49 -43.74
N ALA H 34 -1.19 -6.41 -44.63
CA ALA H 34 -0.29 -7.39 -45.18
C ALA H 34 -0.38 -7.39 -46.71
N TRP H 35 0.71 -7.83 -47.34
CA TRP H 35 0.81 -7.89 -48.79
C TRP H 35 1.06 -9.33 -49.22
N TYR H 36 0.39 -9.76 -50.29
CA TYR H 36 0.51 -11.10 -50.81
C TYR H 36 0.85 -11.08 -52.29
N GLN H 37 1.31 -12.22 -52.79
CA GLN H 37 1.66 -12.42 -54.19
C GLN H 37 1.15 -13.79 -54.61
N ARG H 38 0.50 -13.85 -55.77
CA ARG H 38 -0.07 -15.09 -56.29
C ARG H 38 0.35 -15.21 -57.76
N ARG H 39 1.28 -16.12 -58.04
CA ARG H 39 1.70 -16.33 -59.41
C ARG H 39 0.64 -17.16 -60.13
N PRO H 40 0.57 -17.09 -61.46
CA PRO H 40 -0.44 -17.88 -62.18
C PRO H 40 -0.27 -19.38 -61.93
N GLY H 41 -1.38 -20.03 -61.58
CA GLY H 41 -1.39 -21.45 -61.32
C GLY H 41 -0.86 -21.88 -59.96
N LYS H 42 -0.63 -20.96 -59.04
CA LYS H 42 -0.13 -21.28 -57.71
C LYS H 42 -0.92 -20.55 -56.63
N ALA H 43 -0.76 -21.02 -55.40
CA ALA H 43 -1.42 -20.41 -54.26
C ALA H 43 -0.69 -19.14 -53.87
N PRO H 44 -1.35 -18.23 -53.14
CA PRO H 44 -0.67 -16.98 -52.76
C PRO H 44 0.40 -17.23 -51.70
N GLU H 45 1.34 -16.28 -51.63
CA GLU H 45 2.43 -16.32 -50.67
C GLU H 45 2.60 -14.93 -50.08
N LEU H 46 2.81 -14.88 -48.76
CA LEU H 46 2.96 -13.62 -48.06
C LEU H 46 4.29 -12.95 -48.38
N LEU H 47 4.27 -11.62 -48.46
CA LEU H 47 5.44 -10.81 -48.76
C LEU H 47 5.82 -9.89 -47.61
N VAL H 48 4.88 -9.05 -47.16
CA VAL H 48 5.12 -8.08 -46.10
C VAL H 48 4.03 -8.20 -45.04
N TYR H 49 4.37 -7.84 -43.81
CA TYR H 49 3.46 -7.87 -42.68
C TYR H 49 3.58 -6.55 -41.92
N ALA H 50 2.44 -6.00 -41.53
CA ALA H 50 2.38 -4.73 -40.79
C ALA H 50 2.91 -3.56 -41.61
N ALA H 51 2.91 -3.74 -42.94
CA ALA H 51 3.35 -2.74 -43.91
C ALA H 51 4.86 -2.49 -43.98
N TYR H 52 5.65 -3.04 -43.05
CA TYR H 52 7.09 -2.83 -43.04
C TYR H 52 7.92 -4.09 -42.81
N ARG H 53 7.38 -5.12 -42.17
CA ARG H 53 8.16 -6.32 -41.88
C ARG H 53 8.21 -7.22 -43.11
N LEU H 54 9.41 -7.38 -43.67
CA LEU H 54 9.58 -8.25 -44.83
C LEU H 54 9.67 -9.70 -44.38
N GLN H 55 8.97 -10.57 -45.09
CA GLN H 55 8.98 -11.99 -44.74
C GLN H 55 10.36 -12.59 -45.04
N SER H 56 10.68 -13.66 -44.32
CA SER H 56 11.96 -14.33 -44.49
C SER H 56 12.06 -14.92 -45.90
N GLY H 57 13.17 -14.66 -46.56
CA GLY H 57 13.39 -15.17 -47.91
C GLY H 57 12.86 -14.29 -49.02
N VAL H 58 12.12 -13.23 -48.70
CA VAL H 58 11.58 -12.34 -49.72
C VAL H 58 12.72 -11.44 -50.21
N PRO H 59 12.77 -11.06 -51.49
CA PRO H 59 13.87 -10.20 -51.94
C PRO H 59 13.88 -8.87 -51.21
N SER H 60 15.09 -8.39 -50.90
CA SER H 60 15.22 -7.11 -50.21
C SER H 60 14.82 -5.94 -51.09
N ARG H 61 14.94 -6.09 -52.42
CA ARG H 61 14.58 -5.04 -53.36
C ARG H 61 13.10 -4.69 -53.34
N LEU H 62 12.27 -5.56 -52.76
CA LEU H 62 10.82 -5.34 -52.65
C LEU H 62 10.54 -4.87 -51.24
N SER H 63 9.81 -3.77 -51.11
CA SER H 63 9.49 -3.22 -49.81
C SER H 63 8.20 -2.42 -49.87
N GLY H 64 7.57 -2.24 -48.71
CA GLY H 64 6.34 -1.51 -48.57
C GLY H 64 6.50 -0.31 -47.66
N SER H 65 5.52 0.59 -47.72
CA SER H 65 5.56 1.79 -46.91
C SER H 65 4.15 2.37 -46.81
N GLY H 66 4.02 3.42 -46.01
CA GLY H 66 2.77 4.11 -45.79
C GLY H 66 2.39 4.15 -44.32
N SER H 67 1.29 4.85 -44.05
CA SER H 67 0.78 5.01 -42.70
C SER H 67 -0.70 5.38 -42.80
N GLY H 68 -1.40 5.24 -41.67
CA GLY H 68 -2.81 5.54 -41.62
C GLY H 68 -3.61 4.68 -42.57
N ALA H 69 -4.35 5.31 -43.47
CA ALA H 69 -5.17 4.59 -44.45
C ALA H 69 -4.52 4.50 -45.83
N GLU H 70 -3.31 5.02 -45.99
CA GLU H 70 -2.59 4.99 -47.26
C GLU H 70 -1.39 4.07 -47.14
N TYR H 71 -1.27 3.14 -48.09
CA TYR H 71 -0.17 2.18 -48.11
C TYR H 71 0.27 1.95 -49.55
N THR H 72 1.55 1.61 -49.71
CA THR H 72 2.11 1.36 -51.03
C THR H 72 3.17 0.28 -50.96
N LEU H 73 3.26 -0.51 -52.03
CA LEU H 73 4.23 -1.58 -52.19
C LEU H 73 5.07 -1.23 -53.40
N THR H 74 6.39 -1.21 -53.23
CA THR H 74 7.30 -0.84 -54.31
C THR H 74 8.37 -1.90 -54.52
N ILE H 75 8.83 -1.97 -55.77
CA ILE H 75 9.88 -2.89 -56.21
C ILE H 75 10.85 -2.05 -57.01
N LYS H 76 12.10 -1.95 -56.53
CA LYS H 76 13.10 -1.15 -57.22
C LYS H 76 13.71 -1.83 -58.44
N ASN H 77 13.61 -3.16 -58.54
CA ASN H 77 14.19 -3.87 -59.68
C ASN H 77 13.31 -5.09 -59.98
N MET H 78 12.44 -4.95 -60.96
CA MET H 78 11.56 -6.04 -61.34
C MET H 78 12.37 -7.17 -61.97
N GLN H 79 11.95 -8.39 -61.71
CA GLN H 79 12.52 -9.61 -62.22
C GLN H 79 11.44 -10.41 -62.93
N PRO H 80 11.81 -11.35 -63.81
CA PRO H 80 10.77 -12.11 -64.52
C PRO H 80 9.82 -12.87 -63.61
N GLU H 81 10.26 -13.25 -62.40
CA GLU H 81 9.40 -13.97 -61.47
C GLU H 81 8.51 -13.07 -60.64
N ASP H 82 8.64 -11.73 -60.75
CA ASP H 82 7.82 -10.81 -59.98
C ASP H 82 6.48 -10.49 -60.62
N PHE H 83 6.33 -10.74 -61.92
CA PHE H 83 5.08 -10.46 -62.61
C PHE H 83 4.01 -11.42 -62.11
N ALA H 84 3.09 -10.91 -61.29
CA ALA H 84 2.02 -11.73 -60.73
C ALA H 84 0.99 -10.79 -60.10
N THR H 85 -0.05 -11.40 -59.54
CA THR H 85 -1.10 -10.62 -58.89
C THR H 85 -0.70 -10.32 -57.45
N TYR H 86 -0.88 -9.08 -57.02
CA TYR H 86 -0.53 -8.65 -55.67
C TYR H 86 -1.80 -8.17 -54.96
N TYR H 87 -2.04 -8.71 -53.77
CA TYR H 87 -3.20 -8.37 -52.96
C TYR H 87 -2.77 -7.77 -51.63
N CYS H 88 -3.54 -6.77 -51.18
CA CYS H 88 -3.32 -6.12 -49.89
C CYS H 88 -4.49 -6.45 -48.98
N GLN H 89 -4.17 -6.98 -47.80
CA GLN H 89 -5.18 -7.40 -46.83
C GLN H 89 -4.92 -6.73 -45.50
N GLN H 90 -6.00 -6.31 -44.84
CA GLN H 90 -5.90 -5.67 -43.53
C GLN H 90 -6.34 -6.63 -42.43
N TYR H 91 -5.85 -6.38 -41.22
CA TYR H 91 -6.20 -7.16 -40.05
C TYR H 91 -6.42 -6.27 -38.84
N TYR H 92 -6.75 -5.00 -39.05
CA TYR H 92 -7.00 -4.08 -37.95
C TYR H 92 -8.26 -4.45 -37.18
N ASP H 93 -9.32 -4.80 -37.92
CA ASP H 93 -10.59 -5.18 -37.30
C ASP H 93 -11.25 -6.23 -38.18
N ASN H 94 -12.01 -7.10 -37.56
CA ASN H 94 -12.69 -8.14 -38.30
C ASN H 94 -13.92 -7.57 -39.03
N PRO H 95 -14.34 -8.20 -40.14
CA PRO H 95 -13.76 -9.38 -40.81
C PRO H 95 -12.57 -9.00 -41.69
N LEU H 96 -11.62 -9.92 -41.88
CA LEU H 96 -10.47 -9.62 -42.71
C LEU H 96 -10.93 -9.42 -44.16
N THR H 97 -10.45 -8.35 -44.79
CA THR H 97 -10.81 -8.01 -46.15
C THR H 97 -9.57 -7.85 -47.01
N PHE H 98 -9.63 -8.36 -48.24
CA PHE H 98 -8.54 -8.27 -49.18
C PHE H 98 -8.75 -7.11 -50.14
N GLY H 99 -7.68 -6.75 -50.85
CA GLY H 99 -7.78 -5.69 -51.82
C GLY H 99 -8.29 -6.20 -53.15
N GLY H 100 -8.59 -5.26 -54.06
CA GLY H 100 -9.07 -5.64 -55.37
C GLY H 100 -8.06 -6.38 -56.22
N GLY H 101 -6.79 -6.28 -55.89
CA GLY H 101 -5.75 -6.96 -56.65
C GLY H 101 -5.30 -6.14 -57.85
N THR H 102 -3.99 -6.19 -58.11
CA THR H 102 -3.35 -5.47 -59.23
C THR H 102 -2.46 -6.44 -59.97
N LYS H 103 -2.72 -6.69 -61.25
CA LYS H 103 -1.96 -7.70 -62.01
C LYS H 103 -0.82 -7.01 -62.78
N VAL H 104 0.43 -7.23 -62.34
CA VAL H 104 1.62 -6.68 -63.04
C VAL H 104 1.88 -7.66 -64.17
N GLU H 105 2.10 -7.16 -65.40
CA GLU H 105 2.28 -8.04 -66.59
C GLU H 105 3.49 -7.53 -67.38
N ILE H 106 3.95 -8.28 -68.39
CA ILE H 106 5.07 -7.81 -69.25
C ILE H 106 4.51 -6.70 -70.17
N LYS H 107 5.31 -5.68 -70.48
CA LYS H 107 4.87 -4.57 -71.36
C LYS H 107 5.65 -4.65 -72.69
N VAL I 1 7.00 42.98 11.80
CA VAL I 1 8.41 43.26 12.19
C VAL I 1 8.61 42.94 13.66
N ILE I 2 9.70 42.24 13.97
CA ILE I 2 10.02 41.86 15.34
C ILE I 2 11.00 42.88 15.89
N TRP I 3 10.52 43.74 16.78
CA TRP I 3 11.38 44.76 17.38
C TRP I 3 12.32 44.10 18.38
N MET I 4 13.55 44.59 18.42
CA MET I 4 14.60 44.06 19.29
C MET I 4 14.99 45.11 20.33
N THR I 5 14.64 44.83 21.58
CA THR I 5 14.96 45.73 22.68
C THR I 5 16.24 45.25 23.36
N GLN I 6 17.30 46.06 23.28
CA GLN I 6 18.59 45.73 23.87
C GLN I 6 18.91 46.71 24.97
N SER I 7 19.31 46.17 26.13
CA SER I 7 19.65 46.99 27.28
C SER I 7 20.76 46.27 28.05
N PRO I 8 21.61 47.02 28.78
CA PRO I 8 21.63 48.49 28.95
C PRO I 8 22.22 49.17 27.73
N PRO I 9 21.78 50.37 27.33
CA PRO I 9 22.38 51.00 26.14
C PRO I 9 23.85 51.31 26.29
N SER I 10 24.36 51.44 27.52
CA SER I 10 25.77 51.73 27.73
C SER I 10 26.13 51.47 29.18
N LEU I 11 27.26 50.79 29.38
CA LEU I 11 27.75 50.47 30.71
C LEU I 11 29.27 50.38 30.64
N SER I 12 29.91 50.53 31.79
CA SER I 12 31.36 50.49 31.90
C SER I 12 31.78 49.31 32.77
N ALA I 13 32.95 48.76 32.47
CA ALA I 13 33.49 47.62 33.22
C ALA I 13 35.00 47.70 33.22
N SER I 14 35.61 47.00 34.18
CA SER I 14 37.05 46.96 34.33
C SER I 14 37.61 45.68 33.71
N ILE I 15 38.92 45.70 33.43
CA ILE I 15 39.57 44.54 32.85
C ILE I 15 39.66 43.44 33.90
N GLY I 16 39.01 42.31 33.62
CA GLY I 16 39.02 41.18 34.52
C GLY I 16 37.78 41.03 35.37
N ASP I 17 36.61 41.42 34.87
CA ASP I 17 35.35 41.32 35.58
C ASP I 17 34.29 40.70 34.67
N THR I 18 33.14 40.40 35.26
CA THR I 18 32.02 39.80 34.53
C THR I 18 31.03 40.87 34.09
N VAL I 19 30.43 40.65 32.91
CA VAL I 19 29.44 41.56 32.33
C VAL I 19 28.31 40.72 31.75
N THR I 20 27.12 41.32 31.66
CA THR I 20 25.95 40.63 31.12
C THR I 20 25.13 41.63 30.32
N ILE I 21 24.92 41.34 29.04
CA ILE I 21 24.15 42.20 28.14
C ILE I 21 22.86 41.46 27.82
N THR I 22 21.72 42.10 28.08
CA THR I 22 20.41 41.51 27.84
C THR I 22 19.80 42.04 26.55
N CYS I 23 19.16 41.15 25.81
CA CYS I 23 18.48 41.45 24.56
C CYS I 23 17.10 40.81 24.62
N ARG I 24 16.07 41.60 24.30
CA ARG I 24 14.69 41.13 24.35
C ARG I 24 14.00 41.44 23.04
N ALA I 25 13.18 40.49 22.58
CA ALA I 25 12.43 40.63 21.33
C ALA I 25 10.96 40.87 21.64
N SER I 26 10.26 41.45 20.66
CA SER I 26 8.83 41.75 20.82
C SER I 26 7.97 40.50 20.85
N GLN I 27 8.48 39.36 20.40
CA GLN I 27 7.70 38.12 20.40
C GLN I 27 8.66 36.94 20.54
N GLY I 28 8.10 35.80 20.94
CA GLY I 28 8.89 34.60 21.11
C GLY I 28 9.52 34.19 19.79
N ILE I 29 10.84 34.04 19.77
CA ILE I 29 11.60 33.65 18.59
C ILE I 29 12.35 32.34 18.79
N SER I 30 11.92 31.52 19.76
CA SER I 30 12.56 30.24 20.04
C SER I 30 14.04 30.43 20.37
N ASN I 31 14.92 30.28 19.37
CA ASN I 31 16.35 30.44 19.58
C ASN I 31 17.02 31.15 18.41
N SER I 32 16.23 31.61 17.43
CA SER I 32 16.78 32.28 16.24
C SER I 32 17.22 33.69 16.60
N ILE I 33 18.51 33.81 16.95
CA ILE I 33 19.12 35.08 17.32
C ILE I 33 20.63 34.95 17.21
N ALA I 34 21.28 36.03 16.81
CA ALA I 34 22.72 36.09 16.64
C ALA I 34 23.28 37.30 17.37
N TRP I 35 24.55 37.21 17.74
CA TRP I 35 25.25 38.27 18.46
C TRP I 35 26.46 38.71 17.63
N TYR I 36 26.68 40.02 17.59
CA TYR I 36 27.77 40.61 16.84
C TYR I 36 28.60 41.53 17.72
N GLN I 37 29.80 41.85 17.24
CA GLN I 37 30.73 42.74 17.92
C GLN I 37 31.36 43.64 16.86
N ARG I 38 31.41 44.95 17.16
CA ARG I 38 31.97 45.94 16.23
C ARG I 38 32.93 46.83 17.02
N ARG I 39 34.22 46.65 16.79
CA ARG I 39 35.21 47.48 17.47
C ARG I 39 35.25 48.85 16.78
N PRO I 40 35.71 49.89 17.48
CA PRO I 40 35.77 51.21 16.84
C PRO I 40 36.66 51.21 15.61
N GLY I 41 36.13 51.75 14.51
CA GLY I 41 36.85 51.83 13.27
C GLY I 41 36.92 50.55 12.44
N LYS I 42 36.16 49.53 12.80
CA LYS I 42 36.15 48.27 12.06
C LYS I 42 34.72 47.79 11.81
N ALA I 43 34.62 46.83 10.88
CA ALA I 43 33.33 46.26 10.55
C ALA I 43 32.92 45.26 11.62
N PRO I 44 31.63 44.94 11.74
CA PRO I 44 31.21 43.98 12.77
C PRO I 44 31.67 42.56 12.45
N GLU I 45 31.73 41.75 13.50
CA GLU I 45 32.13 40.34 13.39
C GLU I 45 31.19 39.52 14.24
N LEU I 46 30.76 38.38 13.70
CA LEU I 46 29.82 37.50 14.40
C LEU I 46 30.50 36.80 15.58
N LEU I 47 29.73 36.62 16.65
CA LEU I 47 30.19 35.95 17.86
C LEU I 47 29.43 34.66 18.15
N VAL I 48 28.10 34.74 18.25
CA VAL I 48 27.26 33.59 18.56
C VAL I 48 26.14 33.49 17.52
N TYR I 49 25.66 32.26 17.33
CA TYR I 49 24.57 31.97 16.41
C TYR I 49 23.58 31.04 17.10
N ALA I 50 22.30 31.35 16.92
CA ALA I 50 21.21 30.58 17.52
C ALA I 50 21.22 30.64 19.04
N ALA I 51 21.87 31.69 19.57
CA ALA I 51 21.98 31.97 21.00
C ALA I 51 22.90 31.04 21.78
N TYR I 52 23.41 29.95 21.18
CA TYR I 52 24.29 29.02 21.88
C TYR I 52 25.52 28.58 21.08
N ARG I 53 25.48 28.62 19.76
CA ARG I 53 26.61 28.15 18.96
C ARG I 53 27.68 29.24 18.89
N LEU I 54 28.84 28.96 19.48
CA LEU I 54 29.95 29.91 19.45
C LEU I 54 30.68 29.80 18.12
N GLN I 55 31.00 30.94 17.52
CA GLN I 55 31.70 30.94 16.26
C GLN I 55 33.13 30.43 16.43
N SER I 56 33.69 29.89 15.34
CA SER I 56 35.04 29.38 15.38
C SER I 56 36.03 30.51 15.65
N GLY I 57 36.94 30.28 16.61
CA GLY I 57 37.93 31.27 16.96
C GLY I 57 37.50 32.27 18.00
N VAL I 58 36.23 32.26 18.41
CA VAL I 58 35.75 33.21 19.42
C VAL I 58 36.22 32.71 20.78
N PRO I 59 36.55 33.58 21.74
CA PRO I 59 36.99 33.08 23.04
C PRO I 59 35.92 32.26 23.73
N SER I 60 36.35 31.18 24.40
CA SER I 60 35.40 30.32 25.11
C SER I 60 34.80 31.01 26.31
N ARG I 61 35.51 31.97 26.91
CA ARG I 61 35.04 32.71 28.07
C ARG I 61 33.79 33.54 27.78
N LEU I 62 33.49 33.79 26.50
CA LEU I 62 32.31 34.55 26.09
C LEU I 62 31.25 33.54 25.65
N SER I 63 30.04 33.69 26.19
CA SER I 63 28.96 32.77 25.84
C SER I 63 27.62 33.47 26.01
N GLY I 64 26.60 32.92 25.34
CA GLY I 64 25.25 33.45 25.40
C GLY I 64 24.28 32.41 25.94
N SER I 65 23.10 32.88 26.31
CA SER I 65 22.08 32.01 26.86
C SER I 65 20.72 32.69 26.74
N GLY I 66 19.69 31.95 27.11
CA GLY I 66 18.32 32.42 27.08
C GLY I 66 17.42 31.52 26.25
N SER I 67 16.13 31.86 26.26
CA SER I 67 15.13 31.11 25.52
C SER I 67 13.93 32.02 25.30
N GLY I 68 13.07 31.62 24.38
CA GLY I 68 11.87 32.39 24.07
C GLY I 68 12.22 33.77 23.57
N ALA I 69 11.71 34.80 24.24
CA ALA I 69 11.96 36.19 23.86
C ALA I 69 13.03 36.86 24.72
N GLU I 70 13.63 36.13 25.66
CA GLU I 70 14.66 36.66 26.54
C GLU I 70 16.00 36.02 26.19
N TYR I 71 17.02 36.84 25.99
CA TYR I 71 18.37 36.37 25.66
C TYR I 71 19.39 37.24 26.35
N THR I 72 20.55 36.65 26.64
CA THR I 72 21.63 37.36 27.31
C THR I 72 22.98 36.87 26.82
N LEU I 73 23.94 37.79 26.76
CA LEU I 73 25.31 37.52 26.37
C LEU I 73 26.19 37.87 27.56
N THR I 74 27.02 36.91 27.98
CA THR I 74 27.89 37.10 29.13
C THR I 74 29.34 36.81 28.81
N ILE I 75 30.21 37.50 29.54
CA ILE I 75 31.66 37.36 29.43
C ILE I 75 32.17 37.21 30.85
N LYS I 76 32.80 36.06 31.15
CA LYS I 76 33.29 35.81 32.50
C LYS I 76 34.61 36.50 32.79
N ASN I 77 35.38 36.90 31.77
CA ASN I 77 36.67 37.56 31.99
C ASN I 77 36.90 38.56 30.85
N MET I 78 36.61 39.82 31.14
CA MET I 78 36.80 40.87 30.15
C MET I 78 38.28 41.07 29.87
N GLN I 79 38.60 41.37 28.63
CA GLN I 79 39.93 41.64 28.14
C GLN I 79 39.93 43.01 27.47
N PRO I 80 41.11 43.64 27.31
CA PRO I 80 41.13 44.98 26.68
C PRO I 80 40.54 45.01 25.28
N GLU I 81 40.56 43.89 24.55
CA GLU I 81 40.01 43.84 23.20
C GLU I 81 38.51 43.57 23.16
N ASP I 82 37.88 43.32 24.31
CA ASP I 82 36.44 43.06 24.34
C ASP I 82 35.59 44.31 24.41
N PHE I 83 36.16 45.45 24.82
CA PHE I 83 35.40 46.69 24.92
C PHE I 83 35.02 47.14 23.52
N ALA I 84 33.75 47.00 23.17
CA ALA I 84 33.25 47.38 21.86
C ALA I 84 31.74 47.35 21.89
N THR I 85 31.14 47.68 20.75
CA THR I 85 29.67 47.68 20.66
C THR I 85 29.20 46.28 20.31
N TYR I 86 28.16 45.81 21.01
CA TYR I 86 27.59 44.49 20.79
C TYR I 86 26.13 44.62 20.36
N TYR I 87 25.79 43.98 19.25
CA TYR I 87 24.45 44.01 18.68
C TYR I 87 23.85 42.61 18.64
N CYS I 88 22.55 42.54 18.91
CA CYS I 88 21.79 41.31 18.87
C CYS I 88 20.80 41.39 17.72
N GLN I 89 20.85 40.40 16.84
CA GLN I 89 20.00 40.36 15.65
C GLN I 89 19.22 39.05 15.61
N GLN I 90 17.96 39.13 15.21
CA GLN I 90 17.11 37.94 15.09
C GLN I 90 16.92 37.57 13.63
N TYR I 91 16.63 36.29 13.41
CA TYR I 91 16.36 35.76 12.07
C TYR I 91 15.18 34.80 12.09
N TYR I 92 14.29 34.92 13.07
CA TYR I 92 13.13 34.04 13.15
C TYR I 92 12.16 34.32 12.01
N ASP I 93 11.93 35.59 11.71
CA ASP I 93 11.02 35.98 10.63
C ASP I 93 11.53 37.26 10.02
N ASN I 94 11.26 37.44 8.73
CA ASN I 94 11.71 38.62 8.03
C ASN I 94 10.82 39.82 8.39
N PRO I 95 11.35 41.05 8.30
CA PRO I 95 12.71 41.43 7.92
C PRO I 95 13.69 41.29 9.09
N LEU I 96 14.96 41.04 8.83
CA LEU I 96 15.93 40.91 9.90
C LEU I 96 16.10 42.25 10.61
N THR I 97 16.04 42.23 11.93
CA THR I 97 16.16 43.43 12.75
C THR I 97 17.28 43.28 13.76
N PHE I 98 18.03 44.36 13.96
CA PHE I 98 19.14 44.39 14.90
C PHE I 98 18.70 45.03 16.21
N GLY I 99 19.52 44.84 17.24
CA GLY I 99 19.22 45.43 18.52
C GLY I 99 19.72 46.87 18.61
N GLY I 100 19.32 47.55 19.67
CA GLY I 100 19.74 48.93 19.86
C GLY I 100 21.23 49.11 20.06
N GLY I 101 21.94 48.04 20.45
CA GLY I 101 23.35 48.11 20.69
C GLY I 101 23.69 48.60 22.09
N THR I 102 24.74 47.99 22.67
CA THR I 102 25.21 48.31 24.03
C THR I 102 26.71 48.52 23.97
N LYS I 103 27.20 49.71 24.32
CA LYS I 103 28.64 50.03 24.19
C LYS I 103 29.34 49.77 25.53
N VAL I 104 30.16 48.71 25.59
CA VAL I 104 30.94 48.41 26.82
C VAL I 104 32.18 49.30 26.71
N GLU I 105 32.54 50.01 27.79
CA GLU I 105 33.66 50.98 27.77
C GLU I 105 34.54 50.73 29.00
N ILE I 106 35.71 51.36 29.09
CA ILE I 106 36.56 51.25 30.31
C ILE I 106 35.90 52.07 31.42
N LYS I 107 35.99 51.62 32.67
CA LYS I 107 35.38 52.34 33.82
C LYS I 107 36.52 52.90 34.72
#